data_3E6A
#
_entry.id   3E6A
#
_cell.length_a   76.258
_cell.length_b   127.418
_cell.length_c   77.385
_cell.angle_alpha   90.00
_cell.angle_beta   118.05
_cell.angle_gamma   90.00
#
_symmetry.space_group_name_H-M   'P 1 21 1'
#
loop_
_entity.id
_entity.type
_entity.pdbx_description
1 polymer 'Glyceraldehyde-3-phosphate dehydrogenase, cytosolic'
2 non-polymer 'SULFATE ION'
3 water water
#
_entity_poly.entity_id   1
_entity_poly.type   'polypeptide(L)'
_entity_poly.pdbx_seq_one_letter_code
;GKIKIGINGFGRIGRLVARVALQSEDVELVAVNDPFITTDYMTYMFKYDTVHGQWKHSDIKIKDSKTLLLGEKPVTVFGI
RNPDEIPWAEAGAEYVVESTGVFTDKEKAAAHLKGGAKKVVISAPSKDAPMFVCGVNEDKYTSDIDIVSNASCTTNCLAP
LAKVIHDNFGIIEGLMTTVHAITATQKTVDGPSSKDWRGGRAASFNIIPSSTGAAKAVGKVLPDLNGKLTGMSFRVPTVD
VSVVDLTVRIEKAASYDAIKSAIKSASEGKLKGIIGYVEEDLVSTDFVGDSRSSIFDAKAGIALNDNFVKLVAWYDNEWG
YSNRVIDLIRHMAKTQ
;
_entity_poly.pdbx_strand_id   O,A,B,C
#
loop_
_chem_comp.id
_chem_comp.type
_chem_comp.name
_chem_comp.formula
SO4 non-polymer 'SULFATE ION' 'O4 S -2'
#
# COMPACT_ATOMS: atom_id res chain seq x y z
N GLY A 1 -17.82 -30.47 -28.03
CA GLY A 1 -19.23 -30.06 -27.93
C GLY A 1 -19.38 -28.80 -27.11
N LYS A 2 -18.52 -28.69 -26.09
CA LYS A 2 -18.50 -27.53 -25.20
C LYS A 2 -19.77 -27.28 -24.39
N ILE A 3 -19.60 -27.25 -23.08
CA ILE A 3 -20.67 -27.02 -22.12
C ILE A 3 -21.03 -25.54 -22.11
N LYS A 4 -22.21 -25.20 -22.60
CA LYS A 4 -22.63 -23.81 -22.62
C LYS A 4 -23.12 -23.33 -21.25
N ILE A 5 -22.39 -22.38 -20.68
CA ILE A 5 -22.73 -21.84 -19.37
C ILE A 5 -23.04 -20.36 -19.40
N GLY A 6 -23.70 -19.88 -18.36
CA GLY A 6 -24.05 -18.48 -18.27
C GLY A 6 -23.47 -17.85 -17.01
N ILE A 7 -22.63 -16.84 -17.19
CA ILE A 7 -22.02 -16.17 -16.07
C ILE A 7 -23.02 -15.13 -15.61
N ASN A 8 -23.45 -15.20 -14.36
CA ASN A 8 -24.36 -14.20 -13.82
C ASN A 8 -23.59 -13.44 -12.74
N GLY A 9 -23.47 -12.14 -12.93
CA GLY A 9 -22.71 -11.32 -12.01
C GLY A 9 -21.33 -11.25 -12.62
N PHE A 10 -20.94 -10.06 -13.07
CA PHE A 10 -19.64 -9.88 -13.72
C PHE A 10 -18.62 -9.26 -12.79
N GLY A 11 -18.41 -9.89 -11.64
CA GLY A 11 -17.44 -9.37 -10.68
C GLY A 11 -16.04 -9.83 -11.03
N ARG A 12 -15.23 -10.10 -9.99
CA ARG A 12 -13.86 -10.55 -10.18
C ARG A 12 -13.86 -12.01 -10.58
N ILE A 13 -14.32 -12.88 -9.68
CA ILE A 13 -14.40 -14.30 -10.00
C ILE A 13 -15.30 -14.36 -11.23
N GLY A 14 -16.36 -13.54 -11.19
CA GLY A 14 -17.31 -13.47 -12.29
C GLY A 14 -16.67 -13.29 -13.65
N ARG A 15 -15.67 -12.46 -13.79
CA ARG A 15 -15.01 -12.63 -15.08
C ARG A 15 -13.73 -13.35 -15.39
N LEU A 16 -13.21 -13.46 -14.16
CA LEU A 16 -12.10 -14.41 -14.23
C LEU A 16 -12.61 -15.78 -14.67
N VAL A 17 -13.78 -16.17 -14.18
CA VAL A 17 -14.34 -17.45 -14.59
C VAL A 17 -14.65 -17.31 -16.08
N ALA A 18 -14.89 -16.08 -16.51
CA ALA A 18 -15.18 -15.81 -17.91
C ALA A 18 -13.87 -16.05 -18.64
N ARG A 19 -12.86 -15.25 -18.31
CA ARG A 19 -11.55 -15.37 -18.93
C ARG A 19 -11.07 -16.82 -19.04
N VAL A 20 -11.39 -17.64 -18.05
CA VAL A 20 -10.98 -19.05 -18.05
C VAL A 20 -11.89 -19.89 -18.93
N ALA A 21 -13.04 -19.32 -19.28
CA ALA A 21 -13.99 -20.00 -20.13
C ALA A 21 -13.55 -19.77 -21.58
N LEU A 22 -13.72 -18.55 -22.07
CA LEU A 22 -13.32 -18.22 -23.44
C LEU A 22 -11.83 -18.36 -23.60
N GLN A 23 -11.38 -19.61 -23.61
CA GLN A 23 -9.97 -19.96 -23.75
C GLN A 23 -9.89 -21.44 -23.39
N SER A 24 -10.92 -22.19 -23.75
CA SER A 24 -10.96 -23.60 -23.43
C SER A 24 -11.45 -24.47 -24.59
N GLU A 25 -11.59 -25.77 -24.32
CA GLU A 25 -12.03 -26.75 -25.30
C GLU A 25 -13.39 -27.34 -24.94
N ASP A 26 -13.63 -27.55 -23.65
CA ASP A 26 -14.87 -28.16 -23.19
C ASP A 26 -15.96 -27.22 -22.63
N VAL A 27 -15.72 -25.91 -22.66
CA VAL A 27 -16.71 -24.95 -22.17
C VAL A 27 -16.77 -23.71 -23.05
N GLU A 28 -17.90 -23.02 -23.02
CA GLU A 28 -18.09 -21.83 -23.86
C GLU A 28 -19.06 -20.82 -23.24
N LEU A 29 -18.57 -19.60 -23.04
CA LEU A 29 -19.40 -18.54 -22.49
C LEU A 29 -20.28 -18.01 -23.59
N VAL A 30 -21.59 -17.95 -23.35
CA VAL A 30 -22.53 -17.46 -24.34
C VAL A 30 -23.37 -16.27 -23.85
N ALA A 31 -23.31 -15.99 -22.55
CA ALA A 31 -24.07 -14.89 -22.00
C ALA A 31 -23.68 -14.57 -20.57
N VAL A 32 -23.68 -13.28 -20.27
CA VAL A 32 -23.33 -12.75 -18.95
C VAL A 32 -24.38 -11.72 -18.56
N ASN A 33 -24.83 -11.74 -17.30
CA ASN A 33 -25.84 -10.79 -16.86
C ASN A 33 -25.56 -10.09 -15.54
N ASP A 34 -25.26 -8.80 -15.63
CA ASP A 34 -24.99 -7.97 -14.46
C ASP A 34 -25.49 -6.57 -14.84
N PRO A 35 -26.70 -6.23 -14.39
CA PRO A 35 -27.38 -4.95 -14.62
C PRO A 35 -26.57 -3.70 -14.28
N PHE A 36 -25.51 -3.87 -13.51
CA PHE A 36 -24.69 -2.73 -13.11
C PHE A 36 -23.52 -2.49 -14.04
N ILE A 37 -23.52 -3.17 -15.18
CA ILE A 37 -22.44 -3.02 -16.13
C ILE A 37 -22.95 -2.97 -17.56
N THR A 38 -22.95 -1.78 -18.14
CA THR A 38 -23.39 -1.64 -19.52
C THR A 38 -22.38 -2.42 -20.37
N THR A 39 -22.79 -2.83 -21.55
CA THR A 39 -21.89 -3.59 -22.41
C THR A 39 -20.67 -2.76 -22.71
N ASP A 40 -20.87 -1.49 -23.05
CA ASP A 40 -19.75 -0.61 -23.37
C ASP A 40 -18.77 -0.54 -22.21
N TYR A 41 -19.19 -1.03 -21.04
CA TYR A 41 -18.36 -1.03 -19.84
C TYR A 41 -17.90 -2.47 -19.64
N MET A 42 -18.81 -3.41 -19.88
CA MET A 42 -18.56 -4.82 -19.70
C MET A 42 -17.32 -5.28 -20.49
N THR A 43 -17.05 -4.64 -21.61
CA THR A 43 -15.88 -5.00 -22.39
C THR A 43 -14.67 -4.43 -21.64
N TYR A 44 -14.64 -3.11 -21.51
CA TYR A 44 -13.55 -2.43 -20.81
C TYR A 44 -13.19 -3.15 -19.52
N MET A 45 -14.20 -3.52 -18.76
CA MET A 45 -13.97 -4.22 -17.51
C MET A 45 -13.18 -5.48 -17.83
N PHE A 46 -13.79 -6.35 -18.62
CA PHE A 46 -13.19 -7.62 -19.00
C PHE A 46 -11.80 -7.47 -19.61
N LYS A 47 -11.65 -6.52 -20.52
CA LYS A 47 -10.38 -6.31 -21.19
C LYS A 47 -9.21 -5.96 -20.31
N TYR A 48 -9.37 -4.97 -19.44
CA TYR A 48 -8.28 -4.52 -18.58
C TYR A 48 -8.40 -4.93 -17.12
N ASP A 49 -7.28 -5.36 -16.54
CA ASP A 49 -7.28 -5.81 -15.16
C ASP A 49 -5.96 -5.45 -14.44
N THR A 50 -6.09 -4.95 -13.20
CA THR A 50 -4.95 -4.56 -12.38
C THR A 50 -4.08 -5.75 -12.01
N VAL A 51 -4.74 -6.90 -11.87
CA VAL A 51 -4.09 -8.14 -11.47
C VAL A 51 -3.78 -9.16 -12.58
N HIS A 52 -4.56 -9.18 -13.64
CA HIS A 52 -4.32 -10.16 -14.68
C HIS A 52 -4.08 -9.61 -16.07
N GLY A 53 -3.66 -8.35 -16.14
CA GLY A 53 -3.35 -7.70 -17.41
C GLY A 53 -4.43 -7.53 -18.47
N GLN A 54 -3.96 -7.26 -19.69
CA GLN A 54 -4.83 -7.05 -20.84
C GLN A 54 -5.20 -8.36 -21.53
N TRP A 55 -6.48 -8.56 -21.80
CA TRP A 55 -6.98 -9.78 -22.42
C TRP A 55 -6.20 -10.26 -23.65
N LYS A 56 -6.65 -9.82 -24.82
CA LYS A 56 -6.04 -10.17 -26.11
C LYS A 56 -5.71 -11.63 -26.43
N HIS A 57 -6.78 -12.38 -26.68
CA HIS A 57 -6.73 -13.79 -27.03
C HIS A 57 -7.95 -14.02 -27.91
N SER A 58 -8.55 -12.92 -28.42
CA SER A 58 -9.73 -13.05 -29.25
C SER A 58 -10.32 -11.75 -29.81
N ASP A 59 -9.88 -10.59 -29.31
CA ASP A 59 -10.42 -9.31 -29.78
C ASP A 59 -11.78 -9.10 -29.13
N ILE A 60 -12.17 -7.84 -28.91
CA ILE A 60 -13.45 -7.53 -28.26
C ILE A 60 -14.22 -6.43 -28.99
N LYS A 61 -15.20 -6.80 -29.81
CA LYS A 61 -16.00 -5.81 -30.52
C LYS A 61 -17.48 -6.00 -30.26
N ILE A 62 -18.15 -4.95 -29.78
CA ILE A 62 -19.57 -5.03 -29.48
C ILE A 62 -20.33 -5.16 -30.79
N LYS A 63 -21.18 -6.18 -30.90
CA LYS A 63 -21.98 -6.39 -32.10
C LYS A 63 -23.19 -5.48 -32.09
N ASP A 64 -24.21 -5.79 -31.29
CA ASP A 64 -25.36 -4.90 -31.25
C ASP A 64 -25.82 -4.52 -29.84
N SER A 65 -24.93 -3.82 -29.15
CA SER A 65 -25.16 -3.33 -27.79
C SER A 65 -26.26 -4.11 -27.09
N LYS A 66 -25.93 -5.36 -26.77
CA LYS A 66 -26.79 -6.31 -26.08
C LYS A 66 -26.26 -7.68 -26.43
N THR A 67 -25.17 -7.69 -27.19
CA THR A 67 -24.51 -8.92 -27.59
C THR A 67 -23.07 -8.92 -27.09
N LEU A 68 -22.10 -8.60 -27.96
CA LEU A 68 -20.66 -8.56 -27.61
C LEU A 68 -19.89 -9.63 -28.39
N LEU A 69 -19.64 -9.38 -29.67
CA LEU A 69 -18.91 -10.32 -30.50
C LEU A 69 -17.51 -10.53 -29.93
N LEU A 70 -17.40 -11.47 -29.00
CA LEU A 70 -16.13 -11.77 -28.35
C LEU A 70 -15.14 -12.40 -29.31
N GLY A 71 -14.84 -11.69 -30.39
CA GLY A 71 -13.91 -12.20 -31.38
C GLY A 71 -14.40 -13.53 -31.92
N GLU A 72 -15.16 -13.47 -33.00
CA GLU A 72 -15.72 -14.66 -33.65
C GLU A 72 -17.00 -15.19 -32.97
N LYS A 73 -16.88 -15.76 -31.78
CA LYS A 73 -18.05 -16.28 -31.06
C LYS A 73 -18.83 -15.16 -30.41
N PRO A 74 -20.16 -15.31 -30.32
CA PRO A 74 -21.03 -14.32 -29.70
C PRO A 74 -21.29 -14.60 -28.21
N VAL A 75 -21.62 -13.56 -27.47
CA VAL A 75 -21.90 -13.68 -26.04
C VAL A 75 -22.99 -12.69 -25.62
N THR A 76 -24.21 -13.18 -25.48
CA THR A 76 -25.34 -12.33 -25.11
C THR A 76 -25.14 -11.61 -23.78
N VAL A 77 -25.47 -10.32 -23.75
CA VAL A 77 -25.33 -9.53 -22.53
C VAL A 77 -26.68 -9.07 -21.97
N PHE A 78 -26.96 -9.45 -20.74
CA PHE A 78 -28.21 -9.10 -20.08
C PHE A 78 -28.05 -8.12 -18.92
N GLY A 79 -29.17 -7.53 -18.55
CA GLY A 79 -29.20 -6.58 -17.45
C GLY A 79 -30.47 -6.85 -16.66
N ILE A 80 -30.76 -8.14 -16.49
CA ILE A 80 -31.93 -8.58 -15.77
C ILE A 80 -31.52 -8.79 -14.31
N ARG A 81 -32.10 -8.01 -13.41
CA ARG A 81 -31.76 -8.11 -11.98
C ARG A 81 -32.26 -9.39 -11.34
N ASN A 82 -33.57 -9.61 -11.34
CA ASN A 82 -34.12 -10.82 -10.75
C ASN A 82 -33.67 -12.07 -11.51
N PRO A 83 -33.15 -13.08 -10.78
CA PRO A 83 -32.68 -14.34 -11.36
C PRO A 83 -33.80 -15.18 -11.97
N ASP A 84 -35.03 -14.94 -11.53
CA ASP A 84 -36.17 -15.68 -12.05
C ASP A 84 -36.55 -15.08 -13.40
N GLU A 85 -36.15 -13.84 -13.64
CA GLU A 85 -36.46 -13.15 -14.89
C GLU A 85 -35.46 -13.41 -16.02
N ILE A 86 -34.18 -13.39 -15.70
CA ILE A 86 -33.13 -13.64 -16.68
C ILE A 86 -33.57 -14.80 -17.57
N PRO A 87 -33.53 -14.61 -18.90
CA PRO A 87 -33.93 -15.68 -19.81
C PRO A 87 -32.71 -16.44 -20.29
N TRP A 88 -32.22 -17.36 -19.48
CA TRP A 88 -31.05 -18.14 -19.85
C TRP A 88 -31.31 -19.07 -21.01
N ALA A 89 -32.34 -19.89 -20.90
CA ALA A 89 -32.69 -20.84 -21.94
C ALA A 89 -32.67 -20.24 -23.33
N GLU A 90 -33.50 -19.23 -23.54
CA GLU A 90 -33.60 -18.58 -24.83
C GLU A 90 -32.24 -18.24 -25.45
N ALA A 91 -31.30 -17.80 -24.62
CA ALA A 91 -29.97 -17.47 -25.10
C ALA A 91 -29.22 -18.78 -25.34
N GLY A 92 -29.24 -19.67 -24.34
CA GLY A 92 -28.57 -20.95 -24.47
C GLY A 92 -27.49 -21.16 -23.42
N ALA A 93 -27.90 -21.53 -22.22
CA ALA A 93 -26.96 -21.77 -21.14
C ALA A 93 -27.40 -22.95 -20.28
N GLU A 94 -26.76 -24.10 -20.45
CA GLU A 94 -27.15 -25.25 -19.66
C GLU A 94 -26.80 -24.99 -18.20
N TYR A 95 -25.54 -24.64 -17.95
CA TYR A 95 -25.06 -24.38 -16.59
C TYR A 95 -24.88 -22.87 -16.33
N VAL A 96 -25.21 -22.41 -15.14
CA VAL A 96 -25.04 -20.99 -14.81
C VAL A 96 -24.14 -20.75 -13.60
N VAL A 97 -22.99 -20.15 -13.83
CA VAL A 97 -22.07 -19.86 -12.75
C VAL A 97 -22.71 -18.76 -11.91
N GLU A 98 -22.66 -18.92 -10.59
CA GLU A 98 -23.24 -17.95 -9.68
C GLU A 98 -22.22 -17.01 -9.09
N SER A 99 -21.73 -16.07 -9.88
CA SER A 99 -20.74 -15.14 -9.38
C SER A 99 -21.24 -13.74 -9.11
N THR A 100 -22.39 -13.62 -8.44
CA THR A 100 -22.93 -12.30 -8.12
C THR A 100 -22.78 -12.04 -6.64
N GLY A 101 -22.79 -13.11 -5.85
CA GLY A 101 -22.60 -12.98 -4.41
C GLY A 101 -23.78 -12.70 -3.49
N VAL A 102 -25.00 -12.61 -4.00
CA VAL A 102 -26.15 -12.34 -3.12
C VAL A 102 -27.23 -13.39 -3.23
N PHE A 103 -26.87 -14.60 -3.64
CA PHE A 103 -27.84 -15.67 -3.77
C PHE A 103 -27.17 -17.00 -3.43
N THR A 104 -26.79 -17.15 -2.16
CA THR A 104 -26.14 -18.35 -1.68
C THR A 104 -27.15 -19.39 -1.20
N ASP A 105 -28.36 -18.95 -0.86
CA ASP A 105 -29.38 -19.88 -0.39
C ASP A 105 -29.84 -20.73 -1.58
N LYS A 106 -29.83 -22.05 -1.41
CA LYS A 106 -30.21 -22.98 -2.48
C LYS A 106 -31.42 -22.52 -3.30
N GLU A 107 -32.24 -21.65 -2.73
CA GLU A 107 -33.42 -21.16 -3.43
C GLU A 107 -33.11 -19.90 -4.24
N LYS A 108 -32.54 -18.89 -3.59
CA LYS A 108 -32.21 -17.64 -4.26
C LYS A 108 -31.22 -17.87 -5.39
N ALA A 109 -30.65 -19.06 -5.44
CA ALA A 109 -29.69 -19.40 -6.49
C ALA A 109 -30.38 -20.39 -7.42
N ALA A 110 -31.59 -20.80 -7.06
CA ALA A 110 -32.37 -21.75 -7.86
C ALA A 110 -33.31 -21.01 -8.80
N ALA A 111 -33.43 -19.71 -8.61
CA ALA A 111 -34.29 -18.90 -9.46
C ALA A 111 -33.76 -18.90 -10.88
N HIS A 112 -32.61 -19.55 -11.09
CA HIS A 112 -32.00 -19.62 -12.40
C HIS A 112 -32.58 -20.73 -13.26
N LEU A 113 -33.29 -21.65 -12.63
CA LEU A 113 -33.91 -22.73 -13.37
C LEU A 113 -34.99 -22.11 -14.24
N LYS A 114 -35.89 -21.35 -13.61
CA LYS A 114 -37.00 -20.68 -14.29
C LYS A 114 -36.58 -20.18 -15.66
N GLY A 115 -35.78 -19.12 -15.66
CA GLY A 115 -35.31 -18.56 -16.91
C GLY A 115 -35.07 -19.67 -17.91
N GLY A 116 -34.50 -20.78 -17.43
CA GLY A 116 -34.23 -21.91 -18.31
C GLY A 116 -32.96 -22.67 -18.00
N ALA A 117 -32.15 -22.12 -17.09
CA ALA A 117 -30.89 -22.76 -16.73
C ALA A 117 -31.10 -24.18 -16.23
N LYS A 118 -30.38 -25.12 -16.84
CA LYS A 118 -30.47 -26.53 -16.47
C LYS A 118 -29.80 -26.79 -15.12
N LYS A 119 -28.51 -26.45 -15.06
CA LYS A 119 -27.71 -26.60 -13.86
C LYS A 119 -27.09 -25.26 -13.47
N VAL A 120 -27.05 -24.97 -12.18
CA VAL A 120 -26.47 -23.72 -11.72
C VAL A 120 -25.53 -23.97 -10.57
N VAL A 121 -24.25 -23.65 -10.78
CA VAL A 121 -23.23 -23.83 -9.76
C VAL A 121 -22.98 -22.54 -9.02
N ILE A 122 -23.34 -22.55 -7.74
CA ILE A 122 -23.17 -21.38 -6.89
C ILE A 122 -21.69 -21.26 -6.60
N SER A 123 -21.08 -20.14 -7.05
CA SER A 123 -19.64 -19.91 -6.85
C SER A 123 -19.31 -19.25 -5.53
N ALA A 124 -19.86 -19.79 -4.45
CA ALA A 124 -19.63 -19.29 -3.10
C ALA A 124 -20.18 -20.29 -2.10
N PRO A 125 -19.70 -20.24 -0.84
CA PRO A 125 -20.19 -21.18 0.15
C PRO A 125 -21.72 -21.19 0.12
N SER A 126 -22.34 -22.18 0.74
CA SER A 126 -23.80 -22.22 0.77
C SER A 126 -24.33 -22.61 2.15
N LYS A 127 -25.41 -21.94 2.56
CA LYS A 127 -26.03 -22.23 3.86
C LYS A 127 -26.79 -23.55 3.80
N ASP A 128 -27.10 -24.00 2.58
CA ASP A 128 -27.82 -25.24 2.36
C ASP A 128 -27.73 -25.73 0.91
N ALA A 129 -26.53 -25.74 0.35
CA ALA A 129 -26.34 -26.21 -1.01
C ALA A 129 -25.10 -27.10 -1.08
N PRO A 130 -25.22 -28.26 -1.74
CA PRO A 130 -24.11 -29.21 -1.87
C PRO A 130 -22.77 -28.57 -2.22
N MET A 131 -21.85 -28.60 -1.26
CA MET A 131 -20.53 -28.02 -1.46
C MET A 131 -19.58 -29.05 -2.07
N PHE A 132 -19.08 -28.76 -3.26
CA PHE A 132 -18.16 -29.66 -3.96
C PHE A 132 -16.76 -29.08 -4.17
N VAL A 133 -15.78 -29.66 -3.46
CA VAL A 133 -14.39 -29.23 -3.54
C VAL A 133 -13.59 -30.18 -4.40
N CYS A 134 -13.22 -29.72 -5.59
CA CYS A 134 -12.45 -30.52 -6.54
C CYS A 134 -11.27 -31.21 -5.89
N GLY A 135 -11.20 -32.52 -6.10
CA GLY A 135 -10.12 -33.32 -5.56
C GLY A 135 -10.40 -33.86 -4.18
N VAL A 136 -11.61 -33.64 -3.68
CA VAL A 136 -11.97 -34.10 -2.35
C VAL A 136 -13.32 -34.81 -2.28
N ASN A 137 -14.40 -34.12 -2.66
CA ASN A 137 -15.73 -34.73 -2.63
C ASN A 137 -16.53 -34.45 -3.90
N GLU A 138 -15.87 -33.98 -4.94
CA GLU A 138 -16.53 -33.71 -6.21
C GLU A 138 -16.85 -35.07 -6.80
N ASP A 139 -16.21 -36.08 -6.23
CA ASP A 139 -16.43 -37.46 -6.64
C ASP A 139 -17.84 -37.80 -6.19
N LYS A 140 -18.14 -37.46 -4.93
CA LYS A 140 -19.43 -37.73 -4.31
C LYS A 140 -20.55 -36.87 -4.89
N TYR A 141 -20.65 -36.83 -6.21
CA TYR A 141 -21.69 -36.05 -6.88
C TYR A 141 -22.63 -36.98 -7.64
N THR A 142 -23.87 -36.54 -7.78
CA THR A 142 -24.84 -37.33 -8.51
C THR A 142 -25.51 -36.42 -9.53
N SER A 143 -25.98 -37.00 -10.62
CA SER A 143 -26.62 -36.24 -11.67
C SER A 143 -27.73 -35.36 -11.14
N ASP A 144 -28.82 -35.99 -10.71
CA ASP A 144 -29.99 -35.30 -10.18
C ASP A 144 -29.71 -33.98 -9.45
N ILE A 145 -28.52 -33.80 -8.89
CA ILE A 145 -28.19 -32.55 -8.20
C ILE A 145 -28.29 -31.44 -9.25
N ASP A 146 -28.84 -30.29 -8.88
CA ASP A 146 -28.97 -29.17 -9.82
C ASP A 146 -28.47 -27.87 -9.22
N ILE A 147 -28.09 -27.91 -7.95
CA ILE A 147 -27.57 -26.73 -7.28
C ILE A 147 -26.40 -27.10 -6.38
N VAL A 148 -25.20 -26.68 -6.77
CA VAL A 148 -24.02 -26.98 -6.00
C VAL A 148 -23.26 -25.73 -5.62
N SER A 149 -22.60 -25.79 -4.47
CA SER A 149 -21.80 -24.69 -3.95
C SER A 149 -20.36 -25.11 -4.17
N ASN A 150 -19.59 -24.27 -4.83
CA ASN A 150 -18.21 -24.60 -5.10
C ASN A 150 -17.28 -24.13 -4.00
N ALA A 151 -17.80 -24.09 -2.78
CA ALA A 151 -17.00 -23.68 -1.63
C ALA A 151 -16.49 -22.26 -1.77
N SER A 152 -15.47 -21.99 -0.95
CA SER A 152 -14.84 -20.67 -0.90
C SER A 152 -13.38 -20.60 -1.40
N CYS A 153 -13.03 -19.46 -1.99
CA CYS A 153 -11.69 -19.24 -2.52
C CYS A 153 -10.72 -20.00 -1.63
N THR A 154 -10.95 -19.92 -0.33
CA THR A 154 -10.11 -20.64 0.63
C THR A 154 -10.36 -22.12 0.50
N THR A 155 -11.31 -22.62 1.31
CA THR A 155 -11.68 -24.03 1.37
C THR A 155 -11.07 -24.92 0.29
N ASN A 156 -11.16 -24.56 -0.98
CA ASN A 156 -10.61 -25.37 -2.03
C ASN A 156 -9.11 -25.53 -1.85
N CYS A 157 -8.56 -24.84 -0.85
CA CYS A 157 -7.15 -24.90 -0.55
C CYS A 157 -6.95 -25.78 0.68
N LEU A 158 -7.62 -25.41 1.77
CA LEU A 158 -7.55 -26.12 3.06
C LEU A 158 -7.98 -27.57 2.96
N ALA A 159 -9.06 -27.81 2.22
CA ALA A 159 -9.57 -29.16 2.06
C ALA A 159 -8.57 -30.11 1.39
N PRO A 160 -8.11 -29.79 0.16
CA PRO A 160 -7.15 -30.68 -0.50
C PRO A 160 -5.96 -30.92 0.41
N LEU A 161 -5.52 -29.86 1.07
CA LEU A 161 -4.39 -29.91 1.99
C LEU A 161 -4.72 -30.85 3.14
N ALA A 162 -5.92 -30.70 3.70
CA ALA A 162 -6.37 -31.52 4.80
C ALA A 162 -6.55 -32.97 4.38
N LYS A 163 -7.05 -33.18 3.17
CA LYS A 163 -7.25 -34.53 2.67
C LYS A 163 -5.92 -35.24 2.47
N VAL A 164 -4.88 -34.46 2.21
CA VAL A 164 -3.54 -35.02 2.01
C VAL A 164 -2.97 -35.49 3.34
N ILE A 165 -2.70 -34.52 4.21
CA ILE A 165 -2.15 -34.78 5.53
C ILE A 165 -2.98 -35.79 6.31
N HIS A 166 -4.29 -35.67 6.19
CA HIS A 166 -5.18 -36.58 6.91
C HIS A 166 -5.09 -38.02 6.42
N ASP A 167 -5.36 -38.25 5.13
CA ASP A 167 -5.31 -39.61 4.58
C ASP A 167 -3.98 -40.29 4.86
N ASN A 168 -2.95 -39.48 5.13
CA ASN A 168 -1.63 -40.01 5.43
C ASN A 168 -1.33 -40.06 6.92
N PHE A 169 -1.57 -38.96 7.63
CA PHE A 169 -1.28 -38.93 9.06
C PHE A 169 -2.45 -38.67 10.03
N GLY A 170 -3.68 -38.62 9.51
CA GLY A 170 -4.85 -38.40 10.36
C GLY A 170 -4.80 -37.23 11.33
N ILE A 171 -5.54 -36.18 10.99
CA ILE A 171 -5.59 -34.96 11.81
C ILE A 171 -6.37 -35.16 13.09
N ILE A 172 -5.72 -35.01 14.23
CA ILE A 172 -6.41 -35.15 15.52
C ILE A 172 -7.33 -33.94 15.67
N GLU A 173 -6.73 -32.79 15.95
CA GLU A 173 -7.45 -31.54 16.11
C GLU A 173 -6.52 -30.53 15.47
N GLY A 174 -7.05 -29.41 15.00
CA GLY A 174 -6.17 -28.44 14.36
C GLY A 174 -6.73 -27.08 14.01
N LEU A 175 -5.96 -26.05 14.35
CA LEU A 175 -6.36 -24.68 14.08
C LEU A 175 -5.69 -24.13 12.82
N MET A 176 -6.48 -23.42 12.02
CA MET A 176 -6.02 -22.84 10.77
C MET A 176 -6.24 -21.33 10.74
N THR A 177 -5.31 -20.63 10.13
CA THR A 177 -5.40 -19.19 10.03
C THR A 177 -4.89 -18.80 8.65
N THR A 178 -5.68 -18.03 7.92
CA THR A 178 -5.30 -17.64 6.57
C THR A 178 -5.09 -16.14 6.35
N VAL A 179 -3.91 -15.79 5.88
CA VAL A 179 -3.56 -14.40 5.61
C VAL A 179 -4.09 -14.05 4.22
N HIS A 180 -5.35 -13.64 4.18
CA HIS A 180 -6.05 -13.31 2.94
C HIS A 180 -5.80 -11.86 2.48
N ALA A 181 -5.87 -11.63 1.17
CA ALA A 181 -5.68 -10.28 0.64
C ALA A 181 -7.03 -9.60 0.85
N ILE A 182 -7.32 -8.55 0.09
CA ILE A 182 -8.60 -7.85 0.24
C ILE A 182 -9.48 -7.98 -1.00
N THR A 183 -10.78 -8.19 -0.81
CA THR A 183 -11.70 -8.35 -1.93
C THR A 183 -12.59 -7.12 -2.11
N ALA A 184 -13.70 -7.29 -2.83
CA ALA A 184 -14.61 -6.20 -3.10
C ALA A 184 -15.56 -5.87 -1.96
N THR A 185 -15.36 -6.49 -0.81
CA THR A 185 -16.22 -6.24 0.34
C THR A 185 -15.58 -5.40 1.43
N GLN A 186 -14.39 -4.90 1.16
CA GLN A 186 -13.68 -4.06 2.12
C GLN A 186 -13.67 -2.62 1.64
N LYS A 187 -13.72 -1.68 2.57
CA LYS A 187 -13.71 -0.27 2.19
C LYS A 187 -12.28 0.09 1.88
N THR A 188 -12.04 1.37 1.59
CA THR A 188 -10.70 1.85 1.31
C THR A 188 -10.37 2.77 2.47
N VAL A 189 -11.42 3.15 3.21
CA VAL A 189 -11.29 4.01 4.38
C VAL A 189 -12.37 3.58 5.40
N ASP A 190 -12.11 3.77 6.69
CA ASP A 190 -13.07 3.37 7.73
C ASP A 190 -14.44 3.92 7.45
N GLY A 191 -15.25 3.00 7.00
CA GLY A 191 -16.62 3.26 6.60
C GLY A 191 -17.58 2.41 7.38
N PRO A 192 -18.85 2.37 6.95
CA PRO A 192 -19.88 1.60 7.66
C PRO A 192 -19.89 0.14 7.22
N SER A 193 -20.12 -0.76 8.19
CA SER A 193 -20.20 -2.19 7.94
C SER A 193 -20.94 -2.82 9.11
N SER A 194 -22.21 -3.14 8.91
CA SER A 194 -23.04 -3.72 9.96
C SER A 194 -22.58 -5.13 10.21
N LYS A 195 -21.96 -6.04 9.33
CA LYS A 195 -21.57 -7.45 9.51
C LYS A 195 -20.18 -7.62 10.12
N ASP A 196 -19.19 -7.07 9.45
CA ASP A 196 -17.80 -7.16 9.89
C ASP A 196 -17.37 -5.78 10.41
N TRP A 197 -17.82 -5.44 11.61
CA TRP A 197 -17.47 -4.16 12.23
C TRP A 197 -16.04 -3.76 11.88
N ARG A 198 -15.12 -4.68 12.01
CA ARG A 198 -13.71 -4.46 11.73
C ARG A 198 -13.37 -4.32 10.24
N GLY A 199 -14.02 -5.13 9.40
CA GLY A 199 -13.77 -5.06 7.97
C GLY A 199 -14.18 -3.72 7.36
N GLY A 200 -14.92 -2.95 8.15
CA GLY A 200 -15.37 -1.65 7.70
C GLY A 200 -14.35 -0.58 7.96
N ARG A 201 -13.08 -0.97 7.96
CA ARG A 201 -11.98 -0.04 8.18
C ARG A 201 -11.15 -0.05 6.90
N ALA A 202 -10.30 0.95 6.72
CA ALA A 202 -9.44 1.03 5.53
C ALA A 202 -8.79 -0.33 5.36
N ALA A 203 -9.06 -0.98 4.23
CA ALA A 203 -8.50 -2.31 3.98
C ALA A 203 -7.05 -2.29 3.49
N SER A 204 -6.61 -1.15 2.99
CA SER A 204 -5.25 -1.03 2.48
C SER A 204 -4.24 -0.49 3.49
N PHE A 205 -4.67 -0.22 4.73
CA PHE A 205 -3.77 0.32 5.74
C PHE A 205 -3.89 -0.38 7.10
N ASN A 206 -4.34 -1.63 7.11
CA ASN A 206 -4.48 -2.33 8.37
C ASN A 206 -4.41 -3.84 8.23
N ILE A 207 -4.52 -4.50 9.38
CA ILE A 207 -4.55 -5.95 9.46
C ILE A 207 -5.90 -6.14 10.11
N ILE A 208 -6.76 -6.97 9.52
CA ILE A 208 -8.08 -7.17 10.09
C ILE A 208 -8.44 -8.65 10.28
N PRO A 209 -8.77 -9.04 11.52
CA PRO A 209 -9.14 -10.41 11.91
C PRO A 209 -10.56 -10.86 11.52
N SER A 210 -10.83 -10.97 10.22
CA SER A 210 -12.14 -11.40 9.75
C SER A 210 -12.32 -12.91 9.96
N SER A 211 -13.31 -13.28 10.77
CA SER A 211 -13.61 -14.69 11.05
C SER A 211 -13.92 -15.49 9.80
N THR A 212 -13.71 -16.80 9.89
CA THR A 212 -13.97 -17.66 8.76
C THR A 212 -14.87 -18.84 9.11
N GLY A 213 -15.18 -19.63 8.11
CA GLY A 213 -16.02 -20.79 8.29
C GLY A 213 -15.44 -21.94 7.48
N ALA A 214 -14.47 -21.59 6.63
CA ALA A 214 -13.79 -22.54 5.77
C ALA A 214 -13.51 -23.92 6.38
N ALA A 215 -13.01 -23.92 7.61
CA ALA A 215 -12.67 -25.16 8.31
C ALA A 215 -13.91 -25.83 8.85
N LYS A 216 -14.80 -25.04 9.42
CA LYS A 216 -16.03 -25.59 9.94
C LYS A 216 -16.72 -26.15 8.72
N ALA A 217 -16.28 -25.68 7.56
CA ALA A 217 -16.80 -26.10 6.26
C ALA A 217 -16.18 -27.43 5.82
N VAL A 218 -14.88 -27.58 6.05
CA VAL A 218 -14.20 -28.81 5.68
C VAL A 218 -14.96 -30.00 6.28
N GLY A 219 -15.85 -29.70 7.23
CA GLY A 219 -16.65 -30.73 7.85
C GLY A 219 -17.63 -31.28 6.83
N LYS A 220 -17.88 -30.50 5.79
CA LYS A 220 -18.79 -30.90 4.71
C LYS A 220 -18.06 -31.84 3.77
N VAL A 221 -17.03 -31.33 3.09
CA VAL A 221 -16.26 -32.14 2.17
C VAL A 221 -15.70 -33.37 2.88
N LEU A 222 -14.80 -33.17 3.83
CA LEU A 222 -14.23 -34.28 4.60
C LEU A 222 -15.10 -34.43 5.86
N PRO A 223 -15.79 -35.57 6.01
CA PRO A 223 -16.63 -35.76 7.19
C PRO A 223 -15.78 -35.89 8.44
N ASP A 224 -14.93 -36.91 8.45
CA ASP A 224 -14.07 -37.18 9.59
C ASP A 224 -13.47 -35.92 10.21
N LEU A 225 -13.10 -34.95 9.38
CA LEU A 225 -12.49 -33.71 9.87
C LEU A 225 -13.51 -32.77 10.50
N ASN A 226 -14.79 -33.04 10.28
CA ASN A 226 -15.87 -32.23 10.84
C ASN A 226 -15.73 -32.11 12.35
N GLY A 227 -15.26 -30.95 12.81
CA GLY A 227 -15.10 -30.74 14.24
C GLY A 227 -13.66 -30.71 14.68
N LYS A 228 -12.81 -31.37 13.92
CA LYS A 228 -11.40 -31.41 14.24
C LYS A 228 -10.75 -30.10 13.85
N LEU A 229 -11.42 -29.34 12.98
CA LEU A 229 -10.86 -28.08 12.52
C LEU A 229 -11.78 -26.86 12.66
N THR A 230 -11.15 -25.68 12.59
CA THR A 230 -11.80 -24.38 12.69
C THR A 230 -10.80 -23.32 12.25
N GLY A 231 -10.75 -22.18 12.95
CA GLY A 231 -9.79 -21.17 12.57
C GLY A 231 -10.30 -19.75 12.43
N MET A 232 -9.59 -18.97 11.61
CA MET A 232 -9.94 -17.57 11.39
C MET A 232 -9.31 -17.03 10.12
N SER A 233 -9.03 -15.72 10.12
CA SER A 233 -8.44 -15.07 8.97
C SER A 233 -7.86 -13.70 9.32
N PHE A 234 -6.94 -13.24 8.50
CA PHE A 234 -6.30 -11.93 8.67
C PHE A 234 -6.26 -11.27 7.30
N ARG A 235 -7.11 -10.26 7.11
CA ARG A 235 -7.12 -9.54 5.83
C ARG A 235 -5.91 -8.62 5.83
N VAL A 236 -5.34 -8.39 4.65
CA VAL A 236 -4.17 -7.53 4.55
C VAL A 236 -4.16 -6.67 3.30
N PRO A 237 -3.33 -5.62 3.30
CA PRO A 237 -3.20 -4.68 2.18
C PRO A 237 -2.74 -5.22 0.83
N THR A 238 -2.72 -6.53 0.65
CA THR A 238 -2.31 -7.09 -0.64
C THR A 238 -3.52 -7.20 -1.54
N VAL A 239 -3.33 -6.97 -2.84
CA VAL A 239 -4.42 -7.04 -3.80
C VAL A 239 -4.92 -8.44 -4.11
N ASP A 240 -4.06 -9.29 -4.67
CA ASP A 240 -4.46 -10.65 -5.00
C ASP A 240 -3.57 -11.63 -4.26
N VAL A 241 -3.82 -12.92 -4.47
CA VAL A 241 -3.05 -13.97 -3.80
C VAL A 241 -3.45 -14.03 -2.33
N SER A 242 -3.32 -15.21 -1.73
CA SER A 242 -3.67 -15.39 -0.35
C SER A 242 -2.96 -16.64 0.15
N VAL A 243 -2.98 -16.87 1.46
CA VAL A 243 -2.29 -18.05 1.99
C VAL A 243 -2.89 -18.69 3.23
N VAL A 244 -3.09 -20.01 3.15
CA VAL A 244 -3.62 -20.78 4.27
C VAL A 244 -2.45 -21.02 5.21
N ASP A 245 -2.75 -21.52 6.40
CA ASP A 245 -1.73 -21.79 7.39
C ASP A 245 -2.36 -22.78 8.37
N LEU A 246 -2.41 -24.05 7.97
CA LEU A 246 -3.01 -25.06 8.83
C LEU A 246 -2.03 -25.60 9.86
N THR A 247 -2.40 -25.54 11.13
CA THR A 247 -1.56 -26.08 12.19
C THR A 247 -2.33 -27.26 12.75
N VAL A 248 -1.77 -28.45 12.61
CA VAL A 248 -2.45 -29.65 13.07
C VAL A 248 -1.59 -30.57 13.90
N ARG A 249 -2.26 -31.32 14.77
CA ARG A 249 -1.60 -32.31 15.61
C ARG A 249 -2.01 -33.63 15.01
N ILE A 250 -1.24 -34.08 14.02
CA ILE A 250 -1.50 -35.33 13.33
C ILE A 250 -1.40 -36.51 14.31
N GLU A 251 -2.10 -37.60 14.03
CA GLU A 251 -2.06 -38.75 14.93
C GLU A 251 -1.14 -39.89 14.49
N LYS A 252 -0.21 -39.59 13.60
CA LYS A 252 0.76 -40.58 13.11
C LYS A 252 2.15 -39.94 13.07
N ALA A 253 2.90 -40.08 14.17
CA ALA A 253 4.24 -39.51 14.27
C ALA A 253 5.06 -39.56 12.98
N ALA A 254 5.41 -38.37 12.47
CA ALA A 254 6.22 -38.26 11.26
C ALA A 254 6.92 -36.89 11.23
N SER A 255 8.05 -36.82 10.52
CA SER A 255 8.79 -35.57 10.46
C SER A 255 8.29 -34.66 9.36
N TYR A 256 8.90 -33.49 9.28
CA TYR A 256 8.55 -32.49 8.28
C TYR A 256 8.92 -32.97 6.89
N ASP A 257 10.11 -33.54 6.77
CA ASP A 257 10.60 -34.05 5.48
C ASP A 257 9.69 -35.15 4.96
N ALA A 258 8.86 -35.72 5.83
CA ALA A 258 7.95 -36.79 5.43
C ALA A 258 6.59 -36.24 5.03
N ILE A 259 6.21 -35.15 5.66
CA ILE A 259 4.93 -34.52 5.37
C ILE A 259 5.08 -33.77 4.06
N LYS A 260 6.29 -33.30 3.79
CA LYS A 260 6.56 -32.57 2.55
C LYS A 260 6.51 -33.52 1.37
N SER A 261 7.19 -34.65 1.48
CA SER A 261 7.18 -35.62 0.42
C SER A 261 5.76 -36.09 0.18
N ALA A 262 4.93 -35.98 1.22
CA ALA A 262 3.53 -36.39 1.11
C ALA A 262 2.78 -35.52 0.12
N ILE A 263 2.66 -34.23 0.42
CA ILE A 263 1.97 -33.31 -0.46
C ILE A 263 2.52 -33.49 -1.86
N LYS A 264 3.85 -33.47 -1.97
CA LYS A 264 4.54 -33.61 -3.24
C LYS A 264 4.02 -34.79 -4.04
N SER A 265 4.24 -36.01 -3.54
CA SER A 265 3.78 -37.20 -4.22
C SER A 265 2.27 -37.11 -4.46
N ALA A 266 1.63 -36.20 -3.73
CA ALA A 266 0.18 -36.00 -3.87
C ALA A 266 -0.07 -34.92 -4.92
N SER A 267 0.94 -34.09 -5.15
CA SER A 267 0.84 -33.01 -6.12
C SER A 267 1.20 -33.58 -7.49
N GLU A 268 1.88 -34.72 -7.49
CA GLU A 268 2.25 -35.38 -8.73
C GLU A 268 1.31 -36.56 -8.87
N GLY A 269 0.36 -36.65 -7.95
CA GLY A 269 -0.60 -37.75 -7.96
C GLY A 269 -2.00 -37.36 -8.42
N LYS A 270 -3.00 -38.07 -7.89
CA LYS A 270 -4.39 -37.82 -8.23
C LYS A 270 -4.69 -36.33 -8.08
N LEU A 271 -4.12 -35.73 -7.04
CA LEU A 271 -4.33 -34.32 -6.75
C LEU A 271 -3.46 -33.44 -7.64
N LYS A 272 -2.76 -34.03 -8.60
CA LYS A 272 -1.92 -33.23 -9.48
C LYS A 272 -2.78 -32.21 -10.17
N GLY A 273 -2.48 -30.93 -9.97
CA GLY A 273 -3.26 -29.88 -10.60
C GLY A 273 -4.13 -29.10 -9.62
N ILE A 274 -4.48 -29.74 -8.51
CA ILE A 274 -5.30 -29.10 -7.47
C ILE A 274 -4.36 -28.62 -6.37
N ILE A 275 -3.57 -29.53 -5.81
CA ILE A 275 -2.61 -29.18 -4.77
C ILE A 275 -1.20 -29.15 -5.36
N GLY A 276 -0.55 -28.01 -5.28
CA GLY A 276 0.79 -27.87 -5.84
C GLY A 276 1.89 -27.98 -4.81
N TYR A 277 3.11 -28.21 -5.29
CA TYR A 277 4.26 -28.33 -4.42
C TYR A 277 5.34 -27.35 -4.86
N VAL A 278 5.89 -26.63 -3.88
CA VAL A 278 6.93 -25.64 -4.15
C VAL A 278 7.92 -25.52 -3.00
N GLU A 279 9.20 -25.68 -3.31
CA GLU A 279 10.25 -25.55 -2.31
C GLU A 279 11.23 -24.47 -2.77
N GLU A 280 10.77 -23.22 -2.74
CA GLU A 280 11.59 -22.08 -3.15
C GLU A 280 11.15 -20.75 -2.56
N ASP A 281 12.11 -19.99 -2.05
CA ASP A 281 11.84 -18.70 -1.45
C ASP A 281 11.01 -17.79 -2.36
N LEU A 282 9.70 -17.85 -2.19
CA LEU A 282 8.77 -17.06 -3.00
C LEU A 282 8.01 -16.03 -2.17
N VAL A 283 7.20 -15.22 -2.84
CA VAL A 283 6.40 -14.19 -2.19
C VAL A 283 5.11 -13.97 -2.97
N SER A 284 4.01 -13.79 -2.24
CA SER A 284 2.68 -13.60 -2.82
C SER A 284 2.56 -13.39 -4.34
N THR A 285 3.20 -12.37 -4.88
CA THR A 285 3.09 -12.09 -6.32
C THR A 285 3.40 -13.30 -7.21
N ASP A 286 4.45 -14.03 -6.89
CA ASP A 286 4.85 -15.18 -7.69
C ASP A 286 3.80 -16.28 -7.85
N PHE A 287 2.63 -16.08 -7.27
CA PHE A 287 1.57 -17.07 -7.40
C PHE A 287 0.40 -16.46 -8.13
N VAL A 288 0.52 -15.18 -8.46
CA VAL A 288 -0.53 -14.50 -9.20
C VAL A 288 -0.60 -15.15 -10.57
N GLY A 289 -1.66 -15.92 -10.80
CA GLY A 289 -1.83 -16.60 -12.07
C GLY A 289 -1.81 -18.11 -11.94
N ASP A 290 -1.63 -18.58 -10.71
CA ASP A 290 -1.57 -20.01 -10.40
C ASP A 290 -2.94 -20.68 -10.50
N SER A 291 -3.05 -21.62 -11.44
CA SER A 291 -4.30 -22.33 -11.65
C SER A 291 -4.57 -23.43 -10.63
N ARG A 292 -3.75 -23.51 -9.59
CA ARG A 292 -3.92 -24.53 -8.56
C ARG A 292 -4.71 -24.05 -7.35
N SER A 293 -5.42 -24.97 -6.73
CA SER A 293 -6.21 -24.66 -5.55
C SER A 293 -5.30 -24.31 -4.40
N SER A 294 -4.40 -25.24 -4.07
CA SER A 294 -3.45 -25.04 -2.99
C SER A 294 -2.01 -25.31 -3.37
N ILE A 295 -1.14 -24.37 -3.02
CA ILE A 295 0.29 -24.50 -3.29
C ILE A 295 0.95 -24.81 -1.96
N PHE A 296 1.91 -25.72 -1.95
CA PHE A 296 2.58 -26.06 -0.70
C PHE A 296 3.97 -25.46 -0.63
N ASP A 297 4.15 -24.53 0.31
CA ASP A 297 5.43 -23.89 0.52
C ASP A 297 6.13 -24.75 1.57
N ALA A 298 6.98 -25.65 1.13
CA ALA A 298 7.68 -26.54 2.04
C ALA A 298 8.75 -25.86 2.87
N LYS A 299 9.12 -24.63 2.50
CA LYS A 299 10.15 -23.90 3.23
C LYS A 299 9.56 -22.95 4.25
N ALA A 300 8.36 -22.45 3.95
CA ALA A 300 7.66 -21.52 4.83
C ALA A 300 7.17 -22.23 6.07
N GLY A 301 6.75 -23.48 5.91
CA GLY A 301 6.26 -24.25 7.04
C GLY A 301 7.29 -24.44 8.14
N ILE A 302 6.85 -25.02 9.25
CA ILE A 302 7.71 -25.28 10.40
C ILE A 302 7.07 -26.45 11.17
N ALA A 303 7.90 -27.24 11.85
CA ALA A 303 7.38 -28.36 12.62
C ALA A 303 8.05 -28.44 13.99
N LEU A 304 7.26 -28.50 15.05
CA LEU A 304 7.84 -28.57 16.38
C LEU A 304 8.24 -30.01 16.69
N ASN A 305 7.55 -30.96 16.08
CA ASN A 305 7.83 -32.37 16.29
C ASN A 305 6.96 -33.25 15.40
N ASP A 306 7.09 -34.56 15.56
CA ASP A 306 6.35 -35.52 14.75
C ASP A 306 4.90 -35.68 15.16
N ASN A 307 4.37 -34.75 15.94
CA ASN A 307 2.98 -34.84 16.38
C ASN A 307 2.29 -33.50 16.42
N PHE A 308 3.03 -32.45 16.08
CA PHE A 308 2.51 -31.09 16.09
C PHE A 308 3.27 -30.29 15.05
N VAL A 309 2.56 -29.84 14.02
CA VAL A 309 3.21 -29.09 12.96
C VAL A 309 2.35 -27.95 12.43
N LYS A 310 2.98 -27.08 11.64
CA LYS A 310 2.34 -25.92 11.03
C LYS A 310 2.69 -25.93 9.55
N LEU A 311 1.67 -25.99 8.69
CA LEU A 311 1.88 -26.01 7.25
C LEU A 311 1.27 -24.80 6.55
N VAL A 312 2.07 -24.21 5.66
CA VAL A 312 1.66 -23.05 4.88
C VAL A 312 1.39 -23.42 3.43
N ALA A 313 0.21 -23.05 2.92
CA ALA A 313 -0.18 -23.36 1.55
C ALA A 313 -0.71 -22.12 0.85
N TRP A 314 -0.05 -21.73 -0.24
CA TRP A 314 -0.45 -20.56 -1.01
C TRP A 314 -1.68 -20.82 -1.83
N TYR A 315 -2.26 -19.75 -2.38
CA TYR A 315 -3.43 -19.90 -3.22
C TYR A 315 -4.00 -18.59 -3.69
N ASP A 316 -4.14 -18.48 -5.00
CA ASP A 316 -4.70 -17.28 -5.61
C ASP A 316 -6.20 -17.33 -5.35
N ASN A 317 -6.69 -16.49 -4.44
CA ASN A 317 -8.11 -16.50 -4.16
C ASN A 317 -8.93 -16.32 -5.43
N GLU A 318 -8.45 -15.49 -6.35
CA GLU A 318 -9.18 -15.23 -7.61
C GLU A 318 -8.99 -16.25 -8.74
N TRP A 319 -7.77 -16.36 -9.25
CA TRP A 319 -7.46 -17.26 -10.35
C TRP A 319 -7.76 -18.72 -10.03
N GLY A 320 -7.10 -19.26 -9.00
CA GLY A 320 -7.31 -20.65 -8.63
C GLY A 320 -8.78 -21.01 -8.48
N TYR A 321 -9.52 -20.20 -7.73
CA TYR A 321 -10.93 -20.47 -7.52
C TYR A 321 -11.71 -20.45 -8.83
N SER A 322 -11.41 -19.46 -9.66
CA SER A 322 -12.06 -19.31 -10.96
C SER A 322 -11.85 -20.53 -11.85
N ASN A 323 -10.76 -21.25 -11.61
CA ASN A 323 -10.48 -22.45 -12.39
C ASN A 323 -11.34 -23.55 -11.78
N ARG A 324 -11.44 -23.52 -10.45
CA ARG A 324 -12.23 -24.52 -9.75
C ARG A 324 -13.68 -24.40 -10.16
N VAL A 325 -14.06 -23.24 -10.69
CA VAL A 325 -15.43 -23.02 -11.13
C VAL A 325 -15.71 -23.86 -12.39
N ILE A 326 -14.98 -23.59 -13.47
CA ILE A 326 -15.16 -24.33 -14.73
C ILE A 326 -14.84 -25.81 -14.55
N ASP A 327 -13.69 -26.09 -13.92
CA ASP A 327 -13.28 -27.46 -13.70
C ASP A 327 -14.40 -28.30 -13.12
N LEU A 328 -15.31 -27.70 -12.36
CA LEU A 328 -16.42 -28.44 -11.78
C LEU A 328 -17.49 -28.68 -12.85
N ILE A 329 -17.80 -27.65 -13.64
CA ILE A 329 -18.79 -27.83 -14.69
C ILE A 329 -18.28 -28.95 -15.59
N ARG A 330 -16.95 -29.00 -15.75
CA ARG A 330 -16.31 -30.03 -16.55
C ARG A 330 -16.60 -31.42 -15.98
N HIS A 331 -16.83 -31.46 -14.67
CA HIS A 331 -17.13 -32.71 -13.97
C HIS A 331 -18.62 -32.98 -13.98
N MET A 332 -19.41 -31.93 -13.76
CA MET A 332 -20.86 -32.06 -13.74
C MET A 332 -21.43 -32.36 -15.12
N ALA A 333 -20.57 -32.27 -16.13
CA ALA A 333 -21.01 -32.54 -17.50
C ALA A 333 -20.53 -33.91 -17.98
N LYS A 334 -19.56 -34.48 -17.27
CA LYS A 334 -19.04 -35.80 -17.63
C LYS A 334 -19.81 -36.85 -16.84
N THR A 335 -20.75 -36.39 -16.03
CA THR A 335 -21.56 -37.29 -15.22
C THR A 335 -22.93 -37.56 -15.84
N LYS B 2 23.54 -11.04 -32.90
CA LYS B 2 24.90 -10.89 -33.47
C LYS B 2 25.67 -9.82 -32.71
N ILE B 3 24.95 -8.97 -31.97
CA ILE B 3 25.57 -7.91 -31.16
C ILE B 3 25.71 -8.40 -29.73
N LYS B 4 26.92 -8.72 -29.31
CA LYS B 4 27.15 -9.20 -27.94
C LYS B 4 27.31 -8.02 -26.98
N ILE B 5 26.76 -8.16 -25.78
CA ILE B 5 26.82 -7.08 -24.80
C ILE B 5 27.04 -7.56 -23.38
N GLY B 6 27.15 -6.62 -22.45
CA GLY B 6 27.37 -6.97 -21.06
C GLY B 6 26.77 -5.96 -20.12
N ILE B 7 26.25 -6.43 -18.98
CA ILE B 7 25.64 -5.57 -17.98
C ILE B 7 26.36 -5.61 -16.63
N ASN B 8 26.68 -4.44 -16.10
CA ASN B 8 27.32 -4.34 -14.80
C ASN B 8 26.20 -3.97 -13.83
N GLY B 9 26.14 -4.67 -12.69
CA GLY B 9 25.07 -4.42 -11.75
C GLY B 9 23.83 -5.03 -12.35
N PHE B 10 23.23 -5.99 -11.65
CA PHE B 10 22.04 -6.67 -12.15
C PHE B 10 20.77 -6.20 -11.43
N GLY B 11 20.45 -4.92 -11.57
CA GLY B 11 19.27 -4.35 -10.94
C GLY B 11 18.03 -4.58 -11.80
N ARG B 12 16.98 -3.82 -11.53
CA ARG B 12 15.76 -3.96 -12.32
C ARG B 12 16.12 -3.78 -13.78
N ILE B 13 16.38 -2.53 -14.15
CA ILE B 13 16.76 -2.21 -15.53
C ILE B 13 17.77 -3.22 -16.04
N GLY B 14 18.81 -3.47 -15.25
CA GLY B 14 19.83 -4.41 -15.66
C GLY B 14 19.27 -5.77 -16.01
N ARG B 15 18.33 -6.25 -15.20
CA ARG B 15 17.72 -7.55 -15.44
C ARG B 15 16.73 -7.51 -16.58
N LEU B 16 15.93 -6.46 -16.63
CA LEU B 16 14.94 -6.32 -17.67
C LEU B 16 15.61 -6.04 -19.01
N VAL B 17 16.74 -5.36 -18.96
CA VAL B 17 17.50 -5.07 -20.18
C VAL B 17 18.07 -6.42 -20.64
N ALA B 18 18.10 -7.36 -19.70
CA ALA B 18 18.60 -8.69 -19.97
C ALA B 18 17.46 -9.50 -20.54
N ARG B 19 16.28 -9.35 -19.94
CA ARG B 19 15.10 -10.06 -20.41
C ARG B 19 14.84 -9.74 -21.87
N VAL B 20 15.34 -8.59 -22.31
CA VAL B 20 15.17 -8.17 -23.69
C VAL B 20 16.12 -8.92 -24.62
N ALA B 21 17.42 -8.70 -24.42
CA ALA B 21 18.45 -9.34 -25.24
C ALA B 21 18.26 -10.85 -25.39
N LEU B 22 17.64 -11.49 -24.40
CA LEU B 22 17.42 -12.94 -24.45
C LEU B 22 16.21 -13.32 -25.29
N GLN B 23 15.21 -12.44 -25.32
CA GLN B 23 14.01 -12.71 -26.09
C GLN B 23 14.09 -11.97 -27.41
N SER B 24 15.19 -11.28 -27.63
CA SER B 24 15.38 -10.55 -28.87
C SER B 24 16.26 -11.39 -29.78
N GLU B 25 16.36 -10.99 -31.04
CA GLU B 25 17.20 -11.66 -32.03
C GLU B 25 18.14 -10.60 -32.57
N ASP B 26 18.27 -9.52 -31.82
CA ASP B 26 19.13 -8.40 -32.18
C ASP B 26 20.39 -8.47 -31.36
N VAL B 27 20.23 -8.44 -30.04
CA VAL B 27 21.35 -8.47 -29.11
C VAL B 27 21.40 -9.76 -28.31
N GLU B 28 22.61 -10.15 -27.88
CA GLU B 28 22.81 -11.37 -27.09
C GLU B 28 23.53 -11.11 -25.78
N LEU B 29 23.00 -11.66 -24.69
CA LEU B 29 23.60 -11.49 -23.38
C LEU B 29 24.72 -12.49 -23.17
N VAL B 30 25.87 -12.02 -22.66
CA VAL B 30 27.02 -12.89 -22.44
C VAL B 30 27.68 -12.68 -21.08
N ALA B 31 27.61 -11.46 -20.55
CA ALA B 31 28.23 -11.17 -19.28
C ALA B 31 27.26 -10.55 -18.30
N VAL B 32 27.50 -10.78 -17.02
CA VAL B 32 26.67 -10.23 -15.96
C VAL B 32 27.53 -10.05 -14.72
N ASN B 33 27.91 -8.81 -14.44
CA ASN B 33 28.74 -8.54 -13.27
C ASN B 33 27.97 -7.97 -12.09
N ASP B 34 28.11 -8.62 -10.94
CA ASP B 34 27.45 -8.15 -9.74
C ASP B 34 27.99 -8.86 -8.52
N PRO B 35 28.66 -8.13 -7.63
CA PRO B 35 29.27 -8.62 -6.39
C PRO B 35 28.30 -8.89 -5.26
N PHE B 36 27.15 -8.23 -5.29
CA PHE B 36 26.16 -8.38 -4.23
C PHE B 36 25.20 -9.56 -4.36
N ILE B 37 25.22 -10.21 -5.51
CA ILE B 37 24.37 -11.36 -5.74
C ILE B 37 25.16 -12.49 -6.39
N THR B 38 24.97 -13.69 -5.88
CA THR B 38 25.68 -14.88 -6.37
C THR B 38 25.03 -15.49 -7.60
N THR B 39 25.79 -16.30 -8.31
CA THR B 39 25.32 -16.99 -9.50
C THR B 39 24.05 -17.74 -9.11
N ASP B 40 24.10 -18.37 -7.94
CA ASP B 40 22.98 -19.13 -7.43
C ASP B 40 21.81 -18.22 -7.07
N TYR B 41 22.13 -17.00 -6.62
CA TYR B 41 21.10 -16.03 -6.24
C TYR B 41 20.54 -15.32 -7.45
N MET B 42 21.38 -15.18 -8.48
CA MET B 42 20.94 -14.52 -9.69
C MET B 42 19.82 -15.33 -10.32
N THR B 43 20.04 -16.63 -10.52
CA THR B 43 19.03 -17.50 -11.12
C THR B 43 17.72 -17.49 -10.34
N TYR B 44 17.51 -16.47 -9.52
CA TYR B 44 16.29 -16.33 -8.75
C TYR B 44 15.83 -14.89 -8.75
N MET B 45 16.77 -13.96 -8.85
CA MET B 45 16.41 -12.55 -8.88
C MET B 45 16.00 -12.21 -10.30
N PHE B 46 16.32 -13.12 -11.22
CA PHE B 46 16.00 -12.95 -12.62
C PHE B 46 14.75 -13.73 -12.98
N LYS B 47 14.53 -14.86 -12.31
CA LYS B 47 13.37 -15.71 -12.56
C LYS B 47 12.06 -15.10 -12.11
N TYR B 48 11.68 -15.39 -10.87
CA TYR B 48 10.45 -14.89 -10.28
C TYR B 48 10.54 -13.41 -9.93
N ASP B 49 9.66 -12.62 -10.56
CA ASP B 49 9.62 -11.18 -10.34
C ASP B 49 8.26 -10.77 -9.78
N THR B 50 8.17 -9.52 -9.33
CA THR B 50 6.93 -8.98 -8.75
C THR B 50 6.13 -8.05 -9.65
N VAL B 51 6.81 -7.09 -10.24
CA VAL B 51 6.16 -6.14 -11.11
C VAL B 51 5.92 -6.72 -12.51
N HIS B 52 6.90 -7.47 -13.02
CA HIS B 52 6.76 -8.03 -14.37
C HIS B 52 6.55 -9.53 -14.44
N GLY B 53 6.08 -10.13 -13.34
CA GLY B 53 5.81 -11.56 -13.32
C GLY B 53 7.03 -12.47 -13.43
N GLN B 54 6.76 -13.77 -13.44
CA GLN B 54 7.81 -14.79 -13.54
C GLN B 54 8.27 -15.00 -14.97
N TRP B 55 9.55 -15.35 -15.15
CA TRP B 55 10.12 -15.59 -16.48
C TRP B 55 10.05 -17.08 -16.83
N LYS B 56 8.99 -17.48 -17.54
CA LYS B 56 8.81 -18.87 -17.95
C LYS B 56 9.21 -19.02 -19.40
N HIS B 57 9.34 -17.90 -20.09
CA HIS B 57 9.69 -17.92 -21.50
C HIS B 57 10.62 -19.09 -21.87
N SER B 58 11.80 -19.18 -21.24
CA SER B 58 12.74 -20.27 -21.51
C SER B 58 13.57 -20.72 -20.29
N ASP B 59 13.69 -22.03 -20.13
CA ASP B 59 14.42 -22.67 -19.03
C ASP B 59 15.78 -22.08 -18.61
N ILE B 60 16.00 -21.99 -17.30
CA ILE B 60 17.25 -21.47 -16.75
C ILE B 60 17.94 -22.60 -15.98
N LYS B 61 19.27 -22.57 -15.92
CA LYS B 61 20.02 -23.59 -15.20
C LYS B 61 21.49 -23.22 -15.00
N ILE B 62 22.01 -23.57 -13.83
CA ILE B 62 23.40 -23.28 -13.47
C ILE B 62 24.37 -24.31 -14.03
N LYS B 63 25.50 -23.84 -14.54
CA LYS B 63 26.50 -24.76 -15.09
C LYS B 63 27.64 -24.96 -14.09
N ASP B 64 28.33 -23.90 -13.72
CA ASP B 64 29.42 -24.04 -12.76
C ASP B 64 30.04 -22.74 -12.25
N SER B 65 29.19 -21.83 -11.76
CA SER B 65 29.66 -20.54 -11.25
C SER B 65 30.15 -19.71 -12.41
N LYS B 66 29.93 -18.41 -12.35
CA LYS B 66 30.37 -17.53 -13.42
C LYS B 66 29.86 -18.03 -14.78
N THR B 67 29.15 -19.16 -14.75
CA THR B 67 28.58 -19.75 -15.96
C THR B 67 27.10 -19.94 -15.68
N LEU B 68 26.25 -19.60 -16.67
CA LEU B 68 24.80 -19.71 -16.50
C LEU B 68 24.13 -20.07 -17.82
N LEU B 69 23.09 -20.90 -17.76
CA LEU B 69 22.40 -21.32 -18.97
C LEU B 69 20.98 -20.78 -19.16
N LEU B 70 20.87 -19.77 -20.01
CA LEU B 70 19.56 -19.21 -20.31
C LEU B 70 19.05 -20.03 -21.48
N GLY B 71 18.58 -21.22 -21.16
CA GLY B 71 18.08 -22.12 -22.17
C GLY B 71 19.23 -23.01 -22.58
N GLU B 72 20.00 -22.56 -23.56
CA GLU B 72 21.13 -23.33 -24.03
C GLU B 72 22.28 -22.38 -24.24
N LYS B 73 21.98 -21.08 -24.25
CA LYS B 73 22.99 -20.06 -24.41
C LYS B 73 23.50 -19.69 -23.02
N PRO B 74 24.81 -19.85 -22.78
CA PRO B 74 25.53 -19.57 -21.53
C PRO B 74 25.97 -18.13 -21.35
N VAL B 75 26.00 -17.68 -20.10
CA VAL B 75 26.40 -16.32 -19.76
C VAL B 75 27.38 -16.25 -18.60
N THR B 76 28.52 -15.60 -18.82
CA THR B 76 29.54 -15.44 -17.78
C THR B 76 29.04 -14.53 -16.68
N VAL B 77 29.19 -14.97 -15.43
CA VAL B 77 28.73 -14.18 -14.29
C VAL B 77 29.88 -13.72 -13.40
N PHE B 78 30.07 -12.40 -13.32
CA PHE B 78 31.14 -11.81 -12.53
C PHE B 78 30.74 -11.33 -11.14
N GLY B 79 31.75 -11.07 -10.32
CA GLY B 79 31.52 -10.60 -8.97
C GLY B 79 32.50 -9.49 -8.63
N ILE B 80 33.43 -9.19 -9.54
CA ILE B 80 34.42 -8.13 -9.32
C ILE B 80 33.70 -6.85 -8.88
N ARG B 81 34.33 -6.10 -7.98
CA ARG B 81 33.73 -4.88 -7.47
C ARG B 81 34.08 -3.61 -8.24
N ASN B 82 35.34 -3.48 -8.62
CA ASN B 82 35.76 -2.31 -9.37
C ASN B 82 35.57 -2.57 -10.86
N PRO B 83 34.85 -1.68 -11.56
CA PRO B 83 34.59 -1.83 -12.98
C PRO B 83 35.83 -2.17 -13.81
N ASP B 84 36.86 -1.34 -13.67
CA ASP B 84 38.12 -1.54 -14.37
C ASP B 84 38.72 -2.95 -14.23
N GLU B 85 38.02 -3.84 -13.53
CA GLU B 85 38.51 -5.21 -13.32
C GLU B 85 37.53 -6.29 -13.75
N ILE B 86 36.65 -5.94 -14.68
CA ILE B 86 35.69 -6.90 -15.22
C ILE B 86 36.25 -7.24 -16.60
N PRO B 87 36.73 -8.46 -16.77
CA PRO B 87 37.27 -8.84 -18.08
C PRO B 87 36.18 -9.04 -19.14
N TRP B 88 35.44 -7.99 -19.44
CA TRP B 88 34.37 -8.08 -20.44
C TRP B 88 34.92 -8.69 -21.71
N ALA B 89 35.91 -8.03 -22.29
CA ALA B 89 36.55 -8.49 -23.53
C ALA B 89 36.79 -9.99 -23.52
N GLU B 90 37.03 -10.55 -22.34
CA GLU B 90 37.30 -11.99 -22.22
C GLU B 90 36.05 -12.87 -22.30
N ALA B 91 34.87 -12.24 -22.33
CA ALA B 91 33.61 -12.97 -22.40
C ALA B 91 32.92 -12.74 -23.73
N GLY B 92 33.17 -11.58 -24.34
CA GLY B 92 32.56 -11.27 -25.61
C GLY B 92 31.71 -10.00 -25.59
N ALA B 93 31.50 -9.44 -24.41
CA ALA B 93 30.70 -8.23 -24.25
C ALA B 93 31.42 -7.03 -24.85
N GLU B 94 30.84 -6.50 -25.92
CA GLU B 94 31.37 -5.35 -26.63
C GLU B 94 30.90 -4.09 -25.92
N TYR B 95 29.59 -4.02 -25.67
CA TYR B 95 28.96 -2.90 -25.01
C TYR B 95 28.65 -3.20 -23.54
N VAL B 96 29.25 -2.46 -22.62
CA VAL B 96 29.00 -2.70 -21.20
C VAL B 96 27.93 -1.77 -20.66
N VAL B 97 26.74 -2.30 -20.46
CA VAL B 97 25.63 -1.52 -19.93
C VAL B 97 25.86 -1.22 -18.46
N GLU B 98 26.12 0.05 -18.16
CA GLU B 98 26.38 0.49 -16.79
C GLU B 98 25.08 0.72 -16.04
N SER B 99 24.36 -0.37 -15.79
CA SER B 99 23.10 -0.28 -15.08
C SER B 99 23.32 -0.64 -13.62
N THR B 100 24.04 0.22 -12.91
CA THR B 100 24.30 0.00 -11.48
C THR B 100 23.91 1.21 -10.66
N GLY B 101 24.09 2.41 -11.21
CA GLY B 101 23.73 3.61 -10.50
C GLY B 101 24.75 4.09 -9.48
N VAL B 102 26.02 3.90 -9.79
CA VAL B 102 27.09 4.31 -8.90
C VAL B 102 28.22 4.85 -9.75
N PHE B 103 28.17 4.49 -11.03
CA PHE B 103 29.14 4.93 -12.01
C PHE B 103 28.30 5.64 -13.04
N THR B 104 28.37 6.96 -13.04
CA THR B 104 27.61 7.78 -13.98
C THR B 104 28.51 8.87 -14.55
N ASP B 105 29.75 8.92 -14.07
CA ASP B 105 30.73 9.88 -14.53
C ASP B 105 31.31 9.35 -15.83
N LYS B 106 31.49 10.22 -16.82
CA LYS B 106 32.08 9.79 -18.08
C LYS B 106 33.34 9.01 -17.71
N GLU B 107 34.08 9.57 -16.76
CA GLU B 107 35.33 8.97 -16.31
C GLU B 107 35.09 7.62 -15.66
N LYS B 108 34.24 7.60 -14.64
CA LYS B 108 33.93 6.37 -13.90
C LYS B 108 33.48 5.15 -14.72
N ALA B 109 32.41 5.27 -15.49
CA ALA B 109 31.90 4.16 -16.29
C ALA B 109 32.83 3.76 -17.46
N ALA B 110 33.90 4.53 -17.66
CA ALA B 110 34.85 4.25 -18.74
C ALA B 110 35.86 3.23 -18.24
N ALA B 111 35.59 2.66 -17.08
CA ALA B 111 36.46 1.65 -16.47
C ALA B 111 36.24 0.32 -17.16
N HIS B 112 35.15 0.23 -17.91
CA HIS B 112 34.84 -0.99 -18.64
C HIS B 112 35.72 -0.99 -19.87
N LEU B 113 35.88 0.18 -20.46
CA LEU B 113 36.70 0.35 -21.65
C LEU B 113 38.08 -0.24 -21.40
N LYS B 114 38.44 -0.38 -20.13
CA LYS B 114 39.72 -0.97 -19.76
C LYS B 114 39.60 -2.48 -19.88
N GLY B 115 38.47 -3.01 -19.40
CA GLY B 115 38.23 -4.44 -19.46
C GLY B 115 38.16 -4.97 -20.88
N GLY B 116 38.47 -4.11 -21.85
CA GLY B 116 38.45 -4.52 -23.24
C GLY B 116 37.09 -4.43 -23.89
N ALA B 117 36.22 -3.57 -23.38
CA ALA B 117 34.89 -3.40 -23.96
C ALA B 117 34.92 -2.16 -24.85
N LYS B 118 34.44 -2.30 -26.07
CA LYS B 118 34.43 -1.21 -27.02
C LYS B 118 33.76 0.05 -26.49
N LYS B 119 32.50 -0.05 -26.10
CA LYS B 119 31.75 1.11 -25.58
C LYS B 119 30.87 0.78 -24.38
N VAL B 120 30.62 1.79 -23.55
CA VAL B 120 29.79 1.64 -22.35
C VAL B 120 28.55 2.51 -22.41
N VAL B 121 27.39 1.90 -22.23
CA VAL B 121 26.12 2.64 -22.26
C VAL B 121 25.60 2.80 -20.83
N ILE B 122 25.68 4.02 -20.31
CA ILE B 122 25.20 4.30 -18.95
C ILE B 122 23.67 4.30 -18.96
N SER B 123 23.09 3.64 -17.96
CA SER B 123 21.63 3.54 -17.85
C SER B 123 21.03 4.58 -16.93
N ALA B 124 21.38 5.84 -17.15
CA ALA B 124 20.89 6.94 -16.35
C ALA B 124 21.67 8.19 -16.70
N PRO B 125 21.23 9.34 -16.18
CA PRO B 125 21.93 10.60 -16.46
C PRO B 125 23.43 10.54 -16.16
N SER B 126 24.21 11.32 -16.90
CA SER B 126 25.65 11.40 -16.72
C SER B 126 26.04 12.88 -16.77
N LYS B 127 26.70 13.36 -15.72
CA LYS B 127 27.08 14.76 -15.66
C LYS B 127 27.89 15.21 -16.88
N ASP B 128 28.66 14.30 -17.47
CA ASP B 128 29.46 14.67 -18.61
C ASP B 128 29.33 13.81 -19.87
N ALA B 129 29.15 12.51 -19.70
CA ALA B 129 29.01 11.63 -20.87
C ALA B 129 27.84 12.09 -21.75
N PRO B 130 28.03 12.06 -23.07
CA PRO B 130 27.01 12.47 -24.05
C PRO B 130 25.67 11.77 -23.87
N MET B 131 24.60 12.54 -23.74
CA MET B 131 23.27 11.98 -23.54
C MET B 131 22.47 11.94 -24.85
N PHE B 132 21.86 10.79 -25.14
CA PHE B 132 21.04 10.62 -26.34
C PHE B 132 19.73 9.88 -26.00
N VAL B 133 18.60 10.55 -26.20
CA VAL B 133 17.29 9.96 -25.93
C VAL B 133 16.71 9.44 -27.24
N CYS B 134 16.23 8.20 -27.21
CA CYS B 134 15.67 7.57 -28.41
C CYS B 134 14.40 8.19 -28.96
N GLY B 135 14.48 8.60 -30.23
CA GLY B 135 13.37 9.23 -30.92
C GLY B 135 13.56 10.73 -30.95
N VAL B 136 14.55 11.21 -30.22
CA VAL B 136 14.80 12.64 -30.14
C VAL B 136 16.07 13.06 -30.89
N ASN B 137 17.20 12.50 -30.48
CA ASN B 137 18.47 12.84 -31.11
C ASN B 137 19.52 11.72 -31.06
N GLU B 138 19.14 10.51 -31.42
CA GLU B 138 20.11 9.41 -31.42
C GLU B 138 21.01 9.66 -32.62
N ASP B 139 20.58 10.61 -33.45
CA ASP B 139 21.31 10.99 -34.65
C ASP B 139 22.58 11.74 -34.27
N LYS B 140 22.50 12.51 -33.18
CA LYS B 140 23.64 13.28 -32.69
C LYS B 140 24.63 12.38 -31.98
N TYR B 141 25.10 11.35 -32.68
CA TYR B 141 26.05 10.41 -32.11
C TYR B 141 26.89 9.72 -33.18
N THR B 142 28.20 9.98 -33.14
CA THR B 142 29.14 9.40 -34.10
C THR B 142 29.86 8.20 -33.48
N SER B 143 30.41 7.33 -34.32
CA SER B 143 31.12 6.14 -33.88
C SER B 143 32.48 6.48 -33.26
N ASP B 144 32.50 7.51 -32.42
CA ASP B 144 33.73 7.96 -31.78
C ASP B 144 33.56 8.22 -30.27
N ILE B 145 32.31 8.31 -29.84
CA ILE B 145 31.99 8.54 -28.42
C ILE B 145 31.83 7.16 -27.79
N ASP B 146 32.70 6.82 -26.84
CA ASP B 146 32.62 5.50 -26.20
C ASP B 146 32.02 5.51 -24.80
N ILE B 147 31.56 6.68 -24.37
CA ILE B 147 30.96 6.87 -23.06
C ILE B 147 29.67 7.68 -23.22
N VAL B 148 28.58 7.00 -23.52
CA VAL B 148 27.29 7.68 -23.72
C VAL B 148 26.28 7.45 -22.61
N SER B 149 25.16 8.15 -22.71
CA SER B 149 24.09 8.04 -21.74
C SER B 149 22.74 8.03 -22.43
N ASN B 150 21.82 7.26 -21.87
CA ASN B 150 20.48 7.11 -22.40
C ASN B 150 19.51 7.89 -21.50
N ALA B 151 19.95 9.07 -21.07
CA ALA B 151 19.16 9.95 -20.20
C ALA B 151 18.48 9.21 -19.06
N SER B 152 17.20 9.48 -18.84
CA SER B 152 16.45 8.86 -17.73
C SER B 152 15.12 8.17 -18.06
N CYS B 153 14.57 7.48 -17.06
CA CYS B 153 13.30 6.79 -17.22
C CYS B 153 12.26 7.84 -17.56
N THR B 154 12.46 9.02 -17.00
CA THR B 154 11.58 10.16 -17.21
C THR B 154 11.89 10.95 -18.49
N THR B 155 13.16 11.26 -18.72
CA THR B 155 13.55 12.01 -19.91
C THR B 155 13.29 11.22 -21.19
N ASN B 156 13.35 9.90 -21.10
CA ASN B 156 13.12 9.06 -22.28
C ASN B 156 11.63 9.14 -22.67
N CYS B 157 10.83 9.73 -21.79
CA CYS B 157 9.39 9.89 -22.02
C CYS B 157 9.03 11.33 -22.38
N LEU B 158 9.34 12.24 -21.46
CA LEU B 158 9.06 13.66 -21.66
C LEU B 158 9.75 14.21 -22.90
N ALA B 159 10.87 13.62 -23.29
CA ALA B 159 11.63 14.08 -24.46
C ALA B 159 10.80 14.12 -25.74
N PRO B 160 10.34 12.95 -26.23
CA PRO B 160 9.55 12.91 -27.47
C PRO B 160 8.31 13.79 -27.36
N LEU B 161 7.46 13.46 -26.40
CA LEU B 161 6.23 14.20 -26.13
C LEU B 161 6.39 15.71 -26.37
N ALA B 162 7.46 16.27 -25.85
CA ALA B 162 7.72 17.70 -26.01
C ALA B 162 8.12 18.05 -27.43
N LYS B 163 9.06 17.29 -27.99
CA LYS B 163 9.51 17.55 -29.34
C LYS B 163 8.34 17.51 -30.30
N VAL B 164 7.51 16.48 -30.15
CA VAL B 164 6.32 16.32 -30.99
C VAL B 164 5.44 17.57 -30.92
N ILE B 165 5.25 18.09 -29.72
CA ILE B 165 4.45 19.29 -29.56
C ILE B 165 5.22 20.47 -30.13
N HIS B 166 6.48 20.56 -29.76
CA HIS B 166 7.33 21.65 -30.20
C HIS B 166 7.42 21.83 -31.72
N ASP B 167 7.67 20.75 -32.45
CA ASP B 167 7.78 20.85 -33.90
C ASP B 167 6.46 21.37 -34.48
N ASN B 168 5.35 20.78 -34.05
CA ASN B 168 4.01 21.15 -34.54
C ASN B 168 3.41 22.48 -34.10
N PHE B 169 3.45 22.74 -32.79
CA PHE B 169 2.87 23.96 -32.24
C PHE B 169 3.88 24.89 -31.58
N GLY B 170 5.15 24.50 -31.60
CA GLY B 170 6.19 25.33 -30.99
C GLY B 170 5.97 25.62 -29.52
N ILE B 171 6.97 25.32 -28.70
CA ILE B 171 6.89 25.54 -27.26
C ILE B 171 7.53 26.88 -26.91
N ILE B 172 6.87 27.65 -26.05
CA ILE B 172 7.41 28.95 -25.63
C ILE B 172 8.03 28.80 -24.26
N GLU B 173 7.25 28.24 -23.35
CA GLU B 173 7.71 28.01 -21.99
C GLU B 173 6.72 27.08 -21.33
N GLY B 174 7.24 26.20 -20.49
CA GLY B 174 6.39 25.26 -19.79
C GLY B 174 7.09 24.73 -18.55
N LEU B 175 6.40 23.83 -17.86
CA LEU B 175 6.92 23.19 -16.67
C LEU B 175 6.35 21.78 -16.67
N MET B 176 6.82 20.94 -15.74
CA MET B 176 6.34 19.56 -15.68
C MET B 176 6.38 18.94 -14.30
N THR B 177 5.57 17.91 -14.12
CA THR B 177 5.49 17.17 -12.88
C THR B 177 5.46 15.70 -13.26
N THR B 178 5.95 14.85 -12.37
CA THR B 178 5.97 13.43 -12.63
C THR B 178 5.64 12.65 -11.39
N VAL B 179 4.39 12.22 -11.26
CA VAL B 179 3.97 11.42 -10.13
C VAL B 179 4.64 10.08 -10.41
N HIS B 180 5.86 9.95 -9.90
CA HIS B 180 6.68 8.76 -10.12
C HIS B 180 6.61 7.74 -9.00
N ALA B 181 6.82 6.46 -9.35
CA ALA B 181 6.76 5.36 -8.40
C ALA B 181 8.07 5.20 -7.61
N ILE B 182 7.98 4.64 -6.41
CA ILE B 182 9.16 4.45 -5.57
C ILE B 182 10.16 3.54 -6.28
N THR B 183 11.43 3.67 -5.89
CA THR B 183 12.51 2.87 -6.49
C THR B 183 13.55 2.42 -5.46
N ALA B 184 14.49 1.60 -5.92
CA ALA B 184 15.55 1.04 -5.11
C ALA B 184 16.17 1.97 -4.09
N THR B 185 16.15 3.27 -4.36
CA THR B 185 16.74 4.25 -3.46
C THR B 185 15.76 4.92 -2.51
N GLN B 186 14.74 4.17 -2.09
CA GLN B 186 13.77 4.67 -1.15
C GLN B 186 13.70 3.67 0.01
N LYS B 187 13.85 4.16 1.24
CA LYS B 187 13.80 3.30 2.41
C LYS B 187 12.39 2.80 2.62
N THR B 188 12.27 1.59 3.17
CA THR B 188 10.98 0.96 3.42
C THR B 188 10.21 1.68 4.52
N VAL B 189 10.93 2.27 5.46
CA VAL B 189 10.33 3.00 6.57
C VAL B 189 11.23 4.19 6.91
N ASP B 190 10.66 5.19 7.58
CA ASP B 190 11.41 6.38 7.94
C ASP B 190 12.89 6.16 8.29
N GLY B 191 13.75 6.20 7.27
CA GLY B 191 15.17 6.00 7.49
C GLY B 191 15.97 7.17 6.95
N PRO B 192 17.32 7.10 6.94
CA PRO B 192 18.25 8.13 6.47
C PRO B 192 18.45 8.20 4.96
N SER B 193 19.02 9.32 4.52
CA SER B 193 19.31 9.60 3.10
C SER B 193 19.97 10.98 3.07
N SER B 194 21.27 11.01 3.34
CA SER B 194 22.06 12.24 3.40
C SER B 194 21.96 13.23 2.24
N LYS B 195 21.24 12.89 1.18
CA LYS B 195 21.11 13.79 0.04
C LYS B 195 19.66 14.19 -0.22
N ASP B 196 18.75 13.25 0.01
CA ASP B 196 17.33 13.48 -0.20
C ASP B 196 16.57 13.10 1.06
N TRP B 197 16.50 14.06 1.99
CA TRP B 197 15.81 13.86 3.27
C TRP B 197 14.40 13.34 3.08
N ARG B 198 13.62 14.04 2.26
CA ARG B 198 12.25 13.63 1.99
C ARG B 198 12.32 12.19 1.51
N GLY B 199 13.19 11.97 0.53
CA GLY B 199 13.37 10.66 -0.05
C GLY B 199 13.80 9.60 0.95
N GLY B 200 13.82 9.96 2.22
CA GLY B 200 14.20 9.00 3.25
C GLY B 200 12.98 8.41 3.91
N ARG B 201 12.03 9.27 4.27
CA ARG B 201 10.79 8.88 4.92
C ARG B 201 10.11 7.68 4.27
N ALA B 202 9.00 7.23 4.87
CA ALA B 202 8.24 6.09 4.34
C ALA B 202 8.05 6.20 2.84
N ALA B 203 8.38 5.12 2.13
CA ALA B 203 8.27 5.09 0.68
C ALA B 203 6.84 4.96 0.17
N SER B 204 6.10 3.99 0.71
CA SER B 204 4.73 3.75 0.28
C SER B 204 3.69 4.26 1.29
N PHE B 205 4.11 5.08 2.25
CA PHE B 205 3.18 5.61 3.24
C PHE B 205 3.08 7.13 3.16
N ASN B 206 3.90 7.74 2.30
CA ASN B 206 3.88 9.17 2.12
C ASN B 206 3.87 9.51 0.64
N ILE B 207 3.95 10.79 0.33
CA ILE B 207 3.98 11.26 -1.06
C ILE B 207 5.24 12.11 -1.05
N ILE B 208 6.37 11.47 -1.35
CA ILE B 208 7.67 12.13 -1.32
C ILE B 208 8.05 13.06 -2.49
N PRO B 209 8.04 14.38 -2.27
CA PRO B 209 8.39 15.35 -3.32
C PRO B 209 9.88 15.24 -3.63
N SER B 210 10.22 14.91 -4.87
CA SER B 210 11.63 14.74 -5.25
C SER B 210 12.15 15.61 -6.38
N SER B 211 13.32 16.19 -6.16
CA SER B 211 13.97 17.03 -7.15
C SER B 211 14.17 16.21 -8.41
N THR B 212 14.07 16.86 -9.56
CA THR B 212 14.24 16.16 -10.83
C THR B 212 14.42 17.14 -12.00
N GLY B 213 15.55 17.03 -12.68
CA GLY B 213 15.83 17.90 -13.80
C GLY B 213 15.67 17.19 -15.14
N ALA B 214 14.76 16.22 -15.21
CA ALA B 214 14.54 15.50 -16.46
C ALA B 214 14.07 16.51 -17.50
N ALA B 215 13.39 17.55 -17.04
CA ALA B 215 12.90 18.60 -17.91
C ALA B 215 14.10 19.48 -18.24
N LYS B 216 14.97 19.63 -17.24
CA LYS B 216 16.18 20.42 -17.37
C LYS B 216 17.09 19.72 -18.37
N ALA B 217 17.02 18.39 -18.35
CA ALA B 217 17.83 17.56 -19.25
C ALA B 217 17.32 17.64 -20.69
N VAL B 218 16.01 17.81 -20.84
CA VAL B 218 15.41 17.91 -22.16
C VAL B 218 16.20 18.96 -22.92
N GLY B 219 16.45 20.09 -22.26
CA GLY B 219 17.20 21.17 -22.87
C GLY B 219 18.46 20.71 -23.57
N LYS B 220 19.10 19.68 -23.05
CA LYS B 220 20.31 19.20 -23.67
C LYS B 220 20.08 18.36 -24.93
N VAL B 221 19.04 17.54 -24.91
CA VAL B 221 18.76 16.69 -26.07
C VAL B 221 17.86 17.36 -27.12
N LEU B 222 17.50 18.61 -26.86
CA LEU B 222 16.66 19.40 -27.78
C LEU B 222 16.94 20.89 -27.54
N PRO B 223 18.03 21.39 -28.12
CA PRO B 223 18.55 22.76 -28.06
C PRO B 223 17.55 23.89 -27.88
N ASP B 224 16.74 24.13 -28.91
CA ASP B 224 15.76 25.21 -28.87
C ASP B 224 14.76 25.15 -27.73
N LEU B 225 14.71 24.03 -27.02
CA LEU B 225 13.78 23.92 -25.89
C LEU B 225 14.44 24.33 -24.59
N ASN B 226 15.75 24.52 -24.65
CA ASN B 226 16.54 24.89 -23.49
C ASN B 226 15.95 26.01 -22.63
N GLY B 227 16.18 25.93 -21.32
CA GLY B 227 15.70 26.94 -20.39
C GLY B 227 14.20 27.19 -20.36
N LYS B 228 13.49 26.64 -21.33
CA LYS B 228 12.04 26.81 -21.41
C LYS B 228 11.27 25.64 -20.76
N LEU B 229 11.99 24.80 -20.02
CA LEU B 229 11.41 23.66 -19.35
C LEU B 229 12.08 23.44 -18.01
N THR B 230 11.44 22.63 -17.18
CA THR B 230 11.94 22.30 -15.85
C THR B 230 10.74 21.94 -15.00
N GLY B 231 10.89 20.95 -14.13
CA GLY B 231 9.76 20.56 -13.31
C GLY B 231 10.17 19.93 -12.00
N MET B 232 9.24 19.17 -11.43
CA MET B 232 9.49 18.49 -10.17
C MET B 232 8.93 17.09 -10.26
N SER B 233 8.75 16.44 -9.11
CA SER B 233 8.22 15.09 -9.08
C SER B 233 7.64 14.74 -7.72
N PHE B 234 6.70 13.80 -7.74
CA PHE B 234 6.06 13.33 -6.52
C PHE B 234 6.19 11.81 -6.52
N ARG B 235 6.85 11.27 -5.51
CA ARG B 235 7.04 9.82 -5.39
C ARG B 235 5.93 9.17 -4.56
N VAL B 236 4.85 8.80 -5.23
CA VAL B 236 3.70 8.18 -4.58
C VAL B 236 3.81 6.66 -4.42
N PRO B 237 3.01 6.08 -3.51
CA PRO B 237 2.96 4.65 -3.20
C PRO B 237 2.47 3.68 -4.29
N THR B 238 3.35 3.31 -5.21
CA THR B 238 3.01 2.37 -6.25
C THR B 238 4.31 1.68 -6.62
N VAL B 239 4.23 0.49 -7.18
CA VAL B 239 5.44 -0.24 -7.54
C VAL B 239 6.05 0.17 -8.87
N ASP B 240 5.22 0.58 -9.82
CA ASP B 240 5.76 0.94 -11.11
C ASP B 240 4.88 1.86 -11.95
N VAL B 241 5.36 2.18 -13.15
CA VAL B 241 4.69 3.05 -14.10
C VAL B 241 4.57 4.44 -13.48
N SER B 242 4.85 5.45 -14.29
CA SER B 242 4.75 6.82 -13.81
C SER B 242 4.01 7.65 -14.86
N VAL B 243 3.83 8.94 -14.58
CA VAL B 243 3.12 9.80 -15.53
C VAL B 243 3.83 11.14 -15.67
N VAL B 244 3.71 11.75 -16.83
CA VAL B 244 4.32 13.04 -17.08
C VAL B 244 3.21 14.08 -17.15
N ASP B 245 3.23 15.03 -16.21
CA ASP B 245 2.25 16.10 -16.20
C ASP B 245 2.97 17.33 -16.73
N LEU B 246 2.76 17.61 -18.01
CA LEU B 246 3.42 18.73 -18.65
C LEU B 246 2.49 19.86 -19.07
N THR B 247 2.40 20.90 -18.25
CA THR B 247 1.56 22.06 -18.54
C THR B 247 2.45 22.99 -19.36
N VAL B 248 2.06 23.33 -20.58
CA VAL B 248 2.93 24.18 -21.39
C VAL B 248 2.24 25.05 -22.45
N ARG B 249 2.88 26.18 -22.77
CA ARG B 249 2.39 27.13 -23.76
C ARG B 249 3.06 26.93 -25.12
N ILE B 250 2.27 27.08 -26.17
CA ILE B 250 2.76 26.94 -27.53
C ILE B 250 2.57 28.23 -28.34
N GLU B 251 3.44 28.46 -29.33
CA GLU B 251 3.36 29.66 -30.17
C GLU B 251 2.22 29.62 -31.19
N LYS B 252 1.88 28.42 -31.66
CA LYS B 252 0.82 28.25 -32.64
C LYS B 252 -0.46 27.73 -32.03
N ALA B 253 -1.28 28.65 -31.52
CA ALA B 253 -2.55 28.32 -30.90
C ALA B 253 -3.29 27.20 -31.65
N ALA B 254 -3.47 26.05 -30.99
CA ALA B 254 -4.14 24.91 -31.61
C ALA B 254 -5.10 24.14 -30.70
N SER B 255 -6.26 23.79 -31.25
CA SER B 255 -7.27 23.05 -30.50
C SER B 255 -6.67 21.77 -29.96
N TYR B 256 -7.19 21.30 -28.82
CA TYR B 256 -6.70 20.08 -28.17
C TYR B 256 -6.75 18.88 -29.10
N ASP B 257 -7.78 18.81 -29.93
CA ASP B 257 -7.90 17.72 -30.87
C ASP B 257 -6.69 17.79 -31.80
N ALA B 258 -6.35 19.02 -32.19
CA ALA B 258 -5.22 19.27 -33.09
C ALA B 258 -3.90 18.71 -32.55
N ILE B 259 -3.81 18.60 -31.23
CA ILE B 259 -2.62 18.06 -30.60
C ILE B 259 -2.80 16.55 -30.64
N LYS B 260 -3.98 16.11 -30.23
CA LYS B 260 -4.31 14.69 -30.19
C LYS B 260 -3.87 13.98 -31.46
N SER B 261 -4.32 14.47 -32.61
CA SER B 261 -3.98 13.89 -33.88
C SER B 261 -2.53 14.16 -34.22
N ALA B 262 -2.03 15.33 -33.85
CA ALA B 262 -0.63 15.66 -34.11
C ALA B 262 0.18 14.62 -33.34
N ILE B 263 -0.22 14.40 -32.09
CA ILE B 263 0.41 13.43 -31.21
C ILE B 263 0.17 12.07 -31.81
N LYS B 264 -1.11 11.72 -31.90
CA LYS B 264 -1.54 10.42 -32.42
C LYS B 264 -0.93 10.07 -33.77
N SER B 265 -0.81 11.05 -34.66
CA SER B 265 -0.24 10.79 -35.98
C SER B 265 1.27 10.67 -35.90
N ALA B 266 1.85 11.19 -34.82
CA ALA B 266 3.29 11.12 -34.63
C ALA B 266 3.64 9.70 -34.18
N SER B 267 2.79 9.17 -33.31
CA SER B 267 2.95 7.83 -32.77
C SER B 267 2.35 6.81 -33.73
N GLU B 268 2.53 7.05 -35.02
CA GLU B 268 2.01 6.17 -36.05
C GLU B 268 2.91 6.09 -37.27
N GLY B 269 4.20 6.20 -37.06
CA GLY B 269 5.10 6.12 -38.19
C GLY B 269 6.54 6.42 -37.89
N LYS B 270 6.87 7.71 -37.73
CA LYS B 270 8.22 8.15 -37.47
C LYS B 270 8.68 7.89 -36.03
N LEU B 271 7.73 7.79 -35.11
CA LEU B 271 8.10 7.56 -33.72
C LEU B 271 7.36 6.37 -33.15
N LYS B 272 6.84 5.51 -34.01
CA LYS B 272 6.12 4.34 -33.56
C LYS B 272 7.06 3.37 -32.83
N GLY B 273 6.76 3.08 -31.57
CA GLY B 273 7.59 2.19 -30.78
C GLY B 273 8.33 2.99 -29.74
N ILE B 274 8.08 4.30 -29.77
CA ILE B 274 8.69 5.25 -28.85
C ILE B 274 7.57 5.93 -28.08
N ILE B 275 6.73 6.65 -28.81
CA ILE B 275 5.59 7.34 -28.22
C ILE B 275 4.30 6.60 -28.55
N GLY B 276 3.31 6.74 -27.68
CA GLY B 276 2.05 6.07 -27.90
C GLY B 276 0.86 6.98 -27.73
N TYR B 277 -0.30 6.52 -28.19
CA TYR B 277 -1.54 7.29 -28.11
C TYR B 277 -2.69 6.37 -27.74
N VAL B 278 -3.23 6.54 -26.53
CA VAL B 278 -4.34 5.71 -26.08
C VAL B 278 -5.52 6.56 -25.63
N GLU B 279 -6.71 6.21 -26.12
CA GLU B 279 -7.93 6.93 -25.77
C GLU B 279 -8.93 6.05 -25.05
N GLU B 280 -8.56 5.58 -23.85
CA GLU B 280 -9.42 4.74 -23.01
C GLU B 280 -9.17 5.09 -21.54
N ASP B 281 -10.15 4.81 -20.70
CA ASP B 281 -9.99 5.10 -19.28
C ASP B 281 -9.06 4.05 -18.64
N LEU B 282 -7.75 4.20 -18.83
CA LEU B 282 -6.76 3.27 -18.27
C LEU B 282 -6.00 3.89 -17.10
N VAL B 283 -5.27 3.05 -16.36
CA VAL B 283 -4.49 3.50 -15.21
C VAL B 283 -3.03 3.05 -15.20
N SER B 284 -2.41 3.09 -14.02
CA SER B 284 -1.02 2.71 -13.88
C SER B 284 -0.75 1.24 -14.22
N THR B 285 -1.38 0.33 -13.50
CA THR B 285 -1.18 -1.09 -13.77
C THR B 285 -1.58 -1.43 -15.20
N ASP B 286 -2.34 -0.55 -15.84
CA ASP B 286 -2.76 -0.79 -17.22
C ASP B 286 -1.56 -0.73 -18.15
N PHE B 287 -0.46 -0.17 -17.68
CA PHE B 287 0.73 -0.03 -18.51
C PHE B 287 1.98 -0.76 -18.05
N VAL B 288 1.83 -1.97 -17.52
CA VAL B 288 2.99 -2.70 -17.07
C VAL B 288 3.57 -3.56 -18.18
N GLY B 289 4.62 -3.03 -18.82
CA GLY B 289 5.27 -3.76 -19.89
C GLY B 289 5.18 -2.99 -21.21
N ASP B 290 4.48 -1.88 -21.20
CA ASP B 290 4.31 -1.05 -22.38
C ASP B 290 5.69 -0.53 -22.83
N SER B 291 6.34 -1.30 -23.70
CA SER B 291 7.67 -0.97 -24.21
C SER B 291 7.86 0.39 -24.84
N ARG B 292 6.90 1.29 -24.66
CA ARG B 292 7.01 2.64 -25.22
C ARG B 292 7.75 3.56 -24.27
N SER B 293 8.28 4.65 -24.82
CA SER B 293 9.00 5.63 -24.01
C SER B 293 7.99 6.59 -23.42
N SER B 294 7.02 6.99 -24.24
CA SER B 294 5.95 7.89 -23.81
C SER B 294 4.64 7.32 -24.33
N ILE B 295 3.54 7.54 -23.60
CA ILE B 295 2.25 7.01 -24.02
C ILE B 295 1.11 8.01 -23.77
N PHE B 296 0.98 9.01 -24.62
CA PHE B 296 -0.07 10.03 -24.48
C PHE B 296 -1.42 9.44 -24.08
N ASP B 297 -2.06 10.10 -23.14
CA ASP B 297 -3.37 9.66 -22.66
C ASP B 297 -4.40 10.66 -23.16
N ALA B 298 -5.03 10.35 -24.29
CA ALA B 298 -6.03 11.21 -24.89
C ALA B 298 -6.93 11.80 -23.82
N LYS B 299 -7.94 11.03 -23.41
CA LYS B 299 -8.83 11.48 -22.36
C LYS B 299 -8.09 11.43 -21.04
N ALA B 300 -7.31 12.48 -20.77
CA ALA B 300 -6.54 12.57 -19.54
C ALA B 300 -6.18 14.01 -19.30
N GLY B 301 -5.28 14.54 -20.12
CA GLY B 301 -4.89 15.92 -19.96
C GLY B 301 -6.04 16.85 -20.32
N ILE B 302 -6.01 18.07 -19.79
CA ILE B 302 -7.05 19.05 -20.06
C ILE B 302 -6.46 20.35 -20.62
N ALA B 303 -7.20 20.99 -21.52
CA ALA B 303 -6.76 22.22 -22.14
C ALA B 303 -7.48 23.42 -21.53
N LEU B 304 -6.76 24.51 -21.34
CA LEU B 304 -7.32 25.73 -20.76
C LEU B 304 -7.69 26.70 -21.88
N ASN B 305 -7.33 26.32 -23.10
CA ASN B 305 -7.58 27.08 -24.32
C ASN B 305 -6.53 26.72 -25.35
N ASP B 306 -6.72 27.18 -26.57
CA ASP B 306 -5.80 26.91 -27.68
C ASP B 306 -4.42 27.56 -27.45
N ASN B 307 -4.04 27.76 -26.20
CA ASN B 307 -2.76 28.41 -25.92
C ASN B 307 -2.22 28.18 -24.52
N PHE B 308 -2.54 27.03 -23.94
CA PHE B 308 -2.09 26.71 -22.59
C PHE B 308 -2.82 25.44 -22.21
N VAL B 309 -2.16 24.31 -22.43
CA VAL B 309 -2.78 23.02 -22.16
C VAL B 309 -1.92 22.09 -21.34
N LYS B 310 -2.55 21.12 -20.69
CA LYS B 310 -1.83 20.14 -19.87
C LYS B 310 -1.77 18.77 -20.54
N LEU B 311 -0.63 18.44 -21.12
CA LEU B 311 -0.45 17.15 -21.77
C LEU B 311 0.18 16.13 -20.83
N VAL B 312 -0.55 15.06 -20.58
CA VAL B 312 -0.09 14.00 -19.68
C VAL B 312 0.19 12.71 -20.42
N ALA B 313 1.29 12.04 -20.07
CA ALA B 313 1.69 10.79 -20.70
C ALA B 313 2.27 9.81 -19.70
N TRP B 314 2.05 8.52 -19.95
CA TRP B 314 2.55 7.48 -19.07
C TRP B 314 3.83 6.84 -19.60
N TYR B 315 4.49 6.08 -18.74
CA TYR B 315 5.72 5.41 -19.12
C TYR B 315 6.21 4.51 -17.99
N ASP B 316 6.27 3.21 -18.27
CA ASP B 316 6.74 2.23 -17.29
C ASP B 316 8.21 2.49 -17.03
N ASN B 317 8.50 3.33 -16.03
CA ASN B 317 9.88 3.68 -15.67
C ASN B 317 10.88 2.55 -15.89
N GLU B 318 10.45 1.34 -15.58
CA GLU B 318 11.30 0.17 -15.72
C GLU B 318 11.40 -0.44 -17.11
N TRP B 319 10.31 -1.06 -17.57
CA TRP B 319 10.31 -1.72 -18.88
C TRP B 319 10.47 -0.83 -20.09
N GLY B 320 9.72 0.27 -20.12
CA GLY B 320 9.82 1.18 -21.24
C GLY B 320 11.25 1.65 -21.42
N TYR B 321 11.93 1.86 -20.30
CA TYR B 321 13.31 2.31 -20.32
C TYR B 321 14.24 1.16 -20.65
N SER B 322 14.19 0.09 -19.85
CA SER B 322 15.05 -1.05 -20.09
C SER B 322 15.02 -1.45 -21.55
N ASN B 323 13.95 -1.08 -22.24
CA ASN B 323 13.81 -1.41 -23.66
C ASN B 323 14.56 -0.39 -24.53
N ARG B 324 14.49 0.89 -24.15
CA ARG B 324 15.17 1.94 -24.90
C ARG B 324 16.70 1.82 -24.79
N VAL B 325 17.20 1.25 -23.70
CA VAL B 325 18.64 1.09 -23.55
C VAL B 325 19.13 0.18 -24.67
N ILE B 326 18.43 -0.93 -24.88
CA ILE B 326 18.75 -1.89 -25.93
C ILE B 326 18.62 -1.23 -27.31
N ASP B 327 17.71 -0.27 -27.39
CA ASP B 327 17.46 0.46 -28.64
C ASP B 327 18.57 1.47 -28.97
N LEU B 328 19.26 1.95 -27.94
CA LEU B 328 20.35 2.89 -28.16
C LEU B 328 21.64 2.13 -28.47
N ILE B 329 21.64 0.83 -28.19
CA ILE B 329 22.79 -0.03 -28.47
C ILE B 329 22.62 -0.54 -29.90
N ARG B 330 21.36 -0.58 -30.34
CA ARG B 330 21.02 -1.02 -31.69
C ARG B 330 21.43 0.06 -32.69
N HIS B 331 21.31 1.31 -32.25
CA HIS B 331 21.67 2.46 -33.07
C HIS B 331 23.18 2.59 -33.20
N MET B 332 23.88 2.56 -32.06
CA MET B 332 25.34 2.66 -32.05
C MET B 332 25.91 1.51 -32.88
N ALA B 333 25.17 0.40 -32.90
CA ALA B 333 25.57 -0.79 -33.63
C ALA B 333 25.30 -0.71 -35.14
N LYS B 334 24.68 0.39 -35.57
CA LYS B 334 24.38 0.56 -36.98
C LYS B 334 24.96 1.84 -37.54
N THR B 335 25.85 2.51 -36.80
CA THR B 335 26.44 3.74 -37.30
C THR B 335 27.72 3.43 -38.10
N GLY C 1 -25.79 31.62 21.76
CA GLY C 1 -24.88 31.16 22.76
C GLY C 1 -24.57 29.69 22.65
N LYS C 2 -23.47 29.37 21.95
CA LYS C 2 -23.00 28.00 21.75
C LYS C 2 -23.79 27.23 20.69
N ILE C 3 -23.91 27.83 19.50
CA ILE C 3 -24.61 27.25 18.34
C ILE C 3 -24.76 25.73 18.33
N LYS C 4 -26.01 25.26 18.32
CA LYS C 4 -26.28 23.82 18.32
C LYS C 4 -26.51 23.30 16.91
N ILE C 5 -25.74 22.28 16.51
CA ILE C 5 -25.87 21.71 15.17
C ILE C 5 -25.82 20.18 15.13
N GLY C 6 -26.25 19.62 14.00
CA GLY C 6 -26.24 18.17 13.83
C GLY C 6 -25.71 17.76 12.48
N ILE C 7 -25.06 16.60 12.42
CA ILE C 7 -24.50 16.11 11.17
C ILE C 7 -25.34 15.00 10.53
N ASN C 8 -25.63 15.15 9.25
CA ASN C 8 -26.36 14.13 8.51
C ASN C 8 -25.29 13.37 7.74
N GLY C 9 -25.02 12.15 8.17
CA GLY C 9 -23.99 11.34 7.53
C GLY C 9 -22.75 11.35 8.40
N PHE C 10 -22.48 10.23 9.06
CA PHE C 10 -21.32 10.13 9.95
C PHE C 10 -20.06 9.63 9.26
N GLY C 11 -20.02 9.73 7.94
CA GLY C 11 -18.85 9.31 7.20
C GLY C 11 -17.61 10.00 7.72
N ARG C 12 -16.47 9.74 7.08
CA ARG C 12 -15.21 10.35 7.49
C ARG C 12 -15.38 11.79 7.94
N ILE C 13 -16.09 12.59 7.15
CA ILE C 13 -16.29 13.99 7.50
C ILE C 13 -17.19 14.17 8.71
N GLY C 14 -18.12 13.25 8.89
CA GLY C 14 -19.01 13.36 10.03
C GLY C 14 -18.21 13.31 11.32
N ARG C 15 -17.74 12.13 11.67
CA ARG C 15 -16.96 11.93 12.88
C ARG C 15 -15.87 12.99 13.00
N LEU C 16 -15.18 13.26 11.89
CA LEU C 16 -14.12 14.25 11.90
C LEU C 16 -14.64 15.63 12.25
N VAL C 17 -15.77 16.02 11.66
CA VAL C 17 -16.34 17.33 11.95
C VAL C 17 -16.71 17.37 13.42
N ALA C 18 -17.43 16.35 13.87
CA ALA C 18 -17.84 16.27 15.27
C ALA C 18 -16.63 16.49 16.16
N ARG C 19 -15.55 15.78 15.86
CA ARG C 19 -14.31 15.89 16.63
C ARG C 19 -13.85 17.33 16.77
N VAL C 20 -14.28 18.19 15.85
CA VAL C 20 -13.92 19.60 15.88
C VAL C 20 -14.91 20.38 16.74
N ALA C 21 -16.15 19.89 16.81
CA ALA C 21 -17.21 20.53 17.59
C ALA C 21 -17.24 20.04 19.03
N LEU C 22 -17.32 18.73 19.23
CA LEU C 22 -17.35 18.16 20.57
C LEU C 22 -16.06 18.50 21.28
N GLN C 23 -15.17 19.16 20.53
CA GLN C 23 -13.91 19.61 21.07
C GLN C 23 -14.07 21.10 21.29
N SER C 24 -14.56 21.78 20.25
CA SER C 24 -14.77 23.22 20.31
C SER C 24 -15.65 23.59 21.49
N GLU C 25 -15.55 24.85 21.90
CA GLU C 25 -16.32 25.35 23.03
C GLU C 25 -17.24 26.46 22.57
N ASP C 26 -17.48 26.53 21.27
CA ASP C 26 -18.37 27.56 20.75
C ASP C 26 -19.42 26.95 19.82
N VAL C 27 -19.49 25.62 19.82
CA VAL C 27 -20.47 24.89 19.03
C VAL C 27 -20.73 23.61 19.82
N GLU C 28 -21.94 23.06 19.69
CA GLU C 28 -22.29 21.86 20.44
C GLU C 28 -23.11 20.85 19.65
N LEU C 29 -22.45 19.84 19.13
CA LEU C 29 -23.14 18.81 18.36
C LEU C 29 -24.29 18.27 19.21
N VAL C 30 -25.49 18.20 18.63
CA VAL C 30 -26.68 17.74 19.36
C VAL C 30 -27.40 16.52 18.79
N ALA C 31 -27.38 16.35 17.47
CA ALA C 31 -28.06 15.21 16.87
C ALA C 31 -27.33 14.72 15.63
N VAL C 32 -27.28 13.41 15.45
CA VAL C 32 -26.61 12.79 14.32
C VAL C 32 -27.51 11.81 13.59
N ASN C 33 -27.24 11.57 12.31
CA ASN C 33 -28.04 10.63 11.55
C ASN C 33 -27.29 9.94 10.42
N ASP C 34 -27.27 8.61 10.49
CA ASP C 34 -26.63 7.74 9.50
C ASP C 34 -27.45 6.45 9.54
N PRO C 35 -28.42 6.32 8.62
CA PRO C 35 -29.28 5.15 8.53
C PRO C 35 -28.55 3.83 8.41
N PHE C 36 -27.22 3.88 8.35
CA PHE C 36 -26.41 2.67 8.21
C PHE C 36 -25.59 2.35 9.45
N ILE C 37 -25.31 3.35 10.27
CA ILE C 37 -24.54 3.15 11.49
C ILE C 37 -25.42 3.19 12.72
N THR C 38 -26.01 2.05 13.07
CA THR C 38 -26.87 1.97 14.24
C THR C 38 -26.03 2.37 15.45
N THR C 39 -26.64 3.10 16.38
CA THR C 39 -25.97 3.58 17.59
C THR C 39 -24.75 2.79 18.03
N ASP C 40 -24.92 1.49 18.24
CA ASP C 40 -23.81 0.63 18.68
C ASP C 40 -22.57 0.80 17.79
N TYR C 41 -22.77 0.54 16.51
CA TYR C 41 -21.71 0.64 15.51
C TYR C 41 -21.24 2.06 15.35
N MET C 42 -21.80 2.97 16.15
CA MET C 42 -21.42 4.36 16.08
C MET C 42 -20.34 4.69 17.09
N THR C 43 -20.51 4.20 18.32
CA THR C 43 -19.52 4.45 19.36
C THR C 43 -18.17 3.91 18.91
N TYR C 44 -18.12 2.63 18.55
CA TYR C 44 -16.89 2.02 18.08
C TYR C 44 -16.26 2.83 16.95
N MET C 45 -17.10 3.56 16.21
CA MET C 45 -16.60 4.39 15.11
C MET C 45 -16.02 5.70 15.59
N PHE C 46 -16.89 6.63 15.96
CA PHE C 46 -16.46 7.95 16.43
C PHE C 46 -15.20 7.93 17.29
N LYS C 47 -14.94 6.80 17.93
CA LYS C 47 -13.78 6.67 18.80
C LYS C 47 -12.48 6.25 18.10
N TYR C 48 -12.42 5.00 17.66
CA TYR C 48 -11.23 4.48 17.01
C TYR C 48 -11.11 4.89 15.54
N ASP C 49 -10.00 5.54 15.19
CA ASP C 49 -9.77 5.96 13.82
C ASP C 49 -8.42 5.42 13.31
N THR C 50 -8.31 5.29 11.99
CA THR C 50 -7.11 4.75 11.34
C THR C 50 -6.19 5.83 10.81
N VAL C 51 -6.67 7.07 10.74
CA VAL C 51 -5.87 8.15 10.20
C VAL C 51 -5.53 9.27 11.19
N HIS C 52 -6.45 9.57 12.11
CA HIS C 52 -6.25 10.63 13.10
C HIS C 52 -6.23 10.16 14.54
N GLY C 53 -5.56 9.05 14.79
CA GLY C 53 -5.48 8.53 16.13
C GLY C 53 -6.82 8.32 16.84
N GLN C 54 -6.73 7.61 17.95
CA GLN C 54 -7.89 7.29 18.78
C GLN C 54 -8.50 8.57 19.33
N TRP C 55 -9.76 8.50 19.75
CA TRP C 55 -10.40 9.68 20.32
C TRP C 55 -10.19 9.67 21.82
N LYS C 56 -9.64 10.75 22.35
CA LYS C 56 -9.38 10.85 23.78
C LYS C 56 -9.54 12.29 24.30
N HIS C 57 -10.75 12.80 24.15
CA HIS C 57 -11.10 14.16 24.58
C HIS C 57 -12.42 14.18 25.35
N SER C 58 -13.10 13.04 25.40
CA SER C 58 -14.37 12.93 26.10
C SER C 58 -14.92 11.52 26.02
N ASP C 59 -15.11 10.91 27.18
CA ASP C 59 -15.64 9.55 27.28
C ASP C 59 -16.80 9.32 26.32
N ILE C 60 -16.86 8.11 25.75
CA ILE C 60 -17.92 7.72 24.80
C ILE C 60 -18.72 6.54 25.31
N LYS C 61 -19.93 6.80 25.82
CA LYS C 61 -20.80 5.74 26.32
C LYS C 61 -22.24 5.97 25.85
N ILE C 62 -22.94 4.89 25.53
CA ILE C 62 -24.33 4.98 25.05
C ILE C 62 -25.33 4.97 26.21
N LYS C 63 -26.09 6.04 26.37
CA LYS C 63 -27.08 6.11 27.44
C LYS C 63 -28.29 5.24 27.12
N ASP C 64 -28.60 5.13 25.83
CA ASP C 64 -29.71 4.30 25.40
C ASP C 64 -29.75 4.20 23.88
N SER C 65 -30.48 3.20 23.40
CA SER C 65 -30.61 2.94 21.97
C SER C 65 -30.99 4.14 21.12
N LYS C 66 -31.10 5.31 21.72
CA LYS C 66 -31.50 6.50 20.94
C LYS C 66 -30.69 7.77 21.23
N THR C 67 -29.77 7.71 22.17
CA THR C 67 -28.96 8.87 22.51
C THR C 67 -27.55 8.50 23.02
N LEU C 68 -26.52 9.02 22.34
CA LEU C 68 -25.15 8.74 22.78
C LEU C 68 -24.93 9.57 24.03
N LEU C 69 -23.69 9.93 24.30
CA LEU C 69 -23.36 10.73 25.47
C LEU C 69 -21.86 11.00 25.47
N LEU C 70 -21.43 11.85 24.56
CA LEU C 70 -20.02 12.20 24.44
C LEU C 70 -19.59 13.15 25.54
N GLY C 71 -18.54 12.78 26.26
CA GLY C 71 -18.04 13.61 27.33
C GLY C 71 -19.11 14.10 28.31
N GLU C 72 -20.06 13.23 28.62
CA GLU C 72 -21.14 13.55 29.55
C GLU C 72 -22.03 14.72 29.10
N LYS C 73 -22.21 14.83 27.78
CA LYS C 73 -23.05 15.86 27.15
C LYS C 73 -23.77 15.12 26.04
N PRO C 74 -24.97 14.58 26.32
CA PRO C 74 -25.77 13.81 25.37
C PRO C 74 -25.93 14.34 23.96
N VAL C 75 -26.05 13.41 23.03
CA VAL C 75 -26.23 13.68 21.61
C VAL C 75 -27.21 12.62 21.12
N THR C 76 -28.05 12.97 20.14
CA THR C 76 -29.04 12.02 19.64
C THR C 76 -28.67 11.38 18.31
N VAL C 77 -29.25 10.22 18.04
CA VAL C 77 -28.98 9.51 16.80
C VAL C 77 -30.29 9.01 16.20
N PHE C 78 -30.44 9.21 14.89
CA PHE C 78 -31.63 8.75 14.19
C PHE C 78 -31.17 7.72 13.17
N GLY C 79 -32.06 6.82 12.78
CA GLY C 79 -31.72 5.80 11.80
C GLY C 79 -32.41 6.15 10.50
N ILE C 80 -32.86 7.40 10.44
CA ILE C 80 -33.58 7.93 9.30
C ILE C 80 -32.79 7.95 7.99
N ARG C 81 -33.44 7.51 6.92
CA ARG C 81 -32.82 7.50 5.61
C ARG C 81 -33.14 8.82 4.93
N ASN C 82 -34.42 9.05 4.64
CA ASN C 82 -34.88 10.28 3.99
C ASN C 82 -34.63 11.55 4.83
N PRO C 83 -33.82 12.50 4.32
CA PRO C 83 -33.51 13.76 5.03
C PRO C 83 -34.71 14.35 5.76
N ASP C 84 -35.50 15.13 5.04
CA ASP C 84 -36.69 15.79 5.58
C ASP C 84 -37.37 15.10 6.77
N GLU C 85 -37.47 13.77 6.71
CA GLU C 85 -38.10 12.98 7.76
C GLU C 85 -37.30 12.90 9.05
N ILE C 86 -36.29 13.77 9.16
CA ILE C 86 -35.43 13.81 10.34
C ILE C 86 -35.81 15.00 11.21
N PRO C 87 -36.28 14.74 12.44
CA PRO C 87 -36.68 15.78 13.39
C PRO C 87 -35.52 16.59 13.96
N TRP C 88 -34.84 17.33 13.10
CA TRP C 88 -33.70 18.15 13.50
C TRP C 88 -34.04 19.15 14.60
N ALA C 89 -35.22 19.75 14.49
CA ALA C 89 -35.68 20.74 15.46
C ALA C 89 -35.76 20.19 16.88
N GLU C 90 -36.17 18.93 17.00
CA GLU C 90 -36.31 18.29 18.31
C GLU C 90 -35.05 18.25 19.18
N ALA C 91 -33.90 18.03 18.57
CA ALA C 91 -32.66 18.00 19.34
C ALA C 91 -32.31 19.46 19.59
N GLY C 92 -32.17 20.22 18.51
CA GLY C 92 -31.83 21.62 18.61
C GLY C 92 -30.85 22.05 17.54
N ALA C 93 -30.97 21.44 16.36
CA ALA C 93 -30.07 21.74 15.25
C ALA C 93 -30.32 23.08 14.57
N GLU C 94 -29.76 24.15 15.11
CA GLU C 94 -29.92 25.45 14.49
C GLU C 94 -29.22 25.36 13.14
N TYR C 95 -28.34 24.37 13.03
CA TYR C 95 -27.58 24.11 11.81
C TYR C 95 -27.45 22.62 11.59
N VAL C 96 -27.22 22.20 10.36
CA VAL C 96 -27.06 20.78 10.04
C VAL C 96 -26.00 20.56 8.99
N VAL C 97 -25.11 19.60 9.24
CA VAL C 97 -24.04 19.31 8.30
C VAL C 97 -24.37 18.09 7.42
N GLU C 98 -24.71 18.37 6.16
CA GLU C 98 -25.07 17.34 5.18
C GLU C 98 -23.84 16.72 4.51
N SER C 99 -23.30 15.69 5.13
CA SER C 99 -22.13 15.01 4.59
C SER C 99 -22.46 13.57 4.24
N THR C 100 -22.92 13.36 3.01
CA THR C 100 -23.27 12.02 2.54
C THR C 100 -22.88 11.86 1.07
N GLY C 101 -22.26 12.90 0.53
CA GLY C 101 -21.83 12.86 -0.86
C GLY C 101 -22.99 12.72 -1.82
N VAL C 102 -24.22 12.61 -1.28
CA VAL C 102 -25.40 12.47 -2.13
C VAL C 102 -26.32 13.69 -2.12
N PHE C 103 -27.12 13.84 -1.07
CA PHE C 103 -28.06 14.95 -0.95
C PHE C 103 -27.40 16.32 -0.96
N THR C 104 -26.70 16.62 -2.04
CA THR C 104 -25.97 17.87 -2.20
C THR C 104 -26.59 18.87 -3.16
N ASP C 105 -27.92 18.86 -3.29
CA ASP C 105 -28.60 19.79 -4.17
C ASP C 105 -29.60 20.60 -3.33
N LYS C 106 -29.64 21.92 -3.55
CA LYS C 106 -30.54 22.80 -2.80
C LYS C 106 -31.76 22.06 -2.28
N GLU C 107 -32.60 21.59 -3.19
CA GLU C 107 -33.82 20.86 -2.80
C GLU C 107 -33.51 19.65 -1.94
N LYS C 108 -32.58 18.82 -2.38
CA LYS C 108 -32.20 17.63 -1.61
C LYS C 108 -31.91 18.08 -0.19
N ALA C 109 -30.81 18.83 -0.03
CA ALA C 109 -30.41 19.32 1.27
C ALA C 109 -31.49 20.20 1.91
N ALA C 110 -32.32 20.83 1.07
CA ALA C 110 -33.39 21.70 1.56
C ALA C 110 -34.41 20.92 2.38
N ALA C 111 -34.33 19.60 2.28
CA ALA C 111 -35.22 18.74 3.03
C ALA C 111 -35.14 19.13 4.49
N HIS C 112 -34.05 18.73 5.15
CA HIS C 112 -33.82 19.01 6.56
C HIS C 112 -34.74 20.06 7.13
N LEU C 113 -34.67 21.26 6.55
CA LEU C 113 -35.50 22.37 6.97
C LEU C 113 -36.88 21.90 7.48
N LYS C 114 -37.44 20.91 6.81
CA LYS C 114 -38.74 20.36 7.19
C LYS C 114 -38.75 19.83 8.61
N GLY C 115 -37.72 19.04 8.95
CA GLY C 115 -37.65 18.52 10.30
C GLY C 115 -37.50 19.66 11.28
N GLY C 116 -36.83 20.73 10.86
CA GLY C 116 -36.63 21.87 11.73
C GLY C 116 -35.39 22.67 11.37
N ALA C 117 -34.23 22.00 11.33
CA ALA C 117 -32.95 22.63 11.02
C ALA C 117 -33.10 23.95 10.29
N LYS C 118 -32.79 25.04 10.96
CA LYS C 118 -32.88 26.36 10.35
C LYS C 118 -31.90 26.54 9.21
N LYS C 119 -30.79 25.79 9.24
CA LYS C 119 -29.76 25.89 8.21
C LYS C 119 -29.11 24.53 7.88
N VAL C 120 -28.74 24.34 6.62
CA VAL C 120 -28.08 23.11 6.15
C VAL C 120 -26.85 23.50 5.35
N VAL C 121 -25.70 22.96 5.72
CA VAL C 121 -24.46 23.29 5.03
C VAL C 121 -23.85 22.09 4.31
N ILE C 122 -24.06 22.01 3.00
CA ILE C 122 -23.53 20.89 2.21
C ILE C 122 -22.02 20.82 2.28
N SER C 123 -21.49 19.60 2.37
CA SER C 123 -20.05 19.38 2.44
C SER C 123 -19.54 18.82 1.11
N ALA C 124 -19.80 19.54 0.03
CA ALA C 124 -19.39 19.15 -1.30
C ALA C 124 -19.99 20.16 -2.27
N PRO C 125 -19.19 20.70 -3.21
CA PRO C 125 -19.74 21.68 -4.16
C PRO C 125 -21.12 21.28 -4.69
N SER C 126 -22.09 22.18 -4.54
CA SER C 126 -23.44 21.91 -5.00
C SER C 126 -23.71 22.54 -6.35
N LYS C 127 -24.70 22.01 -7.05
CA LYS C 127 -25.06 22.50 -8.37
C LYS C 127 -25.85 23.81 -8.28
N ASP C 128 -26.68 23.93 -7.25
CA ASP C 128 -27.50 25.12 -7.06
C ASP C 128 -27.30 25.87 -5.74
N ALA C 129 -26.31 25.48 -4.95
CA ALA C 129 -26.04 26.13 -3.67
C ALA C 129 -24.81 27.03 -3.80
N PRO C 130 -24.81 28.18 -3.10
CA PRO C 130 -23.68 29.12 -3.15
C PRO C 130 -22.49 28.71 -2.26
N MET C 131 -21.46 28.18 -2.91
CA MET C 131 -20.25 27.73 -2.25
C MET C 131 -19.43 28.90 -1.72
N PHE C 132 -18.74 28.68 -0.61
CA PHE C 132 -17.90 29.71 0.00
C PHE C 132 -16.59 29.08 0.47
N VAL C 133 -15.55 29.91 0.60
CA VAL C 133 -14.24 29.42 1.03
C VAL C 133 -13.62 30.29 2.12
N CYS C 134 -13.85 29.93 3.38
CA CYS C 134 -13.29 30.70 4.50
C CYS C 134 -11.88 31.21 4.22
N GLY C 135 -11.81 32.48 3.82
CA GLY C 135 -10.53 33.08 3.50
C GLY C 135 -10.62 33.69 2.12
N VAL C 136 -11.85 33.80 1.62
CA VAL C 136 -12.09 34.37 0.29
C VAL C 136 -13.42 35.12 0.22
N ASN C 137 -14.51 34.37 0.06
CA ASN C 137 -15.83 34.95 -0.06
C ASN C 137 -16.83 34.51 1.01
N GLU C 138 -16.36 34.20 2.22
CA GLU C 138 -17.29 33.76 3.26
C GLU C 138 -18.10 34.91 3.83
N ASP C 139 -18.10 36.03 3.14
CA ASP C 139 -18.85 37.20 3.57
C ASP C 139 -20.03 37.40 2.63
N LYS C 140 -19.94 36.75 1.47
CA LYS C 140 -20.98 36.81 0.46
C LYS C 140 -22.17 36.00 0.99
N TYR C 141 -22.12 35.74 2.30
CA TYR C 141 -23.18 35.00 2.97
C TYR C 141 -24.19 36.01 3.51
N THR C 142 -25.40 35.53 3.78
CA THR C 142 -26.49 36.35 4.30
C THR C 142 -27.45 35.50 5.12
N SER C 143 -28.03 36.08 6.16
CA SER C 143 -28.93 35.34 7.02
C SER C 143 -30.21 34.90 6.31
N ASP C 144 -30.32 35.23 5.02
CA ASP C 144 -31.51 34.88 4.24
C ASP C 144 -31.32 33.63 3.40
N ILE C 145 -30.13 33.04 3.43
CA ILE C 145 -29.88 31.82 2.66
C ILE C 145 -29.75 30.69 3.67
N ASP C 146 -30.54 29.65 3.46
CA ASP C 146 -30.55 28.51 4.35
C ASP C 146 -29.67 27.37 3.86
N ILE C 147 -29.87 26.95 2.62
CA ILE C 147 -29.05 25.88 2.08
C ILE C 147 -27.81 26.50 1.44
N VAL C 148 -26.65 25.92 1.74
CA VAL C 148 -25.37 26.41 1.20
C VAL C 148 -24.36 25.29 1.17
N SER C 149 -23.42 25.37 0.25
CA SER C 149 -22.37 24.37 0.10
C SER C 149 -21.02 24.95 0.51
N ASN C 150 -20.17 24.11 1.10
CA ASN C 150 -18.85 24.53 1.56
C ASN C 150 -17.66 23.97 0.73
N ALA C 151 -17.53 24.46 -0.50
CA ALA C 151 -16.46 24.05 -1.41
C ALA C 151 -16.10 22.57 -1.29
N SER C 152 -14.86 22.23 -1.62
CA SER C 152 -14.40 20.84 -1.56
C SER C 152 -12.96 20.70 -1.09
N CYS C 153 -12.63 19.51 -0.62
CA CYS C 153 -11.28 19.21 -0.13
C CYS C 153 -10.20 19.98 -0.88
N THR C 154 -10.39 20.16 -2.18
CA THR C 154 -9.42 20.88 -3.00
C THR C 154 -9.69 22.38 -3.15
N THR C 155 -10.91 22.75 -3.56
CA THR C 155 -11.25 24.17 -3.75
C THR C 155 -10.78 25.01 -2.59
N ASN C 156 -10.83 24.43 -1.40
CA ASN C 156 -10.42 25.11 -0.17
C ASN C 156 -8.90 25.24 -0.09
N CYS C 157 -8.22 24.64 -1.05
CA CYS C 157 -6.76 24.69 -1.08
C CYS C 157 -6.26 25.61 -2.19
N LEU C 158 -6.86 25.49 -3.37
CA LEU C 158 -6.48 26.31 -4.52
C LEU C 158 -6.95 27.73 -4.30
N ALA C 159 -8.18 27.87 -3.81
CA ALA C 159 -8.77 29.18 -3.56
C ALA C 159 -7.85 30.12 -2.76
N PRO C 160 -7.64 29.86 -1.46
CA PRO C 160 -6.76 30.77 -0.73
C PRO C 160 -5.37 31.00 -1.35
N LEU C 161 -4.85 30.04 -2.08
CA LEU C 161 -3.54 30.25 -2.70
C LEU C 161 -3.66 31.23 -3.85
N ALA C 162 -4.51 30.90 -4.82
CA ALA C 162 -4.71 31.76 -5.99
C ALA C 162 -5.16 33.12 -5.53
N LYS C 163 -5.61 33.17 -4.28
CA LYS C 163 -6.06 34.40 -3.64
C LYS C 163 -4.84 35.28 -3.40
N VAL C 164 -3.90 34.78 -2.59
CA VAL C 164 -2.69 35.51 -2.25
C VAL C 164 -1.85 35.90 -3.45
N ILE C 165 -1.86 35.10 -4.52
CA ILE C 165 -1.06 35.45 -5.70
C ILE C 165 -1.81 36.43 -6.59
N HIS C 166 -3.12 36.39 -6.57
CA HIS C 166 -3.88 37.32 -7.39
C HIS C 166 -3.95 38.64 -6.63
N ASP C 167 -3.94 38.55 -5.29
CA ASP C 167 -3.98 39.73 -4.42
C ASP C 167 -2.61 40.41 -4.40
N ASN C 168 -1.58 39.70 -4.84
CA ASN C 168 -0.22 40.22 -4.84
C ASN C 168 0.60 40.03 -6.11
N PHE C 169 0.02 39.52 -7.19
CA PHE C 169 0.81 39.33 -8.42
C PHE C 169 0.10 39.51 -9.76
N GLY C 170 -0.93 38.72 -10.03
CA GLY C 170 -1.65 38.82 -11.30
C GLY C 170 -1.73 37.50 -12.05
N ILE C 171 -2.84 36.79 -11.87
CA ILE C 171 -3.05 35.49 -12.51
C ILE C 171 -3.64 35.60 -13.91
N ILE C 172 -2.86 35.23 -14.93
CA ILE C 172 -3.34 35.27 -16.31
C ILE C 172 -4.05 33.97 -16.54
N GLU C 173 -3.32 32.90 -16.33
CA GLU C 173 -3.85 31.56 -16.48
C GLU C 173 -3.22 30.72 -15.39
N GLY C 174 -2.93 29.47 -15.68
CA GLY C 174 -2.35 28.61 -14.68
C GLY C 174 -3.21 27.38 -14.53
N LEU C 175 -2.60 26.20 -14.64
CA LEU C 175 -3.33 24.96 -14.52
C LEU C 175 -3.02 24.30 -13.20
N MET C 176 -3.92 23.42 -12.78
CA MET C 176 -3.73 22.71 -11.52
C MET C 176 -3.71 21.20 -11.76
N THR C 177 -3.26 20.48 -10.75
CA THR C 177 -3.20 19.03 -10.81
C THR C 177 -3.08 18.61 -9.35
N THR C 178 -3.78 17.55 -8.96
CA THR C 178 -3.73 17.10 -7.58
C THR C 178 -3.43 15.63 -7.37
N VAL C 179 -2.37 15.38 -6.61
CA VAL C 179 -1.98 14.02 -6.26
C VAL C 179 -2.77 13.80 -4.98
N HIS C 180 -4.06 13.52 -5.16
CA HIS C 180 -5.03 13.32 -4.09
C HIS C 180 -5.24 11.88 -3.63
N ALA C 181 -5.28 11.69 -2.31
CA ALA C 181 -5.45 10.38 -1.67
C ALA C 181 -6.73 9.65 -2.02
N ILE C 182 -6.87 8.43 -1.52
CA ILE C 182 -8.07 7.65 -1.80
C ILE C 182 -9.28 8.30 -1.14
N THR C 183 -10.43 7.65 -1.28
CA THR C 183 -11.69 8.14 -0.71
C THR C 183 -12.67 6.97 -0.67
N ALA C 184 -13.65 7.05 0.22
CA ALA C 184 -14.63 5.99 0.35
C ALA C 184 -15.54 5.93 -0.87
N THR C 185 -15.16 6.65 -1.92
CA THR C 185 -15.94 6.66 -3.16
C THR C 185 -15.36 5.68 -4.17
N GLN C 186 -14.12 5.27 -3.93
CA GLN C 186 -13.43 4.35 -4.82
C GLN C 186 -13.59 2.90 -4.33
N LYS C 187 -13.27 1.95 -5.20
CA LYS C 187 -13.37 0.54 -4.83
C LYS C 187 -11.99 0.05 -4.41
N THR C 188 -11.92 -1.09 -3.73
CA THR C 188 -10.64 -1.63 -3.28
C THR C 188 -9.97 -2.40 -4.40
N VAL C 189 -10.78 -3.17 -5.12
CA VAL C 189 -10.28 -3.95 -6.24
C VAL C 189 -11.06 -3.49 -7.47
N ASP C 190 -10.59 -3.86 -8.65
CA ASP C 190 -11.26 -3.48 -9.88
C ASP C 190 -12.75 -3.76 -9.70
N GLY C 191 -13.54 -2.70 -9.71
CA GLY C 191 -14.96 -2.84 -9.53
C GLY C 191 -15.79 -1.95 -10.43
N PRO C 192 -17.05 -2.34 -10.67
CA PRO C 192 -17.90 -1.51 -11.53
C PRO C 192 -18.07 -0.15 -10.92
N SER C 193 -17.85 0.88 -11.72
CA SER C 193 -18.04 2.25 -11.26
C SER C 193 -18.88 2.89 -12.35
N SER C 194 -20.19 2.83 -12.12
CA SER C 194 -21.18 3.38 -13.02
C SER C 194 -20.63 4.55 -13.82
N LYS C 195 -20.55 5.71 -13.16
CA LYS C 195 -20.08 6.95 -13.78
C LYS C 195 -18.57 7.17 -13.88
N ASP C 196 -17.79 6.63 -12.95
CA ASP C 196 -16.35 6.84 -12.97
C ASP C 196 -15.53 5.58 -13.23
N TRP C 197 -15.44 5.18 -14.51
CA TRP C 197 -14.70 3.98 -14.88
C TRP C 197 -13.31 3.92 -14.24
N ARG C 198 -12.45 4.89 -14.55
CA ARG C 198 -11.11 4.90 -13.98
C ARG C 198 -11.22 4.69 -12.48
N GLY C 199 -12.23 5.33 -11.88
CA GLY C 199 -12.46 5.22 -10.45
C GLY C 199 -12.94 3.85 -10.01
N GLY C 200 -13.21 2.98 -10.97
CA GLY C 200 -13.68 1.65 -10.64
C GLY C 200 -12.55 0.66 -10.60
N ARG C 201 -11.32 1.17 -10.54
CA ARG C 201 -10.14 0.31 -10.52
C ARG C 201 -9.49 0.28 -9.14
N ALA C 202 -8.73 -0.79 -8.89
CA ALA C 202 -8.04 -0.96 -7.61
C ALA C 202 -7.55 0.40 -7.07
N ALA C 203 -8.01 0.75 -5.88
CA ALA C 203 -7.66 2.01 -5.26
C ALA C 203 -6.18 2.14 -4.93
N SER C 204 -5.72 1.36 -3.95
CA SER C 204 -4.32 1.40 -3.52
C SER C 204 -3.38 0.50 -4.31
N PHE C 205 -3.54 0.51 -5.63
CA PHE C 205 -2.70 -0.28 -6.52
C PHE C 205 -2.55 0.39 -7.87
N ASN C 206 -3.24 1.51 -8.03
CA ASN C 206 -3.16 2.24 -9.28
C ASN C 206 -2.93 3.72 -9.09
N ILE C 207 -2.51 4.37 -10.18
CA ILE C 207 -2.29 5.79 -10.21
C ILE C 207 -3.46 6.26 -11.05
N ILE C 208 -4.65 6.11 -10.48
CA ILE C 208 -5.89 6.47 -11.13
C ILE C 208 -6.12 7.97 -11.21
N PRO C 209 -6.06 8.53 -12.42
CA PRO C 209 -6.27 9.97 -12.61
C PRO C 209 -7.75 10.24 -12.78
N SER C 210 -8.15 11.47 -12.53
CA SER C 210 -9.56 11.82 -12.67
C SER C 210 -9.69 13.34 -12.68
N SER C 211 -10.79 13.82 -13.26
CA SER C 211 -11.03 15.24 -13.35
C SER C 211 -11.54 15.79 -12.03
N THR C 212 -11.41 17.10 -11.87
CA THR C 212 -11.84 17.77 -10.66
C THR C 212 -12.37 19.15 -11.01
N GLY C 213 -13.68 19.34 -10.85
CA GLY C 213 -14.29 20.62 -11.14
C GLY C 213 -13.68 21.75 -10.32
N ALA C 214 -13.16 21.41 -9.14
CA ALA C 214 -12.53 22.37 -8.23
C ALA C 214 -11.73 23.40 -9.02
N ALA C 215 -11.20 22.95 -10.14
CA ALA C 215 -10.40 23.78 -11.04
C ALA C 215 -11.09 25.11 -11.24
N LYS C 216 -12.06 25.12 -12.16
CA LYS C 216 -12.82 26.32 -12.46
C LYS C 216 -14.07 26.36 -11.58
N ALA C 217 -13.97 25.73 -10.42
CA ALA C 217 -15.04 25.72 -9.43
C ALA C 217 -14.62 26.86 -8.51
N VAL C 218 -13.39 27.30 -8.73
CA VAL C 218 -12.78 28.40 -8.00
C VAL C 218 -13.06 29.67 -8.81
N GLY C 219 -13.74 29.47 -9.93
CA GLY C 219 -14.10 30.58 -10.80
C GLY C 219 -15.44 31.12 -10.33
N LYS C 220 -15.93 30.54 -9.24
CA LYS C 220 -17.19 30.94 -8.62
C LYS C 220 -16.89 31.62 -7.30
N VAL C 221 -15.96 31.07 -6.52
CA VAL C 221 -15.58 31.66 -5.24
C VAL C 221 -14.80 32.95 -5.45
N LEU C 222 -14.00 32.97 -6.51
CA LEU C 222 -13.24 34.16 -6.88
C LEU C 222 -13.64 34.45 -8.30
N PRO C 223 -14.84 35.01 -8.49
CA PRO C 223 -15.44 35.36 -9.76
C PRO C 223 -14.48 36.06 -10.71
N ASP C 224 -13.40 36.60 -10.17
CA ASP C 224 -12.43 37.30 -11.00
C ASP C 224 -11.66 36.34 -11.89
N LEU C 225 -11.24 35.22 -11.33
CA LEU C 225 -10.51 34.22 -12.08
C LEU C 225 -11.50 33.34 -12.85
N ASN C 226 -12.10 33.91 -13.89
CA ASN C 226 -13.05 33.15 -14.69
C ASN C 226 -12.35 32.48 -15.86
N GLY C 227 -12.32 31.15 -15.82
CA GLY C 227 -11.67 30.41 -16.89
C GLY C 227 -10.17 30.47 -16.79
N LYS C 228 -9.65 31.54 -16.20
CA LYS C 228 -8.22 31.72 -16.04
C LYS C 228 -7.54 30.49 -15.43
N LEU C 229 -8.32 29.47 -15.08
CA LEU C 229 -7.77 28.25 -14.50
C LEU C 229 -8.52 27.00 -14.93
N THR C 230 -8.07 25.87 -14.41
CA THR C 230 -8.64 24.55 -14.67
C THR C 230 -7.57 23.49 -14.46
N GLY C 231 -7.98 22.24 -14.33
CA GLY C 231 -7.01 21.16 -14.13
C GLY C 231 -7.61 19.79 -13.90
N MET C 232 -6.77 18.86 -13.46
CA MET C 232 -7.20 17.49 -13.20
C MET C 232 -6.52 16.90 -11.96
N SER C 233 -6.59 15.59 -11.78
CA SER C 233 -5.99 14.96 -10.61
C SER C 233 -5.47 13.55 -10.80
N PHE C 234 -4.82 13.04 -9.75
CA PHE C 234 -4.23 11.70 -9.73
C PHE C 234 -4.43 11.06 -8.35
N ARG C 235 -5.34 10.10 -8.23
CA ARG C 235 -5.57 9.46 -6.94
C ARG C 235 -4.49 8.42 -6.69
N VAL C 236 -3.65 8.66 -5.68
CA VAL C 236 -2.59 7.73 -5.35
C VAL C 236 -2.85 7.05 -4.02
N PRO C 237 -2.37 5.80 -3.87
CA PRO C 237 -2.54 5.02 -2.64
C PRO C 237 -2.06 5.70 -1.37
N THR C 238 -2.93 6.55 -0.80
CA THR C 238 -2.63 7.25 0.44
C THR C 238 -3.96 7.44 1.15
N VAL C 239 -4.00 7.05 2.43
CA VAL C 239 -5.23 7.15 3.21
C VAL C 239 -5.70 8.59 3.40
N ASP C 240 -4.76 9.51 3.59
CA ASP C 240 -5.12 10.90 3.78
C ASP C 240 -4.07 11.89 3.30
N VAL C 241 -4.38 13.17 3.49
CA VAL C 241 -3.51 14.28 3.07
C VAL C 241 -3.47 14.31 1.55
N SER C 242 -3.22 15.48 0.99
CA SER C 242 -3.15 15.64 -0.45
C SER C 242 -2.38 16.90 -0.78
N VAL C 243 -1.89 16.99 -2.02
CA VAL C 243 -1.12 18.15 -2.43
C VAL C 243 -1.59 18.73 -3.76
N VAL C 244 -1.35 20.03 -3.92
CA VAL C 244 -1.72 20.78 -5.12
C VAL C 244 -0.52 21.11 -6.01
N ASP C 245 -0.69 20.95 -7.31
CA ASP C 245 0.34 21.21 -8.29
C ASP C 245 -0.12 22.37 -9.18
N LEU C 246 0.03 23.60 -8.68
CA LEU C 246 -0.39 24.79 -9.41
C LEU C 246 0.69 25.41 -10.31
N THR C 247 0.55 25.19 -11.61
CA THR C 247 1.48 25.74 -12.60
C THR C 247 0.86 27.02 -13.13
N VAL C 248 1.10 28.12 -12.40
CA VAL C 248 0.54 29.41 -12.78
C VAL C 248 1.49 30.31 -13.55
N ARG C 249 0.92 31.10 -14.45
CA ARG C 249 1.68 32.07 -15.23
C ARG C 249 1.21 33.41 -14.72
N ILE C 250 2.15 34.31 -14.44
CA ILE C 250 1.78 35.62 -13.92
C ILE C 250 2.19 36.82 -14.79
N GLU C 251 1.64 37.97 -14.44
CA GLU C 251 1.91 39.22 -15.16
C GLU C 251 2.96 40.09 -14.48
N LYS C 252 2.76 40.43 -13.21
CA LYS C 252 3.72 41.26 -12.51
C LYS C 252 4.97 40.48 -12.15
N ALA C 253 5.92 40.43 -13.07
CA ALA C 253 7.19 39.72 -12.91
C ALA C 253 7.70 39.70 -11.47
N ALA C 254 7.65 38.53 -10.85
CA ALA C 254 8.10 38.35 -9.46
C ALA C 254 9.02 37.15 -9.27
N SER C 255 9.85 37.21 -8.24
CA SER C 255 10.81 36.14 -7.94
C SER C 255 10.19 35.20 -6.92
N TYR C 256 10.58 33.92 -7.00
CA TYR C 256 10.07 32.92 -6.07
C TYR C 256 10.05 33.41 -4.62
N ASP C 257 11.02 34.25 -4.28
CA ASP C 257 11.13 34.78 -2.92
C ASP C 257 10.09 35.85 -2.65
N ALA C 258 9.81 36.68 -3.65
CA ALA C 258 8.84 37.74 -3.51
C ALA C 258 7.47 37.09 -3.34
N ILE C 259 7.42 35.78 -3.55
CA ILE C 259 6.20 35.00 -3.40
C ILE C 259 6.15 34.44 -1.99
N LYS C 260 7.17 33.68 -1.63
CA LYS C 260 7.28 33.09 -0.31
C LYS C 260 6.98 34.16 0.74
N SER C 261 7.69 35.28 0.62
CA SER C 261 7.50 36.40 1.53
C SER C 261 6.02 36.80 1.59
N ALA C 262 5.35 36.69 0.45
CA ALA C 262 3.94 37.05 0.39
C ALA C 262 3.12 35.96 1.03
N ILE C 263 3.20 34.75 0.47
CA ILE C 263 2.46 33.61 0.98
C ILE C 263 2.67 33.40 2.48
N LYS C 264 3.79 33.90 3.01
CA LYS C 264 4.05 33.77 4.44
C LYS C 264 3.39 34.95 5.13
N SER C 265 3.74 36.16 4.67
CA SER C 265 3.18 37.37 5.24
C SER C 265 1.68 37.41 5.00
N ALA C 266 1.17 36.38 4.34
CA ALA C 266 -0.25 36.28 4.06
C ALA C 266 -0.80 35.23 5.00
N SER C 267 0.10 34.40 5.53
CA SER C 267 -0.26 33.34 6.46
C SER C 267 0.04 33.82 7.87
N GLU C 268 0.79 34.90 7.96
CA GLU C 268 1.15 35.45 9.25
C GLU C 268 0.02 36.26 9.87
N GLY C 269 -0.96 36.68 9.07
CA GLY C 269 -2.03 37.47 9.64
C GLY C 269 -3.34 37.55 8.87
N LYS C 270 -3.25 37.64 7.55
CA LYS C 270 -4.44 37.73 6.71
C LYS C 270 -5.23 36.42 6.70
N LEU C 271 -4.57 35.34 6.29
CA LEU C 271 -5.20 34.03 6.27
C LEU C 271 -4.50 33.08 7.24
N LYS C 272 -4.06 33.62 8.37
CA LYS C 272 -3.39 32.84 9.41
C LYS C 272 -4.39 31.82 9.94
N GLY C 273 -4.00 30.55 9.94
CA GLY C 273 -4.90 29.51 10.42
C GLY C 273 -5.85 29.08 9.33
N ILE C 274 -5.84 29.81 8.22
CA ILE C 274 -6.67 29.54 7.06
C ILE C 274 -5.72 29.24 5.90
N ILE C 275 -4.43 29.30 6.21
CA ILE C 275 -3.37 29.01 5.24
C ILE C 275 -2.05 29.01 6.00
N GLY C 276 -1.17 28.07 5.69
CA GLY C 276 0.09 28.00 6.39
C GLY C 276 1.30 28.14 5.52
N TYR C 277 2.46 28.23 6.16
CA TYR C 277 3.74 28.37 5.47
C TYR C 277 4.82 27.56 6.18
N VAL C 278 5.40 26.62 5.44
CA VAL C 278 6.47 25.80 6.00
C VAL C 278 7.58 25.61 4.99
N GLU C 279 8.81 25.63 5.51
CA GLU C 279 9.96 25.48 4.66
C GLU C 279 10.75 24.29 5.17
N GLU C 280 10.19 23.10 5.03
CA GLU C 280 10.90 21.90 5.50
C GLU C 280 10.66 20.67 4.66
N ASP C 281 11.74 19.91 4.46
CA ASP C 281 11.73 18.69 3.67
C ASP C 281 10.76 17.69 4.25
N LEU C 282 9.49 18.06 4.21
CA LEU C 282 8.39 17.24 4.73
C LEU C 282 7.82 16.25 3.72
N VAL C 283 6.68 15.66 4.08
CA VAL C 283 5.99 14.70 3.25
C VAL C 283 4.53 14.68 3.68
N SER C 284 3.69 13.98 2.94
CA SER C 284 2.26 13.93 3.27
C SER C 284 1.96 13.66 4.74
N THR C 285 2.38 12.51 5.26
CA THR C 285 2.10 12.16 6.64
C THR C 285 2.44 13.23 7.67
N ASP C 286 3.45 14.05 7.42
CA ASP C 286 3.81 15.08 8.38
C ASP C 286 2.65 16.04 8.60
N PHE C 287 1.77 16.13 7.61
CA PHE C 287 0.61 17.03 7.65
C PHE C 287 -0.66 16.49 8.27
N VAL C 288 -0.66 15.23 8.67
CA VAL C 288 -1.85 14.65 9.27
C VAL C 288 -2.36 15.48 10.45
N GLY C 289 -3.64 15.83 10.40
CA GLY C 289 -4.23 16.63 11.48
C GLY C 289 -3.85 18.10 11.41
N ASP C 290 -3.92 18.67 10.23
CA ASP C 290 -3.58 20.08 10.04
C ASP C 290 -4.83 20.88 9.75
N SER C 291 -5.23 21.73 10.70
CA SER C 291 -6.43 22.54 10.56
C SER C 291 -6.34 23.62 9.49
N ARG C 292 -5.12 23.92 9.02
CA ARG C 292 -4.96 24.92 7.99
C ARG C 292 -5.64 24.45 6.72
N SER C 293 -6.34 25.37 6.05
CA SER C 293 -7.03 25.05 4.81
C SER C 293 -6.05 24.65 3.71
N SER C 294 -4.85 25.22 3.73
CA SER C 294 -3.87 24.91 2.72
C SER C 294 -2.46 25.36 3.07
N ILE C 295 -1.57 24.39 3.24
CA ILE C 295 -0.16 24.62 3.57
C ILE C 295 0.63 24.87 2.29
N PHE C 296 1.71 25.64 2.40
CA PHE C 296 2.53 25.94 1.24
C PHE C 296 3.95 25.39 1.41
N ASP C 297 4.39 24.60 0.43
CA ASP C 297 5.72 24.00 0.45
C ASP C 297 6.70 24.96 -0.21
N ALA C 298 7.21 25.89 0.58
CA ALA C 298 8.14 26.90 0.11
C ALA C 298 9.36 26.31 -0.61
N LYS C 299 9.53 25.00 -0.51
CA LYS C 299 10.67 24.34 -1.12
C LYS C 299 10.32 23.57 -2.38
N ALA C 300 9.46 22.57 -2.25
CA ALA C 300 9.08 21.75 -3.38
C ALA C 300 8.73 22.56 -4.64
N GLY C 301 8.16 23.75 -4.46
CA GLY C 301 7.77 24.58 -5.59
C GLY C 301 8.91 25.07 -6.46
N ILE C 302 8.65 25.25 -7.75
CA ILE C 302 9.69 25.70 -8.66
C ILE C 302 9.25 26.86 -9.56
N ALA C 303 10.24 27.51 -10.18
CA ALA C 303 9.99 28.63 -11.07
C ALA C 303 10.86 28.59 -12.33
N LEU C 304 10.20 28.73 -13.48
CA LEU C 304 10.86 28.74 -14.79
C LEU C 304 11.45 30.13 -14.98
N ASN C 305 10.64 31.13 -14.65
CA ASN C 305 11.04 32.54 -14.74
C ASN C 305 10.15 33.36 -13.82
N ASP C 306 10.38 34.67 -13.78
CA ASP C 306 9.58 35.54 -12.92
C ASP C 306 8.17 35.74 -13.44
N ASN C 307 7.69 34.78 -14.24
CA ASN C 307 6.35 34.89 -14.79
C ASN C 307 5.67 33.53 -15.00
N PHE C 308 6.43 32.45 -14.86
CA PHE C 308 5.88 31.11 -15.05
C PHE C 308 6.38 30.20 -13.94
N VAL C 309 5.55 29.97 -12.93
CA VAL C 309 5.95 29.15 -11.80
C VAL C 309 5.07 27.95 -11.46
N LYS C 310 5.59 27.12 -10.57
CA LYS C 310 4.90 25.93 -10.08
C LYS C 310 4.86 26.03 -8.57
N LEU C 311 3.66 25.97 -7.99
CA LEU C 311 3.52 26.08 -6.55
C LEU C 311 2.84 24.86 -5.94
N VAL C 312 3.38 24.38 -4.82
CA VAL C 312 2.86 23.22 -4.13
C VAL C 312 2.23 23.56 -2.78
N ALA C 313 1.04 23.05 -2.51
CA ALA C 313 0.33 23.31 -1.26
C ALA C 313 -0.26 22.04 -0.63
N TRP C 314 0.23 21.68 0.56
CA TRP C 314 -0.25 20.49 1.24
C TRP C 314 -1.49 20.71 2.07
N TYR C 315 -2.37 19.70 2.09
CA TYR C 315 -3.60 19.81 2.86
C TYR C 315 -4.15 18.46 3.31
N ASP C 316 -4.66 18.43 4.53
CA ASP C 316 -5.28 17.22 5.06
C ASP C 316 -6.72 17.32 4.56
N ASN C 317 -6.98 16.83 3.36
CA ASN C 317 -8.33 16.91 2.82
C ASN C 317 -9.39 16.63 3.88
N GLU C 318 -9.26 15.52 4.59
CA GLU C 318 -10.22 15.17 5.63
C GLU C 318 -10.30 16.18 6.77
N TRP C 319 -9.36 16.08 7.71
CA TRP C 319 -9.33 16.94 8.89
C TRP C 319 -9.50 18.45 8.67
N GLY C 320 -8.55 19.07 7.97
CA GLY C 320 -8.61 20.49 7.70
C GLY C 320 -9.96 20.98 7.21
N TYR C 321 -10.37 20.52 6.03
CA TYR C 321 -11.65 20.89 5.46
C TYR C 321 -12.69 21.01 6.57
N SER C 322 -12.79 19.97 7.39
CA SER C 322 -13.75 19.94 8.48
C SER C 322 -13.76 21.23 9.26
N ASN C 323 -12.61 21.63 9.79
CA ASN C 323 -12.53 22.86 10.56
C ASN C 323 -13.06 24.07 9.79
N ARG C 324 -13.16 23.96 8.46
CA ARG C 324 -13.70 25.05 7.65
C ARG C 324 -15.21 25.03 7.85
N VAL C 325 -15.77 23.84 8.04
CA VAL C 325 -17.20 23.70 8.27
C VAL C 325 -17.57 24.36 9.58
N ILE C 326 -17.02 23.85 10.68
CA ILE C 326 -17.29 24.39 12.01
C ILE C 326 -16.65 25.76 12.24
N ASP C 327 -16.32 26.42 11.14
CA ASP C 327 -15.74 27.75 11.18
C ASP C 327 -16.72 28.55 10.36
N LEU C 328 -17.12 27.97 9.23
CA LEU C 328 -18.08 28.61 8.34
C LEU C 328 -19.38 28.73 9.12
N ILE C 329 -19.84 27.60 9.65
CA ILE C 329 -21.06 27.56 10.46
C ILE C 329 -20.88 28.55 11.61
N ARG C 330 -19.69 28.53 12.19
CA ARG C 330 -19.37 29.41 13.30
C ARG C 330 -19.54 30.83 12.81
N HIS C 331 -19.00 31.11 11.63
CA HIS C 331 -19.09 32.43 11.02
C HIS C 331 -20.49 32.69 10.51
N MET C 332 -21.01 31.73 9.76
CA MET C 332 -22.35 31.78 9.19
C MET C 332 -23.40 32.29 10.20
N ALA C 333 -23.18 32.00 11.48
CA ALA C 333 -24.10 32.39 12.54
C ALA C 333 -23.89 33.81 13.06
N LYS C 334 -22.72 34.38 12.76
CA LYS C 334 -22.42 35.73 13.21
C LYS C 334 -23.20 36.72 12.35
N THR C 335 -23.13 36.57 11.03
CA THR C 335 -23.83 37.46 10.11
C THR C 335 -25.29 37.66 10.52
N GLY D 1 19.16 10.28 40.75
CA GLY D 1 18.86 8.92 40.31
C GLY D 1 18.60 8.86 38.82
N LYS D 2 18.70 10.01 38.16
CA LYS D 2 18.47 10.08 36.72
C LYS D 2 19.42 9.15 35.98
N ILE D 3 18.83 8.20 35.24
CA ILE D 3 19.59 7.22 34.47
C ILE D 3 19.98 7.81 33.12
N LYS D 4 21.26 8.15 32.98
CA LYS D 4 21.77 8.73 31.75
C LYS D 4 22.00 7.65 30.68
N ILE D 5 21.28 7.76 29.56
CA ILE D 5 21.40 6.79 28.49
C ILE D 5 22.23 7.30 27.33
N GLY D 6 22.62 6.39 26.46
CA GLY D 6 23.40 6.74 25.29
C GLY D 6 22.92 5.82 24.17
N ILE D 7 22.53 6.39 23.03
CA ILE D 7 22.07 5.57 21.94
C ILE D 7 23.17 5.43 20.91
N ASN D 8 23.27 4.25 20.30
CA ASN D 8 24.27 4.01 19.28
C ASN D 8 23.61 3.54 17.99
N GLY D 9 22.29 3.71 17.90
CA GLY D 9 21.60 3.29 16.70
C GLY D 9 20.36 4.10 16.41
N PHE D 10 20.56 5.38 16.05
CA PHE D 10 19.45 6.29 15.75
C PHE D 10 18.68 5.88 14.49
N GLY D 11 17.65 5.08 14.70
CA GLY D 11 16.81 4.61 13.62
C GLY D 11 15.39 4.57 14.14
N ARG D 12 14.49 3.90 13.42
CA ARG D 12 13.09 3.81 13.85
C ARG D 12 13.01 3.45 15.33
N ILE D 13 13.94 2.60 15.76
CA ILE D 13 13.97 2.14 17.14
C ILE D 13 14.81 3.05 18.03
N GLY D 14 15.78 3.72 17.42
CA GLY D 14 16.65 4.60 18.18
C GLY D 14 15.99 5.89 18.64
N ARG D 15 15.47 6.65 17.69
CA ARG D 15 14.80 7.91 18.00
C ARG D 15 13.74 7.69 19.07
N LEU D 16 12.91 6.67 18.88
CA LEU D 16 11.84 6.36 19.82
C LEU D 16 12.29 6.23 21.28
N VAL D 17 13.25 5.35 21.54
CA VAL D 17 13.72 5.19 22.91
C VAL D 17 14.19 6.54 23.43
N ALA D 18 14.47 7.46 22.51
CA ALA D 18 14.90 8.79 22.88
C ALA D 18 13.65 9.55 23.33
N ARG D 19 12.59 9.47 22.53
CA ARG D 19 11.33 10.12 22.86
C ARG D 19 10.86 9.61 24.22
N VAL D 20 10.91 8.30 24.39
CA VAL D 20 10.50 7.66 25.63
C VAL D 20 11.33 8.12 26.82
N ALA D 21 12.61 8.41 26.57
CA ALA D 21 13.51 8.87 27.62
C ALA D 21 13.27 10.34 27.97
N LEU D 22 13.07 11.16 26.95
CA LEU D 22 12.83 12.58 27.17
C LEU D 22 11.56 12.81 27.97
N GLN D 23 10.64 11.85 27.92
CA GLN D 23 9.37 11.95 28.65
C GLN D 23 9.41 11.13 29.92
N SER D 24 10.36 10.21 30.01
CA SER D 24 10.51 9.39 31.19
C SER D 24 11.05 10.32 32.28
N GLU D 25 10.20 10.63 33.25
CA GLU D 25 10.58 11.54 34.32
C GLU D 25 11.80 11.06 35.11
N ASP D 26 12.39 9.94 34.70
CA ASP D 26 13.56 9.42 35.41
C ASP D 26 14.77 9.06 34.54
N VAL D 27 14.65 9.19 33.22
CA VAL D 27 15.76 8.86 32.33
C VAL D 27 16.30 10.10 31.61
N GLU D 28 17.57 10.02 31.21
CA GLU D 28 18.25 11.13 30.56
C GLU D 28 19.02 10.74 29.30
N LEU D 29 18.60 11.28 28.16
CA LEU D 29 19.29 11.04 26.90
C LEU D 29 20.39 12.08 26.80
N VAL D 30 21.64 11.62 26.75
CA VAL D 30 22.75 12.54 26.70
C VAL D 30 23.68 12.36 25.50
N ALA D 31 23.46 11.32 24.72
CA ALA D 31 24.30 11.07 23.55
C ALA D 31 23.69 10.10 22.57
N VAL D 32 23.60 10.53 21.32
CA VAL D 32 23.04 9.71 20.26
C VAL D 32 24.17 9.52 19.26
N ASN D 33 24.13 8.43 18.50
CA ASN D 33 25.21 8.18 17.55
C ASN D 33 24.99 7.23 16.37
N ASP D 34 24.09 7.57 15.45
CA ASP D 34 23.92 6.75 14.25
C ASP D 34 24.73 7.56 13.24
N PRO D 35 26.04 7.24 13.12
CA PRO D 35 27.02 7.87 12.24
C PRO D 35 26.54 8.52 10.96
N PHE D 36 25.59 7.90 10.27
CA PHE D 36 25.07 8.43 9.02
C PHE D 36 24.22 9.70 9.20
N ILE D 37 23.37 9.70 10.23
CA ILE D 37 22.51 10.85 10.52
C ILE D 37 23.33 11.90 11.29
N THR D 38 23.36 13.13 10.79
CA THR D 38 24.11 14.22 11.42
C THR D 38 23.29 15.13 12.32
N THR D 39 23.96 15.93 13.13
CA THR D 39 23.32 16.86 14.05
C THR D 39 22.18 17.65 13.39
N ASP D 40 22.34 17.98 12.11
CA ASP D 40 21.32 18.72 11.37
C ASP D 40 20.21 17.75 11.01
N TYR D 41 20.58 16.71 10.25
CA TYR D 41 19.65 15.69 9.80
C TYR D 41 18.95 15.00 10.96
N MET D 42 19.67 14.88 12.07
CA MET D 42 19.13 14.22 13.25
C MET D 42 17.82 14.87 13.69
N THR D 43 17.83 16.19 13.88
CA THR D 43 16.63 16.90 14.30
C THR D 43 15.43 16.53 13.44
N TYR D 44 15.62 16.54 12.13
CA TYR D 44 14.55 16.21 11.21
C TYR D 44 13.87 14.89 11.59
N MET D 45 14.63 13.80 11.56
CA MET D 45 14.11 12.46 11.88
C MET D 45 13.48 12.32 13.26
N PHE D 46 13.98 13.10 14.21
CA PHE D 46 13.46 13.05 15.57
C PHE D 46 12.19 13.86 15.68
N LYS D 47 12.11 14.95 14.93
CA LYS D 47 10.96 15.83 14.94
C LYS D 47 9.78 15.21 14.20
N TYR D 48 10.00 14.81 12.95
CA TYR D 48 8.93 14.21 12.16
C TYR D 48 9.03 12.70 12.11
N ASP D 49 7.89 12.03 12.27
CA ASP D 49 7.85 10.58 12.20
C ASP D 49 6.56 10.15 11.50
N THR D 50 6.71 9.72 10.25
CA THR D 50 5.60 9.29 9.42
C THR D 50 4.59 8.46 10.19
N VAL D 51 5.07 7.68 11.14
CA VAL D 51 4.21 6.82 11.94
C VAL D 51 3.79 7.51 13.23
N HIS D 52 4.57 7.24 14.27
CA HIS D 52 4.34 7.74 15.62
C HIS D 52 4.20 9.24 15.83
N GLY D 53 3.52 9.92 14.92
CA GLY D 53 3.30 11.35 15.04
C GLY D 53 4.49 12.25 15.30
N GLN D 54 4.35 13.50 14.85
CA GLN D 54 5.40 14.49 15.04
C GLN D 54 5.67 14.71 16.51
N TRP D 55 6.91 15.05 16.83
CA TRP D 55 7.32 15.30 18.21
C TRP D 55 6.85 16.69 18.61
N LYS D 56 6.02 16.76 19.64
CA LYS D 56 5.53 18.06 20.09
C LYS D 56 5.85 18.37 21.54
N HIS D 57 6.29 17.35 22.26
CA HIS D 57 6.64 17.51 23.67
C HIS D 57 7.65 18.64 23.90
N SER D 58 8.93 18.38 23.62
CA SER D 58 10.00 19.35 23.83
C SER D 58 10.00 20.55 22.91
N ASP D 59 11.19 21.06 22.63
CA ASP D 59 11.37 22.22 21.75
C ASP D 59 12.49 21.94 20.75
N ILE D 60 13.54 21.27 21.22
CA ILE D 60 14.72 20.89 20.42
C ILE D 60 15.37 21.94 19.52
N LYS D 61 16.49 22.49 19.98
CA LYS D 61 17.25 23.48 19.22
C LYS D 61 18.66 22.92 19.12
N ILE D 62 19.50 23.50 18.27
CA ILE D 62 20.88 23.01 18.08
C ILE D 62 21.97 23.86 18.72
N LYS D 63 22.47 23.45 19.89
CA LYS D 63 23.54 24.20 20.52
C LYS D 63 24.86 23.69 19.94
N ASP D 64 25.43 24.49 19.05
CA ASP D 64 26.70 24.16 18.37
C ASP D 64 26.54 22.97 17.42
N SER D 65 27.65 22.50 16.88
CA SER D 65 27.62 21.37 15.94
C SER D 65 27.52 19.99 16.58
N LYS D 66 28.58 19.61 17.27
CA LYS D 66 28.63 18.30 17.90
C LYS D 66 27.53 18.02 18.93
N THR D 67 26.63 18.97 19.17
CA THR D 67 25.57 18.71 20.15
C THR D 67 24.20 19.35 19.97
N LEU D 68 23.16 18.53 20.13
CA LEU D 68 21.78 18.99 19.99
C LEU D 68 21.44 19.93 21.14
N LEU D 69 20.24 19.79 21.69
CA LEU D 69 19.81 20.63 22.79
C LEU D 69 18.31 20.47 23.04
N LEU D 70 17.88 19.22 23.13
CA LEU D 70 16.48 18.89 23.37
C LEU D 70 15.97 19.52 24.66
N GLY D 71 15.06 20.49 24.53
CA GLY D 71 14.49 21.16 25.69
C GLY D 71 15.41 21.46 26.86
N GLU D 72 16.28 22.45 26.70
CA GLU D 72 17.21 22.85 27.75
C GLU D 72 18.36 21.90 28.01
N LYS D 73 18.15 20.61 27.73
CA LYS D 73 19.17 19.59 27.97
C LYS D 73 19.97 19.23 26.72
N PRO D 74 21.31 19.35 26.81
CA PRO D 74 22.23 19.05 25.70
C PRO D 74 22.46 17.54 25.54
N VAL D 75 22.67 17.11 24.30
CA VAL D 75 22.92 15.70 24.01
C VAL D 75 24.06 15.58 23.01
N THR D 76 25.23 15.18 23.50
CA THR D 76 26.41 15.04 22.65
C THR D 76 26.18 14.08 21.49
N VAL D 77 26.40 14.61 20.28
CA VAL D 77 26.22 13.88 19.05
C VAL D 77 27.47 13.12 18.65
N PHE D 78 27.28 12.01 17.95
CA PHE D 78 28.40 11.21 17.49
C PHE D 78 28.24 10.63 16.08
N GLY D 79 29.34 10.68 15.33
CA GLY D 79 29.37 10.15 13.98
C GLY D 79 30.53 9.18 13.91
N ILE D 80 30.65 8.38 14.97
CA ILE D 80 31.71 7.39 15.08
C ILE D 80 31.24 6.08 14.46
N ARG D 81 31.85 5.71 13.34
CA ARG D 81 31.47 4.49 12.64
C ARG D 81 31.89 3.21 13.37
N ASN D 82 32.62 3.34 14.48
CA ASN D 82 33.08 2.17 15.23
C ASN D 82 32.96 2.30 16.75
N PRO D 83 32.37 1.28 17.40
CA PRO D 83 32.16 1.23 18.85
C PRO D 83 33.42 1.30 19.72
N ASP D 84 34.52 0.72 19.26
CA ASP D 84 35.74 0.73 20.05
C ASP D 84 36.30 2.13 20.32
N GLU D 85 35.63 3.17 19.85
CA GLU D 85 36.10 4.53 20.09
C GLU D 85 35.00 5.59 20.30
N ILE D 86 33.84 5.16 20.78
CA ILE D 86 32.75 6.08 21.07
C ILE D 86 32.89 6.41 22.56
N PRO D 87 33.33 7.63 22.88
CA PRO D 87 33.54 8.10 24.24
C PRO D 87 32.26 8.29 25.06
N TRP D 88 31.52 7.21 25.24
CA TRP D 88 30.26 7.26 26.00
C TRP D 88 30.37 8.03 27.31
N ALA D 89 31.27 7.60 28.18
CA ALA D 89 31.44 8.26 29.47
C ALA D 89 32.03 9.65 29.29
N GLU D 90 32.82 9.84 28.25
CA GLU D 90 33.43 11.13 27.99
C GLU D 90 32.31 12.16 27.81
N ALA D 91 31.11 11.67 27.52
CA ALA D 91 29.94 12.52 27.33
C ALA D 91 28.96 12.24 28.46
N GLY D 92 29.20 11.12 29.16
CA GLY D 92 28.36 10.74 30.28
C GLY D 92 27.22 9.79 30.00
N ALA D 93 27.47 8.49 30.09
CA ALA D 93 26.42 7.52 29.83
C ALA D 93 26.71 6.17 30.45
N GLU D 94 26.10 5.90 31.59
CA GLU D 94 26.31 4.63 32.27
C GLU D 94 25.83 3.54 31.32
N TYR D 95 24.67 3.75 30.71
CA TYR D 95 24.09 2.78 29.80
C TYR D 95 24.19 3.22 28.35
N VAL D 96 24.33 2.25 27.46
CA VAL D 96 24.44 2.52 26.03
C VAL D 96 23.49 1.62 25.26
N VAL D 97 22.33 2.13 24.89
CA VAL D 97 21.35 1.36 24.12
C VAL D 97 21.96 1.09 22.76
N GLU D 98 22.23 -0.18 22.47
CA GLU D 98 22.80 -0.53 21.18
C GLU D 98 21.68 -0.76 20.19
N SER D 99 21.42 0.24 19.35
CA SER D 99 20.33 0.17 18.37
C SER D 99 20.76 0.13 16.90
N THR D 100 21.85 -0.55 16.60
CA THR D 100 22.30 -0.63 15.22
C THR D 100 21.93 -1.96 14.60
N GLY D 101 21.69 -2.95 15.44
CA GLY D 101 21.34 -4.26 14.91
C GLY D 101 22.44 -4.83 14.03
N VAL D 102 23.68 -4.40 14.30
CA VAL D 102 24.84 -4.88 13.55
C VAL D 102 25.91 -5.17 14.60
N PHE D 103 25.51 -5.12 15.85
CA PHE D 103 26.42 -5.39 16.95
C PHE D 103 25.66 -6.14 18.05
N THR D 104 25.04 -7.25 17.66
CA THR D 104 24.27 -8.05 18.61
C THR D 104 25.14 -9.07 19.33
N ASP D 105 26.37 -9.28 18.86
CA ASP D 105 27.29 -10.23 19.50
C ASP D 105 27.87 -9.58 20.76
N LYS D 106 27.80 -10.31 21.87
CA LYS D 106 28.30 -9.81 23.15
C LYS D 106 29.62 -9.07 22.96
N GLU D 107 30.61 -9.75 22.39
CA GLU D 107 31.92 -9.16 22.16
C GLU D 107 31.87 -7.97 21.20
N LYS D 108 30.90 -7.99 20.29
CA LYS D 108 30.73 -6.92 19.31
C LYS D 108 30.08 -5.69 19.96
N ALA D 109 29.20 -5.93 20.92
CA ALA D 109 28.53 -4.85 21.62
C ALA D 109 29.30 -4.46 22.89
N ALA D 110 30.34 -5.22 23.22
CA ALA D 110 31.16 -4.96 24.39
C ALA D 110 32.18 -3.88 24.07
N ALA D 111 32.25 -3.50 22.80
CA ALA D 111 33.15 -2.47 22.35
C ALA D 111 32.67 -1.13 22.91
N HIS D 112 31.54 -1.16 23.60
CA HIS D 112 30.98 0.05 24.20
C HIS D 112 31.64 0.32 25.52
N LEU D 113 31.89 -0.72 26.29
CA LEU D 113 32.53 -0.58 27.57
C LEU D 113 33.85 0.18 27.44
N LYS D 114 34.65 -0.23 26.46
CA LYS D 114 35.96 0.37 26.19
C LYS D 114 35.88 1.86 25.90
N GLY D 115 34.71 2.46 26.08
CA GLY D 115 34.57 3.88 25.82
C GLY D 115 34.12 4.62 27.06
N GLY D 116 33.80 3.86 28.10
CA GLY D 116 33.34 4.45 29.34
C GLY D 116 31.89 4.06 29.56
N ALA D 117 31.54 2.88 29.06
CA ALA D 117 30.18 2.38 29.19
C ALA D 117 30.07 1.36 30.30
N LYS D 118 28.92 1.34 30.97
CA LYS D 118 28.67 0.39 32.03
C LYS D 118 27.77 -0.71 31.46
N LYS D 119 26.47 -0.54 31.58
CA LYS D 119 25.55 -1.53 31.02
C LYS D 119 25.29 -1.18 29.56
N VAL D 120 24.91 -2.18 28.78
CA VAL D 120 24.62 -1.96 27.38
C VAL D 120 23.49 -2.87 26.92
N VAL D 121 22.32 -2.28 26.70
CA VAL D 121 21.15 -3.01 26.27
C VAL D 121 21.06 -3.11 24.75
N ILE D 122 21.13 -4.35 24.25
CA ILE D 122 21.06 -4.62 22.82
C ILE D 122 19.62 -4.88 22.42
N SER D 123 19.00 -3.91 21.74
CA SER D 123 17.62 -4.05 21.31
C SER D 123 17.55 -4.97 20.09
N ALA D 124 17.85 -6.23 20.35
CA ALA D 124 17.85 -7.27 19.32
C ALA D 124 18.50 -8.49 19.94
N PRO D 125 17.91 -9.69 19.74
CA PRO D 125 18.49 -10.90 20.31
C PRO D 125 19.99 -10.97 20.11
N SER D 126 20.66 -11.72 20.98
CA SER D 126 22.11 -11.90 20.91
C SER D 126 22.39 -13.41 20.90
N LYS D 127 23.37 -13.84 20.10
CA LYS D 127 23.68 -15.26 20.02
C LYS D 127 24.29 -15.73 21.33
N ASP D 128 24.86 -14.77 22.06
CA ASP D 128 25.51 -15.07 23.32
C ASP D 128 24.97 -14.30 24.54
N ALA D 129 24.68 -13.02 24.36
CA ALA D 129 24.17 -12.21 25.48
C ALA D 129 22.86 -12.72 26.09
N PRO D 130 22.53 -12.29 27.32
CA PRO D 130 21.31 -12.69 28.03
C PRO D 130 20.05 -11.97 27.56
N MET D 131 18.95 -12.71 27.49
CA MET D 131 17.67 -12.15 27.05
C MET D 131 16.77 -11.91 28.24
N PHE D 132 16.11 -10.76 28.24
CA PHE D 132 15.20 -10.40 29.31
C PHE D 132 13.95 -9.75 28.69
N VAL D 133 12.77 -10.24 29.05
CA VAL D 133 11.51 -9.68 28.52
C VAL D 133 10.66 -9.13 29.67
N CYS D 134 10.86 -7.86 30.00
CA CYS D 134 10.14 -7.20 31.10
C CYS D 134 8.75 -7.70 31.39
N GLY D 135 8.56 -8.18 32.61
CA GLY D 135 7.28 -8.72 33.04
C GLY D 135 7.42 -10.22 33.14
N VAL D 136 8.47 -10.75 32.51
CA VAL D 136 8.73 -12.19 32.51
C VAL D 136 9.91 -12.56 33.40
N ASN D 137 11.12 -12.46 32.85
CA ASN D 137 12.33 -12.84 33.57
C ASN D 137 13.25 -11.70 33.99
N GLU D 138 12.75 -10.47 34.06
CA GLU D 138 13.61 -9.36 34.44
C GLU D 138 14.18 -9.63 35.84
N ASP D 139 13.80 -10.78 36.38
CA ASP D 139 14.25 -11.22 37.71
C ASP D 139 15.71 -11.66 37.65
N LYS D 140 16.09 -12.30 36.55
CA LYS D 140 17.43 -12.82 36.40
C LYS D 140 18.51 -11.88 35.87
N TYR D 141 18.44 -10.61 36.27
CA TYR D 141 19.49 -9.67 35.88
C TYR D 141 20.35 -9.53 37.13
N THR D 142 21.65 -9.60 36.95
CA THR D 142 22.55 -9.47 38.09
C THR D 142 23.58 -8.36 37.85
N SER D 143 23.60 -7.42 38.79
CA SER D 143 24.50 -6.27 38.75
C SER D 143 25.74 -6.45 37.88
N ASP D 144 26.36 -7.61 37.96
CA ASP D 144 27.57 -7.86 37.18
C ASP D 144 27.34 -7.87 35.67
N ILE D 145 26.35 -8.64 35.21
CA ILE D 145 26.06 -8.70 33.78
C ILE D 145 25.97 -7.28 33.23
N ASP D 146 27.04 -6.86 32.56
CA ASP D 146 27.10 -5.52 32.00
C ASP D 146 26.40 -5.44 30.65
N ILE D 147 26.58 -6.47 29.82
CA ILE D 147 25.95 -6.51 28.49
C ILE D 147 24.74 -7.43 28.50
N VAL D 148 23.59 -6.88 28.14
CA VAL D 148 22.35 -7.63 28.11
C VAL D 148 21.53 -7.36 26.84
N SER D 149 20.74 -8.34 26.43
CA SER D 149 19.90 -8.23 25.25
C SER D 149 18.45 -8.10 25.69
N ASN D 150 17.63 -7.42 24.88
CA ASN D 150 16.23 -7.23 25.22
C ASN D 150 15.25 -7.98 24.31
N ALA D 151 15.35 -9.30 24.31
CA ALA D 151 14.46 -10.15 23.51
C ALA D 151 14.24 -9.65 22.08
N SER D 152 13.02 -9.23 21.81
CA SER D 152 12.62 -8.74 20.49
C SER D 152 11.21 -8.18 20.42
N CYS D 153 10.99 -7.31 19.45
CA CYS D 153 9.68 -6.70 19.24
C CYS D 153 8.65 -7.80 19.35
N THR D 154 9.02 -8.97 18.82
CA THR D 154 8.13 -10.12 18.82
C THR D 154 8.11 -10.91 20.13
N THR D 155 9.28 -11.33 20.57
CA THR D 155 9.26 -12.05 21.84
C THR D 155 8.60 -11.21 22.90
N ASN D 156 8.92 -9.91 22.92
CA ASN D 156 8.33 -8.97 23.87
C ASN D 156 6.86 -8.86 23.52
N CYS D 157 6.16 -9.98 23.66
CA CYS D 157 4.75 -10.08 23.36
C CYS D 157 4.31 -11.51 23.61
N LEU D 158 4.94 -12.43 22.90
CA LEU D 158 4.62 -13.84 23.03
C LEU D 158 4.95 -14.39 24.43
N ALA D 159 5.86 -13.72 25.13
CA ALA D 159 6.24 -14.17 26.47
C ALA D 159 5.18 -13.78 27.49
N PRO D 160 4.78 -12.49 27.53
CA PRO D 160 3.76 -12.09 28.49
C PRO D 160 2.58 -13.02 28.32
N LEU D 161 2.25 -13.26 27.06
CA LEU D 161 1.13 -14.12 26.69
C LEU D 161 1.37 -15.56 27.15
N ALA D 162 2.25 -16.27 26.45
CA ALA D 162 2.57 -17.66 26.74
C ALA D 162 2.78 -17.90 28.22
N LYS D 163 3.07 -16.84 28.96
CA LYS D 163 3.28 -16.95 30.39
C LYS D 163 1.94 -16.92 31.11
N VAL D 164 1.19 -15.84 30.94
CA VAL D 164 -0.09 -15.70 31.59
C VAL D 164 -1.00 -16.88 31.24
N ILE D 165 -0.62 -17.64 30.21
CA ILE D 165 -1.40 -18.80 29.83
C ILE D 165 -0.83 -20.05 30.51
N HIS D 166 0.48 -20.25 30.39
CA HIS D 166 1.13 -21.41 31.01
C HIS D 166 1.00 -21.39 32.52
N ASP D 167 1.17 -20.22 33.11
CA ASP D 167 1.05 -20.10 34.56
C ASP D 167 -0.33 -20.61 34.96
N ASN D 168 -1.35 -20.08 34.29
CA ASN D 168 -2.74 -20.43 34.55
C ASN D 168 -3.28 -21.73 33.97
N PHE D 169 -2.63 -22.28 32.95
CA PHE D 169 -3.14 -23.51 32.35
C PHE D 169 -2.03 -24.43 31.89
N GLY D 170 -0.82 -23.91 31.84
CA GLY D 170 0.32 -24.71 31.41
C GLY D 170 0.25 -25.20 29.98
N ILE D 171 1.13 -24.66 29.14
CA ILE D 171 1.21 -25.02 27.72
C ILE D 171 1.80 -26.41 27.53
N ILE D 172 1.12 -27.25 26.77
CA ILE D 172 1.62 -28.59 26.51
C ILE D 172 2.60 -28.39 25.36
N GLU D 173 2.21 -27.55 24.42
CA GLU D 173 3.02 -27.22 23.26
C GLU D 173 2.25 -26.13 22.51
N GLY D 174 2.82 -25.62 21.43
CA GLY D 174 2.12 -24.58 20.69
C GLY D 174 2.94 -23.89 19.62
N LEU D 175 2.27 -23.40 18.58
CA LEU D 175 2.96 -22.71 17.51
C LEU D 175 2.51 -21.26 17.41
N MET D 176 3.41 -20.40 16.93
CA MET D 176 3.11 -18.99 16.77
C MET D 176 3.26 -18.58 15.32
N THR D 177 2.35 -17.74 14.84
CA THR D 177 2.41 -17.23 13.47
C THR D 177 2.14 -15.74 13.57
N THR D 178 3.21 -14.96 13.57
CA THR D 178 3.10 -13.51 13.66
C THR D 178 3.02 -12.84 12.31
N VAL D 179 2.34 -11.69 12.28
CA VAL D 179 2.22 -10.89 11.07
C VAL D 179 2.90 -9.57 11.48
N HIS D 180 4.12 -9.38 11.00
CA HIS D 180 4.89 -8.19 11.33
C HIS D 180 4.76 -7.16 10.22
N ALA D 181 5.02 -5.91 10.56
CA ALA D 181 4.94 -4.82 9.59
C ALA D 181 6.35 -4.67 9.03
N ILE D 182 6.45 -4.52 7.72
CA ILE D 182 7.75 -4.39 7.08
C ILE D 182 8.66 -3.49 7.91
N THR D 183 9.97 -3.69 7.78
CA THR D 183 10.94 -2.88 8.50
C THR D 183 12.08 -2.50 7.57
N ALA D 184 13.13 -1.91 8.12
CA ALA D 184 14.25 -1.50 7.30
C ALA D 184 15.02 -2.66 6.70
N THR D 185 14.85 -3.86 7.26
CA THR D 185 15.56 -5.03 6.75
C THR D 185 15.07 -5.47 5.38
N GLN D 186 14.07 -4.76 4.85
CA GLN D 186 13.51 -5.08 3.54
C GLN D 186 13.93 -4.04 2.50
N LYS D 187 13.51 -4.26 1.26
CA LYS D 187 13.80 -3.36 0.14
C LYS D 187 12.44 -2.89 -0.36
N THR D 188 12.38 -1.75 -1.01
CA THR D 188 11.10 -1.28 -1.52
C THR D 188 10.74 -2.05 -2.77
N VAL D 189 11.75 -2.36 -3.57
CA VAL D 189 11.58 -3.09 -4.82
C VAL D 189 12.49 -4.31 -4.84
N ASP D 190 12.11 -5.33 -5.61
CA ASP D 190 12.90 -6.55 -5.68
C ASP D 190 14.40 -6.29 -5.74
N GLY D 191 15.06 -6.41 -4.60
CA GLY D 191 16.50 -6.16 -4.57
C GLY D 191 17.22 -7.32 -3.93
N PRO D 192 18.55 -7.25 -3.85
CA PRO D 192 19.41 -8.29 -3.25
C PRO D 192 19.19 -8.42 -1.74
N SER D 193 19.29 -9.65 -1.24
CA SER D 193 19.10 -9.95 0.18
C SER D 193 19.66 -11.34 0.47
N SER D 194 20.89 -11.59 0.03
CA SER D 194 21.58 -12.87 0.17
C SER D 194 21.43 -13.66 1.47
N LYS D 195 21.07 -13.01 2.57
CA LYS D 195 20.92 -13.74 3.82
C LYS D 195 19.45 -14.03 4.12
N ASP D 196 18.58 -13.43 3.32
CA ASP D 196 17.13 -13.62 3.45
C ASP D 196 16.53 -13.26 2.09
N TRP D 197 16.69 -14.17 1.14
CA TRP D 197 16.19 -13.95 -0.21
C TRP D 197 14.79 -13.35 -0.25
N ARG D 198 13.78 -14.13 0.12
CA ARG D 198 12.40 -13.64 0.11
C ARG D 198 12.34 -12.18 0.53
N GLY D 199 12.95 -11.88 1.67
CA GLY D 199 12.95 -10.53 2.21
C GLY D 199 13.19 -9.39 1.24
N GLY D 200 14.14 -9.56 0.34
CA GLY D 200 14.44 -8.50 -0.60
C GLY D 200 13.40 -8.25 -1.68
N ARG D 201 12.26 -8.95 -1.59
CA ARG D 201 11.20 -8.77 -2.58
C ARG D 201 10.39 -7.54 -2.22
N ALA D 202 9.77 -6.93 -3.22
CA ALA D 202 8.95 -5.74 -3.02
C ALA D 202 8.24 -5.78 -1.69
N ALA D 203 8.81 -5.12 -0.69
CA ALA D 203 8.28 -5.07 0.66
C ALA D 203 6.89 -4.47 0.77
N SER D 204 6.65 -3.44 -0.04
CA SER D 204 5.38 -2.73 -0.05
C SER D 204 4.26 -3.41 -0.84
N PHE D 205 4.59 -4.43 -1.61
CA PHE D 205 3.58 -5.10 -2.41
C PHE D 205 3.74 -6.63 -2.49
N ASN D 206 3.80 -7.29 -1.33
CA ASN D 206 3.96 -8.75 -1.29
C ASN D 206 3.65 -9.35 0.08
N ILE D 207 3.68 -10.68 0.14
CA ILE D 207 3.47 -11.42 1.38
C ILE D 207 4.70 -12.32 1.52
N ILE D 208 5.73 -11.77 2.15
CA ILE D 208 7.01 -12.44 2.34
C ILE D 208 7.15 -13.24 3.62
N PRO D 209 7.10 -14.57 3.53
CA PRO D 209 7.23 -15.43 4.72
C PRO D 209 8.65 -15.44 5.29
N SER D 210 8.85 -14.78 6.42
CA SER D 210 10.15 -14.72 7.06
C SER D 210 10.28 -15.77 8.14
N SER D 211 11.35 -15.65 8.93
CA SER D 211 11.61 -16.58 10.02
C SER D 211 11.93 -15.76 11.26
N THR D 212 11.65 -16.32 12.43
CA THR D 212 11.91 -15.61 13.67
C THR D 212 12.00 -16.58 14.84
N GLY D 213 13.16 -16.63 15.47
CA GLY D 213 13.32 -17.53 16.61
C GLY D 213 12.65 -16.96 17.84
N ALA D 214 11.81 -15.95 17.64
CA ALA D 214 11.11 -15.32 18.76
C ALA D 214 10.38 -16.35 19.62
N ALA D 215 9.76 -17.34 18.98
CA ALA D 215 9.02 -18.38 19.71
C ALA D 215 9.96 -19.36 20.37
N LYS D 216 11.03 -19.73 19.66
CA LYS D 216 12.01 -20.65 20.22
C LYS D 216 12.84 -19.88 21.25
N ALA D 217 12.73 -18.55 21.21
CA ALA D 217 13.48 -17.68 22.12
C ALA D 217 12.93 -17.68 23.54
N VAL D 218 11.61 -17.73 23.67
CA VAL D 218 10.95 -17.72 24.97
C VAL D 218 11.44 -18.86 25.88
N GLY D 219 11.99 -19.91 25.26
CA GLY D 219 12.49 -21.02 26.04
C GLY D 219 13.73 -20.58 26.80
N LYS D 220 14.10 -19.31 26.62
CA LYS D 220 15.27 -18.74 27.28
C LYS D 220 14.84 -17.88 28.46
N VAL D 221 13.67 -17.26 28.36
CA VAL D 221 13.15 -16.43 29.44
C VAL D 221 12.11 -17.28 30.19
N LEU D 222 11.66 -18.32 29.51
CA LEU D 222 10.73 -19.27 30.07
C LEU D 222 11.37 -20.63 29.91
N PRO D 223 12.25 -20.99 30.85
CA PRO D 223 12.98 -22.24 30.89
C PRO D 223 12.12 -23.49 30.65
N ASP D 224 10.95 -23.54 31.29
CA ASP D 224 10.04 -24.66 31.15
C ASP D 224 9.59 -24.90 29.71
N LEU D 225 9.07 -23.84 29.09
CA LEU D 225 8.57 -23.93 27.71
C LEU D 225 9.66 -24.14 26.67
N ASN D 226 10.83 -24.61 27.08
CA ASN D 226 11.91 -24.85 26.14
C ASN D 226 11.55 -25.96 25.15
N GLY D 227 11.63 -25.64 23.87
CA GLY D 227 11.32 -26.64 22.85
C GLY D 227 9.85 -26.93 22.75
N LYS D 228 9.02 -26.22 23.49
CA LYS D 228 7.58 -26.42 23.45
C LYS D 228 6.95 -25.40 22.50
N LEU D 229 7.74 -24.40 22.11
CA LEU D 229 7.23 -23.36 21.22
C LEU D 229 8.08 -23.24 19.96
N THR D 230 7.57 -22.51 18.96
CA THR D 230 8.28 -22.31 17.70
C THR D 230 7.39 -21.49 16.77
N GLY D 231 7.79 -21.35 15.51
CA GLY D 231 6.98 -20.59 14.57
C GLY D 231 7.70 -19.66 13.62
N MET D 232 7.08 -19.41 12.48
CA MET D 232 7.64 -18.53 11.47
C MET D 232 6.80 -17.27 11.41
N SER D 233 7.08 -16.39 10.45
CA SER D 233 6.34 -15.13 10.32
C SER D 233 5.96 -14.71 8.90
N PHE D 234 5.05 -13.74 8.82
CA PHE D 234 4.56 -13.19 7.57
C PHE D 234 4.69 -11.66 7.65
N ARG D 235 5.31 -11.06 6.64
CA ARG D 235 5.49 -9.61 6.61
C ARG D 235 4.57 -8.93 5.60
N VAL D 236 3.31 -8.74 5.98
CA VAL D 236 2.34 -8.09 5.10
C VAL D 236 2.64 -6.59 5.05
N PRO D 237 2.23 -5.91 3.98
CA PRO D 237 2.44 -4.47 3.77
C PRO D 237 1.75 -3.49 4.71
N THR D 238 2.47 -3.04 5.73
CA THR D 238 1.96 -2.06 6.69
C THR D 238 3.19 -1.33 7.20
N VAL D 239 3.09 -0.67 8.34
CA VAL D 239 4.24 0.04 8.86
C VAL D 239 4.52 -0.31 10.33
N ASP D 240 3.49 -0.31 11.16
CA ASP D 240 3.65 -0.62 12.56
C ASP D 240 2.50 -1.47 13.10
N VAL D 241 2.66 -1.94 14.32
CA VAL D 241 1.66 -2.80 14.97
C VAL D 241 1.68 -4.16 14.30
N SER D 242 1.60 -5.21 15.10
CA SER D 242 1.63 -6.55 14.55
C SER D 242 0.75 -7.50 15.36
N VAL D 243 0.87 -8.79 15.10
CA VAL D 243 0.06 -9.76 15.82
C VAL D 243 0.70 -11.10 16.05
N VAL D 244 0.29 -11.74 17.14
CA VAL D 244 0.80 -13.04 17.48
C VAL D 244 -0.34 -14.04 17.41
N ASP D 245 -0.39 -14.79 16.32
CA ASP D 245 -1.41 -15.80 16.13
C ASP D 245 -0.90 -17.06 16.81
N LEU D 246 -1.00 -17.11 18.14
CA LEU D 246 -0.53 -18.27 18.89
C LEU D 246 -1.52 -19.41 19.01
N THR D 247 -1.10 -20.57 18.53
CA THR D 247 -1.87 -21.78 18.57
C THR D 247 -1.19 -22.60 19.65
N VAL D 248 -1.95 -23.02 20.66
CA VAL D 248 -1.36 -23.79 21.75
C VAL D 248 -2.25 -24.99 22.09
N ARG D 249 -1.85 -25.73 23.12
CA ARG D 249 -2.58 -26.88 23.61
C ARG D 249 -2.34 -26.87 25.11
N ILE D 250 -3.33 -26.40 25.86
CA ILE D 250 -3.22 -26.28 27.32
C ILE D 250 -3.54 -27.53 28.15
N GLU D 251 -3.04 -27.52 29.39
CA GLU D 251 -3.21 -28.62 30.34
C GLU D 251 -4.56 -28.67 31.02
N LYS D 252 -4.83 -27.68 31.88
CA LYS D 252 -6.10 -27.64 32.60
C LYS D 252 -7.24 -27.15 31.70
N ALA D 253 -8.14 -28.07 31.34
CA ALA D 253 -9.26 -27.73 30.49
C ALA D 253 -9.92 -26.50 31.07
N ALA D 254 -9.74 -25.37 30.39
CA ALA D 254 -10.31 -24.10 30.83
C ALA D 254 -11.00 -23.42 29.66
N SER D 255 -12.30 -23.13 29.81
CA SER D 255 -13.10 -22.50 28.76
C SER D 255 -12.58 -21.13 28.33
N TYR D 256 -12.87 -20.77 27.09
CA TYR D 256 -12.42 -19.50 26.52
C TYR D 256 -12.71 -18.31 27.41
N ASP D 257 -13.89 -18.28 28.02
CA ASP D 257 -14.24 -17.18 28.90
C ASP D 257 -13.06 -17.04 29.86
N ALA D 258 -12.71 -18.15 30.48
CA ALA D 258 -11.63 -18.21 31.44
C ALA D 258 -10.27 -17.77 30.90
N ILE D 259 -9.98 -18.05 29.64
CA ILE D 259 -8.70 -17.62 29.08
C ILE D 259 -8.70 -16.13 28.90
N LYS D 260 -9.89 -15.55 28.69
CA LYS D 260 -10.02 -14.12 28.53
C LYS D 260 -9.83 -13.46 29.90
N SER D 261 -10.53 -13.99 30.90
CA SER D 261 -10.43 -13.48 32.26
C SER D 261 -9.07 -13.80 32.90
N ALA D 262 -8.34 -14.73 32.31
CA ALA D 262 -7.02 -15.10 32.81
C ALA D 262 -6.02 -14.06 32.33
N ILE D 263 -6.12 -13.69 31.06
CA ILE D 263 -5.22 -12.69 30.51
C ILE D 263 -5.55 -11.38 31.20
N LYS D 264 -6.84 -11.04 31.23
CA LYS D 264 -7.27 -9.80 31.86
C LYS D 264 -6.81 -9.67 33.31
N SER D 265 -7.30 -10.56 34.17
CA SER D 265 -6.95 -10.54 35.59
C SER D 265 -5.49 -10.25 35.82
N ALA D 266 -4.62 -10.93 35.06
CA ALA D 266 -3.19 -10.74 35.19
C ALA D 266 -2.70 -9.57 34.32
N SER D 267 -3.57 -9.09 33.44
CA SER D 267 -3.24 -7.96 32.57
C SER D 267 -3.24 -6.67 33.37
N GLU D 268 -3.99 -6.68 34.46
CA GLU D 268 -4.09 -5.53 35.35
C GLU D 268 -3.19 -5.74 36.56
N GLY D 269 -2.89 -7.00 36.83
CA GLY D 269 -2.05 -7.33 37.98
C GLY D 269 -0.56 -7.17 37.75
N LYS D 270 0.20 -8.15 38.22
CA LYS D 270 1.65 -8.16 38.13
C LYS D 270 2.23 -7.97 36.74
N LEU D 271 1.38 -7.68 35.76
CA LEU D 271 1.86 -7.46 34.39
C LEU D 271 1.30 -6.16 33.82
N LYS D 272 0.89 -5.29 34.73
CA LYS D 272 0.34 -4.00 34.36
C LYS D 272 1.40 -3.24 33.56
N GLY D 273 1.10 -2.97 32.30
CA GLY D 273 2.05 -2.25 31.45
C GLY D 273 2.61 -3.12 30.36
N ILE D 274 2.61 -4.43 30.61
CA ILE D 274 3.11 -5.42 29.65
C ILE D 274 1.97 -6.02 28.84
N ILE D 275 1.01 -6.65 29.51
CA ILE D 275 -0.12 -7.25 28.82
C ILE D 275 -1.24 -6.22 28.79
N GLY D 276 -2.15 -6.39 27.85
CA GLY D 276 -3.28 -5.50 27.73
C GLY D 276 -4.50 -6.37 27.48
N TYR D 277 -5.68 -5.78 27.43
CA TYR D 277 -6.88 -6.57 27.19
C TYR D 277 -7.93 -5.78 26.43
N VAL D 278 -8.03 -6.02 25.13
CA VAL D 278 -9.03 -5.36 24.29
C VAL D 278 -10.15 -6.34 24.00
N GLU D 279 -11.38 -5.91 24.28
CA GLU D 279 -12.58 -6.72 24.06
C GLU D 279 -13.48 -5.98 23.07
N GLU D 280 -12.85 -5.17 22.22
CA GLU D 280 -13.56 -4.40 21.20
C GLU D 280 -13.23 -4.92 19.81
N ASP D 281 -13.93 -4.36 18.82
CA ASP D 281 -13.77 -4.72 17.41
C ASP D 281 -12.70 -3.86 16.75
N LEU D 282 -11.52 -3.78 17.39
CA LEU D 282 -10.43 -2.97 16.86
C LEU D 282 -9.70 -3.54 15.66
N VAL D 283 -8.76 -2.75 15.13
CA VAL D 283 -7.97 -3.15 13.98
C VAL D 283 -6.56 -2.57 14.10
N SER D 284 -5.66 -3.12 13.29
CA SER D 284 -4.25 -2.73 13.26
C SER D 284 -3.89 -1.42 13.97
N THR D 285 -3.95 -0.33 13.22
CA THR D 285 -3.63 1.01 13.69
C THR D 285 -4.02 1.41 15.11
N ASP D 286 -5.22 1.05 15.55
CA ASP D 286 -5.67 1.40 16.90
C ASP D 286 -4.62 1.07 17.96
N PHE D 287 -3.69 0.19 17.63
CA PHE D 287 -2.65 -0.22 18.56
C PHE D 287 -1.40 0.63 18.44
N VAL D 288 -1.39 1.56 17.49
CA VAL D 288 -0.25 2.42 17.30
C VAL D 288 -0.03 3.23 18.56
N GLY D 289 1.22 3.31 19.00
CA GLY D 289 1.55 4.05 20.19
C GLY D 289 1.08 3.42 21.49
N ASP D 290 1.04 2.09 21.54
CA ASP D 290 0.64 1.39 22.75
C ASP D 290 1.86 0.72 23.36
N SER D 291 2.38 1.30 24.43
CA SER D 291 3.58 0.80 25.10
C SER D 291 3.51 -0.62 25.62
N ARG D 292 2.34 -1.26 25.54
CA ARG D 292 2.25 -2.62 26.01
C ARG D 292 3.06 -3.56 25.15
N SER D 293 3.66 -4.56 25.79
CA SER D 293 4.48 -5.53 25.10
C SER D 293 3.58 -6.53 24.38
N SER D 294 2.32 -6.60 24.82
CA SER D 294 1.40 -7.52 24.18
C SER D 294 -0.03 -7.33 24.65
N ILE D 295 -0.85 -6.73 23.79
CA ILE D 295 -2.25 -6.51 24.12
C ILE D 295 -3.05 -7.70 23.61
N PHE D 296 -3.90 -8.27 24.47
CA PHE D 296 -4.71 -9.43 24.11
C PHE D 296 -6.00 -9.02 23.41
N ASP D 297 -6.30 -9.65 22.27
CA ASP D 297 -7.52 -9.35 21.53
C ASP D 297 -8.55 -10.42 21.86
N ALA D 298 -9.32 -10.19 22.91
CA ALA D 298 -10.34 -11.12 23.37
C ALA D 298 -11.26 -11.64 22.27
N LYS D 299 -11.67 -10.76 21.37
CA LYS D 299 -12.58 -11.14 20.31
C LYS D 299 -11.98 -11.79 19.07
N ALA D 300 -10.68 -11.61 18.86
CA ALA D 300 -10.04 -12.21 17.69
C ALA D 300 -9.88 -13.73 17.78
N GLY D 301 -9.38 -14.22 18.92
CA GLY D 301 -9.17 -15.64 19.10
C GLY D 301 -10.35 -16.56 18.91
N ILE D 302 -10.08 -17.85 18.74
CA ILE D 302 -11.10 -18.88 18.55
C ILE D 302 -10.58 -20.18 19.13
N ALA D 303 -11.48 -20.99 19.69
CA ALA D 303 -11.10 -22.26 20.29
C ALA D 303 -11.82 -23.42 19.63
N LEU D 304 -11.10 -24.51 19.41
CA LEU D 304 -11.69 -25.71 18.81
C LEU D 304 -12.30 -26.50 19.96
N ASN D 305 -11.47 -26.80 20.97
CA ASN D 305 -11.89 -27.51 22.17
C ASN D 305 -11.08 -27.01 23.37
N ASP D 306 -11.69 -27.04 24.55
CA ASP D 306 -11.11 -26.57 25.82
C ASP D 306 -9.64 -26.90 26.14
N ASN D 307 -8.89 -27.36 25.15
CA ASN D 307 -7.48 -27.69 25.37
C ASN D 307 -6.63 -27.20 24.20
N PHE D 308 -7.27 -27.00 23.06
CA PHE D 308 -6.58 -26.55 21.87
C PHE D 308 -7.22 -25.22 21.47
N VAL D 309 -6.63 -24.12 21.91
CA VAL D 309 -7.16 -22.78 21.61
C VAL D 309 -6.21 -21.95 20.78
N LYS D 310 -6.69 -20.81 20.32
CA LYS D 310 -5.88 -19.90 19.53
C LYS D 310 -6.08 -18.48 20.06
N LEU D 311 -5.09 -18.00 20.81
CA LEU D 311 -5.13 -16.67 21.41
C LEU D 311 -4.44 -15.68 20.49
N VAL D 312 -4.98 -14.47 20.38
CA VAL D 312 -4.36 -13.46 19.53
C VAL D 312 -4.16 -12.14 20.27
N ALA D 313 -2.90 -11.71 20.36
CA ALA D 313 -2.57 -10.47 21.06
C ALA D 313 -1.67 -9.57 20.23
N TRP D 314 -2.15 -8.34 20.01
CA TRP D 314 -1.45 -7.33 19.24
C TRP D 314 -0.32 -6.68 20.02
N TYR D 315 0.62 -6.10 19.29
CA TYR D 315 1.76 -5.40 19.88
C TYR D 315 2.33 -4.45 18.85
N ASP D 316 2.53 -3.20 19.26
CA ASP D 316 3.09 -2.19 18.39
C ASP D 316 4.60 -2.34 18.37
N ASN D 317 5.11 -3.32 17.61
CA ASN D 317 6.54 -3.58 17.54
C ASN D 317 7.43 -2.37 17.84
N GLU D 318 7.56 -1.47 16.87
CA GLU D 318 8.40 -0.29 17.05
C GLU D 318 8.27 0.35 18.42
N TRP D 319 7.17 1.07 18.65
CA TRP D 319 6.93 1.78 19.89
C TRP D 319 6.77 0.94 21.16
N GLY D 320 5.79 0.04 21.18
CA GLY D 320 5.56 -0.80 22.34
C GLY D 320 6.87 -1.30 22.92
N TYR D 321 7.66 -1.96 22.08
CA TYR D 321 8.96 -2.47 22.46
C TYR D 321 9.80 -1.36 23.06
N SER D 322 10.18 -0.38 22.24
CA SER D 322 10.99 0.75 22.66
C SER D 322 10.96 0.99 24.17
N ASN D 323 9.76 1.03 24.74
CA ASN D 323 9.65 1.24 26.16
C ASN D 323 10.38 0.13 26.93
N ARG D 324 9.93 -1.11 26.79
CA ARG D 324 10.59 -2.22 27.49
C ARG D 324 12.08 -1.97 27.58
N VAL D 325 12.65 -1.50 26.48
CA VAL D 325 14.07 -1.19 26.42
C VAL D 325 14.42 -0.35 27.63
N ILE D 326 13.87 0.86 27.66
CA ILE D 326 14.11 1.76 28.78
C ILE D 326 13.86 1.00 30.07
N ASP D 327 12.61 0.57 30.27
CA ASP D 327 12.20 -0.17 31.47
C ASP D 327 13.25 -1.10 32.07
N LEU D 328 13.98 -1.82 31.22
CA LEU D 328 14.99 -2.74 31.70
C LEU D 328 16.08 -1.95 32.39
N ILE D 329 16.30 -0.72 31.92
CA ILE D 329 17.30 0.18 32.47
C ILE D 329 16.80 0.68 33.85
N ARG D 330 15.53 1.09 33.91
CA ARG D 330 14.90 1.57 35.14
C ARG D 330 15.02 0.45 36.17
N HIS D 331 15.30 -0.74 35.64
CA HIS D 331 15.45 -1.95 36.43
C HIS D 331 16.91 -2.34 36.56
N MET D 332 17.65 -2.27 35.47
CA MET D 332 19.06 -2.61 35.50
C MET D 332 19.82 -1.76 36.52
N ALA D 333 19.33 -0.56 36.78
CA ALA D 333 19.97 0.34 37.73
C ALA D 333 19.48 0.09 39.14
N LYS D 334 18.15 0.03 39.30
CA LYS D 334 17.52 -0.17 40.60
C LYS D 334 17.95 -1.47 41.30
N THR D 335 18.97 -2.14 40.76
CA THR D 335 19.47 -3.37 41.37
C THR D 335 21.00 -3.50 41.34
S SO4 E . -15.51 -12.02 -0.09
O1 SO4 E . -14.06 -11.90 0.15
O2 SO4 E . -16.18 -12.39 1.18
O3 SO4 E . -16.04 -10.74 -0.58
O4 SO4 E . -15.74 -13.07 -1.09
S SO4 F . -14.34 -18.59 3.94
O1 SO4 F . -13.01 -17.97 3.75
O2 SO4 F . -14.85 -18.27 5.28
O3 SO4 F . -15.28 -18.08 2.93
O4 SO4 F . -14.22 -20.05 3.80
S SO4 G . 16.42 6.33 -8.87
O1 SO4 G . 17.85 6.28 -8.50
O2 SO4 G . 15.65 6.96 -7.79
O3 SO4 G . 16.25 7.10 -10.11
O4 SO4 G . 15.92 4.95 -9.07
S SO4 H . 15.18 11.69 -13.37
O1 SO4 H . 16.36 12.37 -12.81
O2 SO4 H . 14.30 11.24 -12.28
O3 SO4 H . 14.44 12.61 -14.25
O4 SO4 H . 15.62 10.52 -14.14
S SO4 I . -13.18 18.22 -6.55
O1 SO4 I . -11.79 18.36 -6.09
O2 SO4 I . -14.02 17.73 -5.43
O3 SO4 I . -13.70 19.53 -6.99
O4 SO4 I . -13.24 17.26 -7.66
S SO4 J . -14.76 12.33 -3.41
O1 SO4 J . -13.69 13.33 -3.28
O2 SO4 J . -15.46 12.19 -2.13
O3 SO4 J . -15.72 12.75 -4.45
O4 SO4 J . -14.16 11.03 -3.78
S SO4 K . 12.15 -12.26 16.56
O1 SO4 K . 12.26 -11.32 17.67
O2 SO4 K . 11.10 -11.78 15.62
O3 SO4 K . 11.83 -13.60 17.10
O4 SO4 K . 13.44 -12.32 15.84
S SO4 L . 13.97 -7.13 11.99
O1 SO4 L . 15.42 -6.92 12.11
O2 SO4 L . 13.43 -7.65 13.26
O3 SO4 L . 13.30 -5.86 11.66
O4 SO4 L . 13.71 -8.11 10.91
#